data_1NWA
# 
_entry.id   1NWA 
# 
_audit_conform.dict_name       mmcif_pdbx.dic 
_audit_conform.dict_version    5.376 
_audit_conform.dict_location   http://mmcif.pdb.org/dictionaries/ascii/mmcif_pdbx.dic 
# 
loop_
_database_2.database_id 
_database_2.database_code 
_database_2.pdbx_database_accession 
_database_2.pdbx_DOI 
PDB   1NWA         pdb_00001nwa 10.2210/pdb1nwa/pdb 
RCSB  RCSB018277   ?            ?                   
WWPDB D_1000018277 ?            ?                   
# 
_pdbx_database_related.db_name        TargetDB 
_pdbx_database_related.db_id          Rv0137c 
_pdbx_database_related.details        . 
_pdbx_database_related.content_type   unspecified 
# 
_pdbx_database_status.status_code                     REL 
_pdbx_database_status.entry_id                        1NWA 
_pdbx_database_status.recvd_initial_deposition_date   2003-02-05 
_pdbx_database_status.deposit_site                    RCSB 
_pdbx_database_status.process_site                    RCSB 
_pdbx_database_status.SG_entry                        Y 
_pdbx_database_status.status_code_sf                  REL 
_pdbx_database_status.pdb_format_compatible           Y 
_pdbx_database_status.status_code_mr                  ? 
_pdbx_database_status.status_code_cs                  ? 
_pdbx_database_status.status_code_nmr_data            ? 
_pdbx_database_status.methods_development_category    ? 
# 
loop_
_audit_author.name 
_audit_author.pdbx_ordinal 
'Taylor, A.B.'                              1 
'Benglis Jr., D.M.'                         2 
'Dhandayuthapani, S.'                       3 
'Hart, P.J.'                                4 
'TB Structural Genomics Consortium (TBSGC)' 5 
# 
_citation.id                        primary 
_citation.title                     
'Structure of Mycobacterium tuberculosis Methionine Sulfoxide Reductase A in Complex with Protein-bound Methionine' 
_citation.journal_abbrev            J.Bacteriol. 
_citation.journal_volume            185 
_citation.page_first                4119 
_citation.page_last                 4126 
_citation.year                      2003 
_citation.journal_id_ASTM           JOBAAY 
_citation.country                   US 
_citation.journal_id_ISSN           0021-9193 
_citation.journal_id_CSD            0767 
_citation.book_publisher            ? 
_citation.pdbx_database_id_PubMed   12837786 
_citation.pdbx_database_id_DOI      10.1128/JB.185.14.4119-4126.2003 
# 
loop_
_citation_author.citation_id 
_citation_author.name 
_citation_author.ordinal 
_citation_author.identifier_ORCID 
primary 'Taylor, A.B.'        1 ? 
primary 'Benglis Jr., D.M.'   2 ? 
primary 'Dhandayuthapani, S.' 3 ? 
primary 'Hart, P.J.'          4 ? 
# 
_cell.entry_id           1NWA 
_cell.length_a           40.55 
_cell.length_b           64.11 
_cell.length_c           73.56 
_cell.angle_alpha        90.00 
_cell.angle_beta         90.00 
_cell.angle_gamma        90.00 
_cell.Z_PDB              4 
_cell.pdbx_unique_axis   ? 
# 
_symmetry.entry_id                         1NWA 
_symmetry.space_group_name_H-M             'P 21 21 21' 
_symmetry.pdbx_full_space_group_name_H-M   ? 
_symmetry.cell_setting                     ? 
_symmetry.Int_Tables_number                19 
# 
loop_
_entity.id 
_entity.type 
_entity.src_method 
_entity.pdbx_description 
_entity.formula_weight 
_entity.pdbx_number_of_molecules 
_entity.pdbx_ec 
_entity.pdbx_mutation 
_entity.pdbx_fragment 
_entity.details 
1 polymer man 'Peptide methionine sulfoxide reductase msrA' 23041.451 1   1.8.4.6 ? ? ? 
2 water   nat water                                         18.015    231 ?       ? ? ? 
# 
_entity_name_com.entity_id   1 
_entity_name_com.name        'Protein-methionine-S-oxide reductase' 
# 
_entity_poly.entity_id                      1 
_entity_poly.type                           'polypeptide(L)' 
_entity_poly.nstd_linkage                   no 
_entity_poly.nstd_monomer                   no 
_entity_poly.pdbx_seq_one_letter_code       
;MGHHHHHHHHHHSSGHIEGRHMTSNQKAILAGGCFWGLQDLIRNQPGVVSTRVGYSGGNIPNATYRNHGTHAEAVEIIFD
PTVTDYRTLLEFFFQIHDPTTKDRQGNDRGTSYRSAIFYFDEQQKRIALDTIADVEASGLWPGKVVTEVSPAGDFWEAEP
EHQDYLQRYPNGYTCHFVRPGWRLPRRTAESALRASLSPELGT
;
_entity_poly.pdbx_seq_one_letter_code_can   
;MGHHHHHHHHHHSSGHIEGRHMTSNQKAILAGGCFWGLQDLIRNQPGVVSTRVGYSGGNIPNATYRNHGTHAEAVEIIFD
PTVTDYRTLLEFFFQIHDPTTKDRQGNDRGTSYRSAIFYFDEQQKRIALDTIADVEASGLWPGKVVTEVSPAGDFWEAEP
EHQDYLQRYPNGYTCHFVRPGWRLPRRTAESALRASLSPELGT
;
_entity_poly.pdbx_strand_id                 A 
_entity_poly.pdbx_target_identifier         Rv0137c 
# 
loop_
_entity_poly_seq.entity_id 
_entity_poly_seq.num 
_entity_poly_seq.mon_id 
_entity_poly_seq.hetero 
1 1   MET n 
1 2   GLY n 
1 3   HIS n 
1 4   HIS n 
1 5   HIS n 
1 6   HIS n 
1 7   HIS n 
1 8   HIS n 
1 9   HIS n 
1 10  HIS n 
1 11  HIS n 
1 12  HIS n 
1 13  SER n 
1 14  SER n 
1 15  GLY n 
1 16  HIS n 
1 17  ILE n 
1 18  GLU n 
1 19  GLY n 
1 20  ARG n 
1 21  HIS n 
1 22  MET n 
1 23  THR n 
1 24  SER n 
1 25  ASN n 
1 26  GLN n 
1 27  LYS n 
1 28  ALA n 
1 29  ILE n 
1 30  LEU n 
1 31  ALA n 
1 32  GLY n 
1 33  GLY n 
1 34  CYS n 
1 35  PHE n 
1 36  TRP n 
1 37  GLY n 
1 38  LEU n 
1 39  GLN n 
1 40  ASP n 
1 41  LEU n 
1 42  ILE n 
1 43  ARG n 
1 44  ASN n 
1 45  GLN n 
1 46  PRO n 
1 47  GLY n 
1 48  VAL n 
1 49  VAL n 
1 50  SER n 
1 51  THR n 
1 52  ARG n 
1 53  VAL n 
1 54  GLY n 
1 55  TYR n 
1 56  SER n 
1 57  GLY n 
1 58  GLY n 
1 59  ASN n 
1 60  ILE n 
1 61  PRO n 
1 62  ASN n 
1 63  ALA n 
1 64  THR n 
1 65  TYR n 
1 66  ARG n 
1 67  ASN n 
1 68  HIS n 
1 69  GLY n 
1 70  THR n 
1 71  HIS n 
1 72  ALA n 
1 73  GLU n 
1 74  ALA n 
1 75  VAL n 
1 76  GLU n 
1 77  ILE n 
1 78  ILE n 
1 79  PHE n 
1 80  ASP n 
1 81  PRO n 
1 82  THR n 
1 83  VAL n 
1 84  THR n 
1 85  ASP n 
1 86  TYR n 
1 87  ARG n 
1 88  THR n 
1 89  LEU n 
1 90  LEU n 
1 91  GLU n 
1 92  PHE n 
1 93  PHE n 
1 94  PHE n 
1 95  GLN n 
1 96  ILE n 
1 97  HIS n 
1 98  ASP n 
1 99  PRO n 
1 100 THR n 
1 101 THR n 
1 102 LYS n 
1 103 ASP n 
1 104 ARG n 
1 105 GLN n 
1 106 GLY n 
1 107 ASN n 
1 108 ASP n 
1 109 ARG n 
1 110 GLY n 
1 111 THR n 
1 112 SER n 
1 113 TYR n 
1 114 ARG n 
1 115 SER n 
1 116 ALA n 
1 117 ILE n 
1 118 PHE n 
1 119 TYR n 
1 120 PHE n 
1 121 ASP n 
1 122 GLU n 
1 123 GLN n 
1 124 GLN n 
1 125 LYS n 
1 126 ARG n 
1 127 ILE n 
1 128 ALA n 
1 129 LEU n 
1 130 ASP n 
1 131 THR n 
1 132 ILE n 
1 133 ALA n 
1 134 ASP n 
1 135 VAL n 
1 136 GLU n 
1 137 ALA n 
1 138 SER n 
1 139 GLY n 
1 140 LEU n 
1 141 TRP n 
1 142 PRO n 
1 143 GLY n 
1 144 LYS n 
1 145 VAL n 
1 146 VAL n 
1 147 THR n 
1 148 GLU n 
1 149 VAL n 
1 150 SER n 
1 151 PRO n 
1 152 ALA n 
1 153 GLY n 
1 154 ASP n 
1 155 PHE n 
1 156 TRP n 
1 157 GLU n 
1 158 ALA n 
1 159 GLU n 
1 160 PRO n 
1 161 GLU n 
1 162 HIS n 
1 163 GLN n 
1 164 ASP n 
1 165 TYR n 
1 166 LEU n 
1 167 GLN n 
1 168 ARG n 
1 169 TYR n 
1 170 PRO n 
1 171 ASN n 
1 172 GLY n 
1 173 TYR n 
1 174 THR n 
1 175 CYS n 
1 176 HIS n 
1 177 PHE n 
1 178 VAL n 
1 179 ARG n 
1 180 PRO n 
1 181 GLY n 
1 182 TRP n 
1 183 ARG n 
1 184 LEU n 
1 185 PRO n 
1 186 ARG n 
1 187 ARG n 
1 188 THR n 
1 189 ALA n 
1 190 GLU n 
1 191 SER n 
1 192 ALA n 
1 193 LEU n 
1 194 ARG n 
1 195 ALA n 
1 196 SER n 
1 197 LEU n 
1 198 SER n 
1 199 PRO n 
1 200 GLU n 
1 201 LEU n 
1 202 GLY n 
1 203 THR n 
# 
_entity_src_gen.entity_id                          1 
_entity_src_gen.pdbx_src_id                        1 
_entity_src_gen.pdbx_alt_source_flag               sample 
_entity_src_gen.pdbx_seq_type                      ? 
_entity_src_gen.pdbx_beg_seq_num                   ? 
_entity_src_gen.pdbx_end_seq_num                   ? 
_entity_src_gen.gene_src_common_name               ? 
_entity_src_gen.gene_src_genus                     Mycobacterium 
_entity_src_gen.pdbx_gene_src_gene                 MSRA 
_entity_src_gen.gene_src_species                   ? 
_entity_src_gen.gene_src_strain                    ? 
_entity_src_gen.gene_src_tissue                    ? 
_entity_src_gen.gene_src_tissue_fraction           ? 
_entity_src_gen.gene_src_details                   ? 
_entity_src_gen.pdbx_gene_src_fragment             ? 
_entity_src_gen.pdbx_gene_src_scientific_name      'Mycobacterium tuberculosis' 
_entity_src_gen.pdbx_gene_src_ncbi_taxonomy_id     1773 
_entity_src_gen.pdbx_gene_src_variant              ? 
_entity_src_gen.pdbx_gene_src_cell_line            ? 
_entity_src_gen.pdbx_gene_src_atcc                 ? 
_entity_src_gen.pdbx_gene_src_organ                ? 
_entity_src_gen.pdbx_gene_src_organelle            ? 
_entity_src_gen.pdbx_gene_src_cell                 ? 
_entity_src_gen.pdbx_gene_src_cellular_location    ? 
_entity_src_gen.host_org_common_name               ? 
_entity_src_gen.pdbx_host_org_scientific_name      'Escherichia coli BL21(DE3)' 
_entity_src_gen.pdbx_host_org_ncbi_taxonomy_id     469008 
_entity_src_gen.host_org_genus                     Escherichia 
_entity_src_gen.pdbx_host_org_gene                 ? 
_entity_src_gen.pdbx_host_org_organ                ? 
_entity_src_gen.host_org_species                   'Escherichia coli' 
_entity_src_gen.pdbx_host_org_tissue               ? 
_entity_src_gen.pdbx_host_org_tissue_fraction      ? 
_entity_src_gen.pdbx_host_org_strain               'BL21 (DE3)' 
_entity_src_gen.pdbx_host_org_variant              ? 
_entity_src_gen.pdbx_host_org_cell_line            ? 
_entity_src_gen.pdbx_host_org_atcc                 ? 
_entity_src_gen.pdbx_host_org_culture_collection   ? 
_entity_src_gen.pdbx_host_org_cell                 ? 
_entity_src_gen.pdbx_host_org_organelle            ? 
_entity_src_gen.pdbx_host_org_cellular_location    ? 
_entity_src_gen.pdbx_host_org_vector_type          plasmid 
_entity_src_gen.pdbx_host_org_vector               ? 
_entity_src_gen.host_org_details                   ? 
_entity_src_gen.expression_system_id               ? 
_entity_src_gen.plasmid_name                       pET16b 
_entity_src_gen.plasmid_details                    ? 
_entity_src_gen.pdbx_description                   ? 
# 
_struct_ref.id                         1 
_struct_ref.db_name                    UNP 
_struct_ref.db_code                    MSRA_MYCTU 
_struct_ref.pdbx_db_accession          P0A5L0 
_struct_ref.entity_id                  1 
_struct_ref.pdbx_seq_one_letter_code   
;MTSNQKAILAGGCFWGLQDLIRNQPGVVSTRVGYSGGNIPNATYRNHGTHAEAVEIIFDPTVTDYRTLLEFFFQIHDPTT
KDRQGNDRGTSYRSAIFYFDEQQKRIALDTIADVEASGLWPGKVVTEVSPAGDFWEAEPEHQDYLQRYPNGYTCHFVRPG
WRLPRRTAESALRASLSPELGT
;
_struct_ref.pdbx_align_begin           1 
_struct_ref.pdbx_db_isoform            ? 
# 
_struct_ref_seq.align_id                      1 
_struct_ref_seq.ref_id                        1 
_struct_ref_seq.pdbx_PDB_id_code              1NWA 
_struct_ref_seq.pdbx_strand_id                A 
_struct_ref_seq.seq_align_beg                 22 
_struct_ref_seq.pdbx_seq_align_beg_ins_code   ? 
_struct_ref_seq.seq_align_end                 203 
_struct_ref_seq.pdbx_seq_align_end_ins_code   ? 
_struct_ref_seq.pdbx_db_accession             P0A5L0 
_struct_ref_seq.db_align_beg                  1 
_struct_ref_seq.pdbx_db_align_beg_ins_code    ? 
_struct_ref_seq.db_align_end                  182 
_struct_ref_seq.pdbx_db_align_end_ins_code    ? 
_struct_ref_seq.pdbx_auth_seq_align_beg       1 
_struct_ref_seq.pdbx_auth_seq_align_end       182 
# 
loop_
_struct_ref_seq_dif.align_id 
_struct_ref_seq_dif.pdbx_pdb_id_code 
_struct_ref_seq_dif.mon_id 
_struct_ref_seq_dif.pdbx_pdb_strand_id 
_struct_ref_seq_dif.seq_num 
_struct_ref_seq_dif.pdbx_pdb_ins_code 
_struct_ref_seq_dif.pdbx_seq_db_name 
_struct_ref_seq_dif.pdbx_seq_db_accession_code 
_struct_ref_seq_dif.db_mon_id 
_struct_ref_seq_dif.pdbx_seq_db_seq_num 
_struct_ref_seq_dif.details 
_struct_ref_seq_dif.pdbx_auth_seq_num 
_struct_ref_seq_dif.pdbx_ordinal 
1 1NWA MET A 1  ? UNP P0A5L0 ? ? 'expression tag' -20 1  
1 1NWA GLY A 2  ? UNP P0A5L0 ? ? 'expression tag' -19 2  
1 1NWA HIS A 3  ? UNP P0A5L0 ? ? 'expression tag' -18 3  
1 1NWA HIS A 4  ? UNP P0A5L0 ? ? 'expression tag' -17 4  
1 1NWA HIS A 5  ? UNP P0A5L0 ? ? 'expression tag' -16 5  
1 1NWA HIS A 6  ? UNP P0A5L0 ? ? 'expression tag' -15 6  
1 1NWA HIS A 7  ? UNP P0A5L0 ? ? 'expression tag' -14 7  
1 1NWA HIS A 8  ? UNP P0A5L0 ? ? 'expression tag' -13 8  
1 1NWA HIS A 9  ? UNP P0A5L0 ? ? 'expression tag' -12 9  
1 1NWA HIS A 10 ? UNP P0A5L0 ? ? 'expression tag' -11 10 
1 1NWA HIS A 11 ? UNP P0A5L0 ? ? 'expression tag' -10 11 
1 1NWA HIS A 12 ? UNP P0A5L0 ? ? 'expression tag' -9  12 
1 1NWA SER A 13 ? UNP P0A5L0 ? ? 'expression tag' -8  13 
1 1NWA SER A 14 ? UNP P0A5L0 ? ? 'expression tag' -7  14 
1 1NWA GLY A 15 ? UNP P0A5L0 ? ? 'expression tag' -6  15 
1 1NWA HIS A 16 ? UNP P0A5L0 ? ? 'expression tag' -5  16 
1 1NWA ILE A 17 ? UNP P0A5L0 ? ? 'expression tag' -4  17 
1 1NWA GLU A 18 ? UNP P0A5L0 ? ? 'expression tag' -3  18 
1 1NWA GLY A 19 ? UNP P0A5L0 ? ? 'expression tag' -2  19 
1 1NWA ARG A 20 ? UNP P0A5L0 ? ? 'expression tag' -1  20 
1 1NWA HIS A 21 ? UNP P0A5L0 ? ? 'expression tag' 0   21 
# 
loop_
_chem_comp.id 
_chem_comp.type 
_chem_comp.mon_nstd_flag 
_chem_comp.name 
_chem_comp.pdbx_synonyms 
_chem_comp.formula 
_chem_comp.formula_weight 
ALA 'L-peptide linking' y ALANINE         ? 'C3 H7 N O2'     89.093  
ARG 'L-peptide linking' y ARGININE        ? 'C6 H15 N4 O2 1' 175.209 
ASN 'L-peptide linking' y ASPARAGINE      ? 'C4 H8 N2 O3'    132.118 
ASP 'L-peptide linking' y 'ASPARTIC ACID' ? 'C4 H7 N O4'     133.103 
CYS 'L-peptide linking' y CYSTEINE        ? 'C3 H7 N O2 S'   121.158 
GLN 'L-peptide linking' y GLUTAMINE       ? 'C5 H10 N2 O3'   146.144 
GLU 'L-peptide linking' y 'GLUTAMIC ACID' ? 'C5 H9 N O4'     147.129 
GLY 'peptide linking'   y GLYCINE         ? 'C2 H5 N O2'     75.067  
HIS 'L-peptide linking' y HISTIDINE       ? 'C6 H10 N3 O2 1' 156.162 
HOH non-polymer         . WATER           ? 'H2 O'           18.015  
ILE 'L-peptide linking' y ISOLEUCINE      ? 'C6 H13 N O2'    131.173 
LEU 'L-peptide linking' y LEUCINE         ? 'C6 H13 N O2'    131.173 
LYS 'L-peptide linking' y LYSINE          ? 'C6 H15 N2 O2 1' 147.195 
MET 'L-peptide linking' y METHIONINE      ? 'C5 H11 N O2 S'  149.211 
PHE 'L-peptide linking' y PHENYLALANINE   ? 'C9 H11 N O2'    165.189 
PRO 'L-peptide linking' y PROLINE         ? 'C5 H9 N O2'     115.130 
SER 'L-peptide linking' y SERINE          ? 'C3 H7 N O3'     105.093 
THR 'L-peptide linking' y THREONINE       ? 'C4 H9 N O3'     119.119 
TRP 'L-peptide linking' y TRYPTOPHAN      ? 'C11 H12 N2 O2'  204.225 
TYR 'L-peptide linking' y TYROSINE        ? 'C9 H11 N O3'    181.189 
VAL 'L-peptide linking' y VALINE          ? 'C5 H11 N O2'    117.146 
# 
_exptl.entry_id          1NWA 
_exptl.method            'X-RAY DIFFRACTION' 
_exptl.crystals_number   1 
# 
_exptl_crystal.id                    1 
_exptl_crystal.density_meas          ? 
_exptl_crystal.density_Matthews      2.12 
_exptl_crystal.density_percent_sol   41.52 
_exptl_crystal.description           ? 
# 
_exptl_crystal_grow.crystal_id      1 
_exptl_crystal_grow.method          'VAPOR DIFFUSION, HANGING DROP' 
_exptl_crystal_grow.temp            277 
_exptl_crystal_grow.temp_details    ? 
_exptl_crystal_grow.pH              6 
_exptl_crystal_grow.pdbx_details    'sodium formate, sodium citrate, pH 6, VAPOR DIFFUSION, HANGING DROP, temperature 277K' 
_exptl_crystal_grow.pdbx_pH_range   . 
# 
_diffrn.id                     1 
_diffrn.ambient_temp           105 
_diffrn.ambient_temp_details   ? 
_diffrn.crystal_id             1 
# 
_diffrn_detector.diffrn_id              1 
_diffrn_detector.detector               'IMAGE PLATE' 
_diffrn_detector.type                   'RIGAKU RAXIS IV' 
_diffrn_detector.pdbx_collection_date   2002-10-07 
_diffrn_detector.details                mirrors 
# 
_diffrn_radiation.diffrn_id                        1 
_diffrn_radiation.wavelength_id                    1 
_diffrn_radiation.pdbx_monochromatic_or_laue_m_l   M 
_diffrn_radiation.monochromator                    'confocal multilayer optics' 
_diffrn_radiation.pdbx_diffrn_protocol             'SINGLE WAVELENGTH' 
_diffrn_radiation.pdbx_scattering_type             x-ray 
# 
_diffrn_radiation_wavelength.id           1 
_diffrn_radiation_wavelength.wavelength   1.5418 
_diffrn_radiation_wavelength.wt           1.0 
# 
_diffrn_source.diffrn_id                   1 
_diffrn_source.source                      'ROTATING ANODE' 
_diffrn_source.type                        'RIGAKU FR-D' 
_diffrn_source.pdbx_synchrotron_site       ? 
_diffrn_source.pdbx_synchrotron_beamline   ? 
_diffrn_source.pdbx_wavelength             ? 
_diffrn_source.pdbx_wavelength_list        1.5418 
# 
_reflns.entry_id                     1NWA 
_reflns.observed_criterion_sigma_F   ? 
_reflns.observed_criterion_sigma_I   ? 
_reflns.d_resolution_high            1.5 
_reflns.d_resolution_low             50 
_reflns.number_all                   30701 
_reflns.number_obs                   30701 
_reflns.percent_possible_obs         97.6 
_reflns.pdbx_Rmerge_I_obs            0.06 
_reflns.pdbx_Rsym_value              ? 
_reflns.pdbx_netI_over_sigmaI        27.8 
_reflns.B_iso_Wilson_estimate        17.3 
_reflns.pdbx_redundancy              5.8 
_reflns.R_free_details               ? 
_reflns.limit_h_max                  ? 
_reflns.limit_h_min                  ? 
_reflns.limit_k_max                  ? 
_reflns.limit_k_min                  ? 
_reflns.limit_l_max                  ? 
_reflns.limit_l_min                  ? 
_reflns.observed_criterion_F_max     ? 
_reflns.observed_criterion_F_min     ? 
_reflns.pdbx_diffrn_id               1 
_reflns.pdbx_ordinal                 1 
# 
_reflns_shell.d_res_high             1.5 
_reflns_shell.d_res_low              1.55 
_reflns_shell.percent_possible_all   94.8 
_reflns_shell.Rmerge_I_obs           0.576 
_reflns_shell.pdbx_Rsym_value        ? 
_reflns_shell.meanI_over_sigI_obs    3.1 
_reflns_shell.pdbx_redundancy        5.5 
_reflns_shell.percent_possible_obs   ? 
_reflns_shell.number_unique_all      2915 
_reflns_shell.pdbx_diffrn_id         ? 
_reflns_shell.pdbx_ordinal           1 
# 
_refine.entry_id                                 1NWA 
_refine.ls_number_reflns_obs                     30657 
_refine.ls_number_reflns_all                     30657 
_refine.pdbx_ls_sigma_I                          0 
_refine.pdbx_ls_sigma_F                          0 
_refine.pdbx_data_cutoff_high_absF               ? 
_refine.pdbx_data_cutoff_low_absF                ? 
_refine.pdbx_data_cutoff_high_rms_absF           ? 
_refine.ls_d_res_low                             48.2 
_refine.ls_d_res_high                            1.5 
_refine.ls_percent_reflns_obs                    97.6 
_refine.ls_R_factor_obs                          0.161 
_refine.ls_R_factor_all                          0.161 
_refine.ls_R_factor_R_work                       0.16 
_refine.ls_R_factor_R_free                       0.177 
_refine.ls_R_factor_R_free_error                 ? 
_refine.ls_R_factor_R_free_error_details         ? 
_refine.ls_percent_reflns_R_free                 5.0 
_refine.ls_number_reflns_R_free                  1543 
_refine.ls_number_parameters                     ? 
_refine.ls_number_restraints                     ? 
_refine.occupancy_min                            ? 
_refine.occupancy_max                            ? 
_refine.correlation_coeff_Fo_to_Fc               0.971 
_refine.correlation_coeff_Fo_to_Fc_free          0.966 
_refine.B_iso_mean                               13.4 
_refine.aniso_B[1][1]                            0.69 
_refine.aniso_B[2][2]                            0.33 
_refine.aniso_B[3][3]                            -1.02 
_refine.aniso_B[1][2]                            0.00 
_refine.aniso_B[1][3]                            0.00 
_refine.aniso_B[2][3]                            0.00 
_refine.solvent_model_details                    'BABINET MODEL WITH MASK' 
_refine.solvent_model_param_ksol                 ? 
_refine.solvent_model_param_bsol                 ? 
_refine.pdbx_solvent_vdw_probe_radii             1.40 
_refine.pdbx_solvent_ion_probe_radii             0.80 
_refine.pdbx_solvent_shrinkage_radii             0.80 
_refine.pdbx_ls_cross_valid_method               THROUGHOUT 
_refine.details                                  'HYDROGENS HAVE BEEN ADDED IN THE RIDING POSITIONS' 
_refine.pdbx_starting_model                      'PDB ENTRY 1FF3' 
_refine.pdbx_method_to_determine_struct          'MOLECULAR REPLACEMENT' 
_refine.pdbx_isotropic_thermal_model             Isotropic 
_refine.pdbx_stereochemistry_target_values       'MAXIMUM LIKELIHOOD' 
_refine.pdbx_stereochem_target_val_spec_case     ? 
_refine.pdbx_R_Free_selection_details            RANDOM 
_refine.pdbx_overall_ESU_R                       0.066 
_refine.pdbx_overall_ESU_R_Free                  0.064 
_refine.overall_SU_ML                            ? 
_refine.overall_SU_B                             ? 
_refine.ls_redundancy_reflns_obs                 ? 
_refine.B_iso_min                                ? 
_refine.B_iso_max                                ? 
_refine.overall_SU_R_Cruickshank_DPI             ? 
_refine.overall_SU_R_free                        ? 
_refine.pdbx_refine_id                           'X-RAY DIFFRACTION' 
_refine.pdbx_diffrn_id                           1 
_refine.pdbx_TLS_residual_ADP_flag               ? 
_refine.pdbx_overall_phase_error                 ? 
_refine.pdbx_overall_SU_R_free_Cruickshank_DPI   ? 
_refine.pdbx_overall_SU_R_Blow_DPI               ? 
_refine.pdbx_overall_SU_R_free_Blow_DPI          ? 
# 
_refine_analyze.entry_id                        1NWA 
_refine_analyze.Luzzati_coordinate_error_obs    0.066 
_refine_analyze.Luzzati_sigma_a_obs             ? 
_refine_analyze.Luzzati_d_res_low_obs           ? 
_refine_analyze.Luzzati_coordinate_error_free   0.064 
_refine_analyze.Luzzati_sigma_a_free            ? 
_refine_analyze.Luzzati_d_res_low_free          ? 
_refine_analyze.number_disordered_residues      ? 
_refine_analyze.occupancy_sum_non_hydrogen      ? 
_refine_analyze.occupancy_sum_hydrogen          ? 
_refine_analyze.pdbx_Luzzati_d_res_high_obs     ? 
_refine_analyze.pdbx_refine_id                  'X-RAY DIFFRACTION' 
# 
_refine_hist.pdbx_refine_id                   'X-RAY DIFFRACTION' 
_refine_hist.cycle_id                         LAST 
_refine_hist.pdbx_number_atoms_protein        1380 
_refine_hist.pdbx_number_atoms_nucleic_acid   0 
_refine_hist.pdbx_number_atoms_ligand         0 
_refine_hist.number_atoms_solvent             231 
_refine_hist.number_atoms_total               1611 
_refine_hist.d_res_high                       1.5 
_refine_hist.d_res_low                        48.2 
# 
loop_
_refine_ls_restr.type 
_refine_ls_restr.dev_ideal 
_refine_ls_restr.dev_ideal_target 
_refine_ls_restr.weight 
_refine_ls_restr.number 
_refine_ls_restr.pdbx_refine_id 
_refine_ls_restr.pdbx_restraint_function 
r_bond_refined_d         0.014 0.021 ? 1420 'X-RAY DIFFRACTION' ? 
r_bond_other_d           0.000 0.020 ? 1215 'X-RAY DIFFRACTION' ? 
r_angle_refined_deg      1.529 1.911 ? 1932 'X-RAY DIFFRACTION' ? 
r_angle_other_deg        3.781 3.000 ? 2822 'X-RAY DIFFRACTION' ? 
r_dihedral_angle_1_deg   6.179 5.000 ? 167  'X-RAY DIFFRACTION' ? 
r_chiral_restr           0.106 0.200 ? 197  'X-RAY DIFFRACTION' ? 
r_gen_planes_refined     0.007 0.020 ? 1616 'X-RAY DIFFRACTION' ? 
r_gen_planes_other       0.010 0.020 ? 322  'X-RAY DIFFRACTION' ? 
r_nbd_refined            0.215 0.200 ? 235  'X-RAY DIFFRACTION' ? 
r_nbd_other              0.296 0.200 ? 1280 'X-RAY DIFFRACTION' ? 
r_nbtor_other            0.107 0.200 ? 700  'X-RAY DIFFRACTION' ? 
r_xyhbond_nbd_refined    0.158 0.200 ? 148  'X-RAY DIFFRACTION' ? 
r_symmetry_vdw_refined   0.278 0.200 ? 8    'X-RAY DIFFRACTION' ? 
r_symmetry_vdw_other     0.339 0.200 ? 57   'X-RAY DIFFRACTION' ? 
r_symmetry_hbond_refined 0.172 0.200 ? 17   'X-RAY DIFFRACTION' ? 
r_mcbond_it              0.902 1.500 ? 837  'X-RAY DIFFRACTION' ? 
r_mcangle_it             1.639 2.000 ? 1358 'X-RAY DIFFRACTION' ? 
r_scbond_it              2.390 3.000 ? 583  'X-RAY DIFFRACTION' ? 
r_scangle_it             3.714 4.500 ? 574  'X-RAY DIFFRACTION' ? 
# 
_refine_ls_shell.pdbx_total_number_of_bins_used   20 
_refine_ls_shell.d_res_high                       1.500 
_refine_ls_shell.d_res_low                        1.539 
_refine_ls_shell.number_reflns_R_work             1998 
_refine_ls_shell.R_factor_R_work                  0.385 
_refine_ls_shell.percent_reflns_obs               ? 
_refine_ls_shell.R_factor_R_free                  0.426 
_refine_ls_shell.R_factor_R_free_error            ? 
_refine_ls_shell.percent_reflns_R_free            ? 
_refine_ls_shell.number_reflns_R_free             114 
_refine_ls_shell.number_reflns_obs                1998 
_refine_ls_shell.redundancy_reflns_obs            ? 
_refine_ls_shell.number_reflns_all                ? 
_refine_ls_shell.pdbx_refine_id                   'X-RAY DIFFRACTION' 
_refine_ls_shell.R_factor_all                     ? 
# 
_struct.entry_id                  1NWA 
_struct.title                     
'Structure of Mycobacterium tuberculosis Methionine Sulfoxide Reductase A in Complex with Protein-bound Methionine' 
_struct.pdbx_model_details        ? 
_struct.pdbx_CASP_flag            ? 
_struct.pdbx_model_type_details   ? 
# 
_struct_keywords.entry_id        1NWA 
_struct_keywords.pdbx_keywords   OXIDOREDUCTASE 
_struct_keywords.text            
;peptide methionine sulfoxide reductase, oxidoreductase, product complex, Structural Genomics, PSI, Protein Structure Initiative, TB Structural Genomics Consortium, TBSGC
;
# 
loop_
_struct_asym.id 
_struct_asym.pdbx_blank_PDB_chainid_flag 
_struct_asym.pdbx_modified 
_struct_asym.entity_id 
_struct_asym.details 
A N N 1 ? 
B N N 2 ? 
# 
_struct_biol.id                    1 
_struct_biol.pdbx_parent_biol_id   ? 
_struct_biol.details               ? 
# 
loop_
_struct_conf.conf_type_id 
_struct_conf.id 
_struct_conf.pdbx_PDB_helix_id 
_struct_conf.beg_label_comp_id 
_struct_conf.beg_label_asym_id 
_struct_conf.beg_label_seq_id 
_struct_conf.pdbx_beg_PDB_ins_code 
_struct_conf.end_label_comp_id 
_struct_conf.end_label_asym_id 
_struct_conf.end_label_seq_id 
_struct_conf.pdbx_end_PDB_ins_code 
_struct_conf.beg_auth_comp_id 
_struct_conf.beg_auth_asym_id 
_struct_conf.beg_auth_seq_id 
_struct_conf.end_auth_comp_id 
_struct_conf.end_auth_asym_id 
_struct_conf.end_auth_seq_id 
_struct_conf.pdbx_PDB_helix_class 
_struct_conf.details 
_struct_conf.pdbx_PDB_helix_length 
HELX_P HELX_P1 1 CYS A 34  ? ARG A 43  ? CYS A 13  ARG A 22  1 ? 10 
HELX_P HELX_P2 2 ASP A 85  ? HIS A 97  ? ASP A 64  HIS A 76  1 ? 13 
HELX_P HELX_P3 3 THR A 111 ? TYR A 113 ? THR A 90  TYR A 92  5 ? 3  
HELX_P HELX_P4 4 ASP A 121 ? GLY A 139 ? ASP A 100 GLY A 118 1 ? 19 
HELX_P HELX_P5 5 GLU A 159 ? GLN A 163 ? GLU A 138 GLN A 142 5 ? 5  
HELX_P HELX_P6 6 ASP A 164 ? TYR A 169 ? ASP A 143 TYR A 148 1 ? 6  
# 
_struct_conf_type.id          HELX_P 
_struct_conf_type.criteria    ? 
_struct_conf_type.reference   ? 
# 
loop_
_struct_sheet.id 
_struct_sheet.type 
_struct_sheet.number_strands 
_struct_sheet.details 
A ? 6 ? 
B ? 2 ? 
# 
loop_
_struct_sheet_order.sheet_id 
_struct_sheet_order.range_id_1 
_struct_sheet_order.range_id_2 
_struct_sheet_order.offset 
_struct_sheet_order.sense 
A 1 2 ? parallel      
A 2 3 ? anti-parallel 
A 3 4 ? anti-parallel 
A 4 5 ? anti-parallel 
A 5 6 ? anti-parallel 
B 1 2 ? anti-parallel 
# 
loop_
_struct_sheet_range.sheet_id 
_struct_sheet_range.id 
_struct_sheet_range.beg_label_comp_id 
_struct_sheet_range.beg_label_asym_id 
_struct_sheet_range.beg_label_seq_id 
_struct_sheet_range.pdbx_beg_PDB_ins_code 
_struct_sheet_range.end_label_comp_id 
_struct_sheet_range.end_label_asym_id 
_struct_sheet_range.end_label_seq_id 
_struct_sheet_range.pdbx_end_PDB_ins_code 
_struct_sheet_range.beg_auth_comp_id 
_struct_sheet_range.beg_auth_asym_id 
_struct_sheet_range.beg_auth_seq_id 
_struct_sheet_range.end_auth_comp_id 
_struct_sheet_range.end_auth_asym_id 
_struct_sheet_range.end_auth_seq_id 
A 1 GLU A 148 ? PRO A 151 ? GLU A 127 PRO A 130 
A 2 SER A 115 ? TYR A 119 ? SER A 94  TYR A 98  
A 3 GLN A 26  ? GLY A 32  ? GLN A 5   GLY A 11  
A 4 ALA A 72  ? PHE A 79  ? ALA A 51  PHE A 58  
A 5 VAL A 48  ? SER A 56  ? VAL A 27  SER A 35  
A 6 PHE A 155 ? GLU A 157 ? PHE A 134 GLU A 136 
B 1 ARG A 104 ? GLN A 105 ? ARG A 83  GLN A 84  
B 2 ASP A 108 ? ARG A 109 ? ASP A 87  ARG A 88  
# 
loop_
_pdbx_struct_sheet_hbond.sheet_id 
_pdbx_struct_sheet_hbond.range_id_1 
_pdbx_struct_sheet_hbond.range_id_2 
_pdbx_struct_sheet_hbond.range_1_label_atom_id 
_pdbx_struct_sheet_hbond.range_1_label_comp_id 
_pdbx_struct_sheet_hbond.range_1_label_asym_id 
_pdbx_struct_sheet_hbond.range_1_label_seq_id 
_pdbx_struct_sheet_hbond.range_1_PDB_ins_code 
_pdbx_struct_sheet_hbond.range_1_auth_atom_id 
_pdbx_struct_sheet_hbond.range_1_auth_comp_id 
_pdbx_struct_sheet_hbond.range_1_auth_asym_id 
_pdbx_struct_sheet_hbond.range_1_auth_seq_id 
_pdbx_struct_sheet_hbond.range_2_label_atom_id 
_pdbx_struct_sheet_hbond.range_2_label_comp_id 
_pdbx_struct_sheet_hbond.range_2_label_asym_id 
_pdbx_struct_sheet_hbond.range_2_label_seq_id 
_pdbx_struct_sheet_hbond.range_2_PDB_ins_code 
_pdbx_struct_sheet_hbond.range_2_auth_atom_id 
_pdbx_struct_sheet_hbond.range_2_auth_comp_id 
_pdbx_struct_sheet_hbond.range_2_auth_asym_id 
_pdbx_struct_sheet_hbond.range_2_auth_seq_id 
A 1 2 O GLU A 148 ? O GLU A 127 N ILE A 117 ? N ILE A 96  
A 2 3 O ALA A 116 ? O ALA A 95  N ALA A 31  ? N ALA A 10  
A 3 4 N LEU A 30  ? N LEU A 9   O VAL A 75  ? O VAL A 54  
A 4 5 O ILE A 78  ? O ILE A 57  N SER A 50  ? N SER A 29  
A 5 6 N TYR A 55  ? N TYR A 34  O TRP A 156 ? O TRP A 135 
B 1 2 N GLN A 105 ? N GLN A 84  O ASP A 108 ? O ASP A 87  
# 
_atom_sites.entry_id                    1NWA 
_atom_sites.fract_transf_matrix[1][1]   -0.00880685 
_atom_sites.fract_transf_matrix[1][2]   -0.00798600 
_atom_sites.fract_transf_matrix[1][3]   0.02160392 
_atom_sites.fract_transf_matrix[2][1]   0.00503408 
_atom_sites.fract_transf_matrix[2][2]   0.01306292 
_atom_sites.fract_transf_matrix[2][3]   0.00688092 
_atom_sites.fract_transf_matrix[3][1]   -0.01191639 
_atom_sites.fract_transf_matrix[3][2]   0.00598557 
_atom_sites.fract_transf_matrix[3][3]   -0.00264513 
_atom_sites.fract_transf_vector[1]      0.327190 
_atom_sites.fract_transf_vector[2]      0.075207 
_atom_sites.fract_transf_vector[3]      0.112299 
# 
loop_
_atom_type.symbol 
C 
N 
O 
S 
# 
loop_
_atom_site.group_PDB 
_atom_site.id 
_atom_site.type_symbol 
_atom_site.label_atom_id 
_atom_site.label_alt_id 
_atom_site.label_comp_id 
_atom_site.label_asym_id 
_atom_site.label_entity_id 
_atom_site.label_seq_id 
_atom_site.pdbx_PDB_ins_code 
_atom_site.Cartn_x 
_atom_site.Cartn_y 
_atom_site.Cartn_z 
_atom_site.occupancy 
_atom_site.B_iso_or_equiv 
_atom_site.pdbx_formal_charge 
_atom_site.auth_seq_id 
_atom_site.auth_comp_id 
_atom_site.auth_asym_id 
_atom_site.auth_atom_id 
_atom_site.pdbx_PDB_model_num 
ATOM   1    N N   . ARG A 1 20  ? 9.861   -20.941 -7.352  1.00 30.30 ? -1  ARG A N   1 
ATOM   2    C CA  . ARG A 1 20  ? 10.522  -21.819 -8.348  1.00 28.78 ? -1  ARG A CA  1 
ATOM   3    C C   . ARG A 1 20  ? 11.988  -21.407 -8.561  1.00 25.97 ? -1  ARG A C   1 
ATOM   4    O O   . ARG A 1 20  ? 12.835  -22.258 -8.821  1.00 25.69 ? -1  ARG A O   1 
ATOM   5    C CB  . ARG A 1 20  ? 9.702   -21.903 -9.654  1.00 29.68 ? -1  ARG A CB  1 
ATOM   6    C CG  . ARG A 1 20  ? 10.486  -22.077 -10.944 1.00 33.28 ? -1  ARG A CG  1 
ATOM   7    C CD  . ARG A 1 20  ? 9.985   -23.231 -11.825 1.00 38.99 ? -1  ARG A CD  1 
ATOM   8    N NE  . ARG A 1 20  ? 10.104  -22.924 -13.256 1.00 44.44 ? -1  ARG A NE  1 
ATOM   9    C CZ  . ARG A 1 20  ? 9.234   -22.177 -13.960 1.00 47.84 ? -1  ARG A CZ  1 
ATOM   10   N NH1 . ARG A 1 20  ? 8.157   -21.643 -13.372 1.00 48.58 ? -1  ARG A NH1 1 
ATOM   11   N NH2 . ARG A 1 20  ? 9.442   -21.963 -15.264 1.00 48.77 ? -1  ARG A NH2 1 
ATOM   12   N N   . HIS A 1 21  ? 12.309  -20.119 -8.441  1.00 22.59 ? 0   HIS A N   1 
ATOM   13   C CA  . HIS A 1 21  ? 13.725  -19.742 -8.399  1.00 19.82 ? 0   HIS A CA  1 
ATOM   14   C C   . HIS A 1 21  ? 13.973  -18.562 -7.448  1.00 17.25 ? 0   HIS A C   1 
ATOM   15   O O   . HIS A 1 21  ? 13.044  -17.931 -6.949  1.00 15.49 ? 0   HIS A O   1 
ATOM   16   C CB  . HIS A 1 21  ? 14.285  -19.533 -9.811  1.00 20.44 ? 0   HIS A CB  1 
ATOM   17   C CG  . HIS A 1 21  ? 13.610  -18.459 -10.593 1.00 21.86 ? 0   HIS A CG  1 
ATOM   18   N ND1 . HIS A 1 21  ? 14.160  -17.207 -10.774 1.00 25.06 ? 0   HIS A ND1 1 
ATOM   19   C CD2 . HIS A 1 21  ? 12.424  -18.448 -11.250 1.00 25.68 ? 0   HIS A CD2 1 
ATOM   20   C CE1 . HIS A 1 21  ? 13.348  -16.474 -11.521 1.00 24.35 ? 0   HIS A CE1 1 
ATOM   21   N NE2 . HIS A 1 21  ? 12.287  -17.200 -11.813 1.00 25.62 ? 0   HIS A NE2 1 
ATOM   22   N N   . MET A 1 22  ? 15.240  -18.301 -7.174  1.00 15.22 ? 1   MET A N   1 
ATOM   23   C CA  . MET A 1 22  ? 15.588  -17.349 -6.141  1.00 14.15 ? 1   MET A CA  1 
ATOM   24   C C   . MET A 1 22  ? 14.978  -15.986 -6.447  1.00 14.11 ? 1   MET A C   1 
ATOM   25   O O   . MET A 1 22  ? 14.561  -15.282 -5.536  1.00 13.74 ? 1   MET A O   1 
ATOM   26   C CB  . MET A 1 22  ? 17.118  -17.198 -6.070  1.00 14.51 ? 1   MET A CB  1 
ATOM   27   C CG  . MET A 1 22  ? 17.599  -16.294 -4.953  1.00 12.78 ? 1   MET A CG  1 
ATOM   28   S SD  . MET A 1 22  ? 19.402  -16.101 -5.112  1.00 13.15 ? 1   MET A SD  1 
ATOM   29   C CE  . MET A 1 22  ? 19.787  -15.336 -3.574  1.00 13.20 ? 1   MET A CE  1 
ATOM   30   N N   . THR A 1 23  ? 14.979  -15.593 -7.717  1.00 13.53 ? 2   THR A N   1 
ATOM   31   C CA  . THR A 1 23  ? 14.509  -14.254 -8.121  1.00 14.10 ? 2   THR A CA  1 
ATOM   32   C C   . THR A 1 23  ? 13.115  -14.249 -8.753  1.00 13.38 ? 2   THR A C   1 
ATOM   33   O O   . THR A 1 23  ? 12.768  -13.329 -9.492  1.00 14.02 ? 2   THR A O   1 
ATOM   34   C CB  . THR A 1 23  ? 15.493  -13.563 -9.059  1.00 14.53 ? 2   THR A CB  1 
ATOM   35   O OG1 . THR A 1 23  ? 15.680  -14.351 -10.253 1.00 15.29 ? 2   THR A OG1 1 
ATOM   36   C CG2 . THR A 1 23  ? 16.879  -13.402 -8.409  1.00 15.42 ? 2   THR A CG2 1 
ATOM   37   N N   . SER A 1 24  ? 12.319  -15.260 -8.446  1.00 13.57 ? 3   SER A N   1 
ATOM   38   C CA  . SER A 1 24  ? 10.917  -15.277 -8.823  1.00 14.48 ? 3   SER A CA  1 
ATOM   39   C C   . SER A 1 24  ? 10.264  -13.963 -8.397  1.00 13.02 ? 3   SER A C   1 
ATOM   40   O O   . SER A 1 24  ? 10.578  -13.419 -7.340  1.00 13.03 ? 3   SER A O   1 
ATOM   41   C CB  . SER A 1 24  ? 10.228  -16.437 -8.154  1.00 16.10 ? 3   SER A CB  1 
ATOM   42   O OG  . SER A 1 24  ? 10.579  -17.634 -8.866  1.00 19.93 ? 3   SER A OG  1 
ATOM   43   N N   . ASN A 1 25  ? 9.347   -13.474 -9.208  1.00 11.72 ? 4   ASN A N   1 
ATOM   44   C CA  . ASN A 1 25  ? 8.625   -12.267 -8.822  1.00 12.22 ? 4   ASN A CA  1 
ATOM   45   C C   . ASN A 1 25  ? 8.018   -12.444 -7.433  1.00 11.49 ? 4   ASN A C   1 
ATOM   46   O O   . ASN A 1 25  ? 7.575   -13.535 -7.008  1.00 13.21 ? 4   ASN A O   1 
ATOM   47   C CB  . ASN A 1 25  ? 7.603   -11.839 -9.869  1.00 12.44 ? 4   ASN A CB  1 
ATOM   48   C CG  . ASN A 1 25  ? 8.266   -11.345 -11.170 1.00 12.75 ? 4   ASN A CG  1 
ATOM   49   O OD1 . ASN A 1 25  ? 9.430   -10.955 -11.181 1.00 19.15 ? 4   ASN A OD1 1 
ATOM   50   N ND2 . ASN A 1 25  ? 7.504   -11.328 -12.237 1.00 21.42 ? 4   ASN A ND2 1 
ATOM   51   N N   . GLN A 1 26  ? 8.034   -11.355 -6.681  1.00 10.36 ? 5   GLN A N   1 
ATOM   52   C CA  . GLN A 1 26  ? 7.466   -11.311 -5.344  1.00 9.86  ? 5   GLN A CA  1 
ATOM   53   C C   . GLN A 1 26  ? 6.201   -10.456 -5.324  1.00 11.04 ? 5   GLN A C   1 
ATOM   54   O O   . GLN A 1 26  ? 5.907   -9.720  -6.290  1.00 11.35 ? 5   GLN A O   1 
ATOM   55   C CB  . GLN A 1 26  ? 8.508   -10.768 -4.389  1.00 10.19 ? 5   GLN A CB  1 
ATOM   56   C CG  . GLN A 1 26  ? 9.697   -11.683 -4.230  1.00 9.75  ? 5   GLN A CG  1 
ATOM   57   C CD  . GLN A 1 26  ? 10.853  -11.129 -3.449  1.00 11.41 ? 5   GLN A CD  1 
ATOM   58   O OE1 . GLN A 1 26  ? 10.757  -10.048 -2.848  1.00 12.28 ? 5   GLN A OE1 1 
ATOM   59   N NE2 . GLN A 1 26  ? 11.985  -11.830 -3.487  1.00 12.18 ? 5   GLN A NE2 1 
ATOM   60   N N   . LYS A 1 27  ? 5.443   -10.561 -4.234  1.00 12.34 ? 6   LYS A N   1 
ATOM   61   C CA  . LYS A 1 27  ? 4.113   -9.948  -4.131  1.00 12.77 ? 6   LYS A CA  1 
ATOM   62   C C   . LYS A 1 27  ? 4.001   -9.195  -2.816  1.00 12.06 ? 6   LYS A C   1 
ATOM   63   O O   . LYS A 1 27  ? 4.533   -9.641  -1.785  1.00 13.03 ? 6   LYS A O   1 
ATOM   64   C CB  . LYS A 1 27  ? 3.003   -11.022 -4.198  1.00 14.77 ? 6   LYS A CB  1 
ATOM   65   C CG  . LYS A 1 27  ? 1.584   -10.535 -4.313  1.00 19.60 ? 6   LYS A CG  1 
ATOM   66   C CD  . LYS A 1 27  ? 0.627   -11.683 -4.727  1.00 23.49 ? 6   LYS A CD  1 
ATOM   67   C CE  . LYS A 1 27  ? 0.902   -13.005 -4.008  1.00 26.82 ? 6   LYS A CE  1 
ATOM   68   N NZ  . LYS A 1 27  ? -0.327  -13.904 -4.036  1.00 30.40 ? 6   LYS A NZ  1 
ATOM   69   N N   . ALA A 1 28  ? 3.278   -8.078  -2.856  1.00 11.34 ? 7   ALA A N   1 
ATOM   70   C CA  . ALA A 1 28  ? 2.953   -7.289  -1.677  1.00 11.31 ? 7   ALA A CA  1 
ATOM   71   C C   . ALA A 1 28  ? 1.516   -6.859  -1.758  1.00 11.28 ? 7   ALA A C   1 
ATOM   72   O O   . ALA A 1 28  ? 0.988   -6.681  -2.870  1.00 11.13 ? 7   ALA A O   1 
ATOM   73   C CB  . ALA A 1 28  ? 3.843   -6.079  -1.617  1.00 11.86 ? 7   ALA A CB  1 
ATOM   74   N N   . ILE A 1 29  ? 0.870   -6.692  -0.620  1.00 10.20 ? 8   ILE A N   1 
ATOM   75   C CA  . ILE A 1 29  ? -0.429  -6.025  -0.527  1.00 10.11 ? 8   ILE A CA  1 
ATOM   76   C C   . ILE A 1 29  ? -0.300  -4.867  0.454   1.00 10.07 ? 8   ILE A C   1 
ATOM   77   O O   . ILE A 1 29  ? 0.077   -5.063  1.629   1.00 10.21 ? 8   ILE A O   1 
ATOM   78   C CB  . ILE A 1 29  ? -1.588  -6.952  -0.121  1.00 10.51 ? 8   ILE A CB  1 
ATOM   79   C CG1 . ILE A 1 29  ? -1.780  -8.101  -1.140  1.00 10.49 ? 8   ILE A CG1 1 
ATOM   80   C CG2 . ILE A 1 29  ? -2.885  -6.149  0.051   1.00 11.95 ? 8   ILE A CG2 1 
ATOM   81   C CD1 . ILE A 1 29  ? -2.687  -9.140  -0.646  1.00 13.63 ? 8   ILE A CD1 1 
ATOM   82   N N   . LEU A 1 30  ? -0.556  -3.667  -0.043  1.00 9.27  ? 9   LEU A N   1 
ATOM   83   C CA  . LEU A 1 30  ? -0.428  -2.419  0.714   1.00 9.83  ? 9   LEU A CA  1 
ATOM   84   C C   . LEU A 1 30  ? -1.738  -1.666  0.673   1.00 9.03  ? 9   LEU A C   1 
ATOM   85   O O   . LEU A 1 30  ? -2.416  -1.612  -0.372  1.00 10.76 ? 9   LEU A O   1 
ATOM   86   C CB  . LEU A 1 30  ? 0.678   -1.542  0.136   1.00 10.31 ? 9   LEU A CB  1 
ATOM   87   C CG  . LEU A 1 30  ? 2.057   -2.190  0.018   1.00 10.13 ? 9   LEU A CG  1 
ATOM   88   C CD1 . LEU A 1 30  ? 3.036   -1.215  -0.623  1.00 10.53 ? 9   LEU A CD1 1 
ATOM   89   C CD2 . LEU A 1 30  ? 2.570   -2.699  1.360   1.00 11.89 ? 9   LEU A CD2 1 
ATOM   90   N N   . ALA A 1 31  ? -2.076  -1.031  1.784   1.00 9.22  ? 10  ALA A N   1 
ATOM   91   C CA  . ALA A 1 31  ? -3.287  -0.234  1.935   1.00 9.73  ? 10  ALA A CA  1 
ATOM   92   C C   . ALA A 1 31  ? -2.881  1.132   2.497   1.00 8.79  ? 10  ALA A C   1 
ATOM   93   O O   . ALA A 1 31  ? -2.171  1.214   3.488   1.00 10.32 ? 10  ALA A O   1 
ATOM   94   C CB  . ALA A 1 31  ? -4.294  -0.927  2.828   1.00 10.19 ? 10  ALA A CB  1 
ATOM   95   N N   . GLY A 1 32  ? -3.330  2.198   1.859   1.00 9.66  ? 11  GLY A N   1 
ATOM   96   C CA  . GLY A 1 32  ? -2.982  3.550   2.288   1.00 9.47  ? 11  GLY A CA  1 
ATOM   97   C C   . GLY A 1 32  ? -3.937  4.628   1.872   1.00 9.26  ? 11  GLY A C   1 
ATOM   98   O O   . GLY A 1 32  ? -3.535  5.751   1.614   1.00 9.36  ? 11  GLY A O   1 
ATOM   99   N N   . GLY A 1 33  ? -5.221  4.305   1.814   1.00 9.06  ? 12  GLY A N   1 
ATOM   100  C CA  . GLY A 1 33  ? -6.258  5.239   1.445   1.00 9.49  ? 12  GLY A CA  1 
ATOM   101  C C   . GLY A 1 33  ? -6.944  4.878   0.138   1.00 10.30 ? 12  GLY A C   1 
ATOM   102  O O   . GLY A 1 33  ? -6.910  3.737   -0.310  1.00 10.37 ? 12  GLY A O   1 
ATOM   103  N N   . CYS A 1 34  ? -7.580  5.878   -0.462  1.00 10.49 ? 13  CYS A N   1 
ATOM   104  C CA  . CYS A 1 34  ? -8.240  5.710   -1.756  1.00 10.61 ? 13  CYS A CA  1 
ATOM   105  C C   . CYS A 1 34  ? -7.331  4.912   -2.711  1.00 10.80 ? 13  CYS A C   1 
ATOM   106  O O   . CYS A 1 34  ? -6.218  5.347   -3.030  1.00 10.71 ? 13  CYS A O   1 
ATOM   107  C CB  . CYS A 1 34  ? -8.540  7.084   -2.341  1.00 10.43 ? 13  CYS A CB  1 
ATOM   108  S SG  . CYS A 1 34  ? -9.060  7.058   -4.060  1.00 13.30 ? 13  CYS A SG  1 
ATOM   109  N N   . PHE A 1 35  ? -7.787  3.761   -3.191  1.00 9.97  ? 14  PHE A N   1 
ATOM   110  C CA  . PHE A 1 35  ? -6.885  2.897   -3.950  1.00 10.71 ? 14  PHE A CA  1 
ATOM   111  C C   . PHE A 1 35  ? -6.543  3.416   -5.332  1.00 10.53 ? 14  PHE A C   1 
ATOM   112  O O   . PHE A 1 35  ? -5.568  2.971   -5.940  1.00 11.09 ? 14  PHE A O   1 
ATOM   113  C CB  . PHE A 1 35  ? -7.275  1.393   -3.923  1.00 10.27 ? 14  PHE A CB  1 
ATOM   114  C CG  . PHE A 1 35  ? -8.745  1.036   -4.297  1.00 10.50 ? 14  PHE A CG  1 
ATOM   115  C CD1 . PHE A 1 35  ? -9.597  1.843   -5.033  1.00 10.33 ? 14  PHE A CD1 1 
ATOM   116  C CD2 . PHE A 1 35  ? -9.199  -0.218  -3.910  1.00 10.65 ? 14  PHE A CD2 1 
ATOM   117  C CE1 . PHE A 1 35  ? -10.875 1.417   -5.357  1.00 10.40 ? 14  PHE A CE1 1 
ATOM   118  C CE2 . PHE A 1 35  ? -10.468 -0.605  -4.199  1.00 12.00 ? 14  PHE A CE2 1 
ATOM   119  C CZ  . PHE A 1 35  ? -11.292 0.213   -4.964  1.00 11.65 ? 14  PHE A CZ  1 
ATOM   120  N N   . TRP A 1 36  ? -7.333  4.361   -5.825  1.00 11.53 ? 15  TRP A N   1 
ATOM   121  C CA  . TRP A 1 36  ? -7.012  4.970   -7.135  1.00 12.27 ? 15  TRP A CA  1 
ATOM   122  C C   . TRP A 1 36  ? -5.629  5.632   -7.109  1.00 11.55 ? 15  TRP A C   1 
ATOM   123  O O   . TRP A 1 36  ? -4.818  5.437   -8.002  1.00 11.37 ? 15  TRP A O   1 
ATOM   124  C CB  . TRP A 1 36  ? -8.032  6.015   -7.531  1.00 11.59 ? 15  TRP A CB  1 
ATOM   125  C CG  . TRP A 1 36  ? -9.468  5.552   -7.614  1.00 11.21 ? 15  TRP A CG  1 
ATOM   126  C CD1 . TRP A 1 36  ? -9.934  4.291   -7.853  1.00 13.74 ? 15  TRP A CD1 1 
ATOM   127  C CD2 . TRP A 1 36  ? -10.615 6.386   -7.482  1.00 11.52 ? 15  TRP A CD2 1 
ATOM   128  N NE1 . TRP A 1 36  ? -11.305 4.299   -7.862  1.00 12.22 ? 15  TRP A NE1 1 
ATOM   129  C CE2 . TRP A 1 36  ? -11.753 5.566   -7.640  1.00 11.85 ? 15  TRP A CE2 1 
ATOM   130  C CE3 . TRP A 1 36  ? -10.814 7.742   -7.231  1.00 12.05 ? 15  TRP A CE3 1 
ATOM   131  C CZ2 . TRP A 1 36  ? -13.047 6.066   -7.572  1.00 12.40 ? 15  TRP A CZ2 1 
ATOM   132  C CZ3 . TRP A 1 36  ? -12.099 8.225   -7.156  1.00 12.54 ? 15  TRP A CZ3 1 
ATOM   133  C CH2 . TRP A 1 36  ? -13.200 7.389   -7.311  1.00 12.91 ? 15  TRP A CH2 1 
ATOM   134  N N   . GLY A 1 37  ? -5.386  6.432   -6.076  1.00 12.37 ? 16  GLY A N   1 
ATOM   135  C CA  . GLY A 1 37  ? -4.130  7.168   -5.991  1.00 13.26 ? 16  GLY A CA  1 
ATOM   136  C C   . GLY A 1 37  ? -2.978  6.246   -5.663  1.00 12.91 ? 16  GLY A C   1 
ATOM   137  O O   . GLY A 1 37  ? -1.869  6.375   -6.190  1.00 13.62 ? 16  GLY A O   1 
ATOM   138  N N   . LEU A 1 38  ? -3.191  5.295   -4.774  1.00 12.59 ? 17  LEU A N   1 
ATOM   139  C CA  . LEU A 1 38  ? -2.105  4.401   -4.419  1.00 12.94 ? 17  LEU A CA  1 
ATOM   140  C C   . LEU A 1 38  ? -1.640  3.598   -5.654  1.00 12.67 ? 17  LEU A C   1 
ATOM   141  O O   . LEU A 1 38  ? -0.455  3.422   -5.922  1.00 12.96 ? 17  LEU A O   1 
ATOM   142  C CB  . LEU A 1 38  ? -2.485  3.493   -3.228  1.00 14.45 ? 17  LEU A CB  1 
ATOM   143  C CG  . LEU A 1 38  ? -1.319  3.161   -2.311  1.00 13.21 ? 17  LEU A CG  1 
ATOM   144  C CD1 . LEU A 1 38  ? -0.891  4.307   -1.396  1.00 14.45 ? 17  LEU A CD1 1 
ATOM   145  C CD2 . LEU A 1 38  ? -1.565  1.891   -1.517  1.00 14.53 ? 17  LEU A CD2 1 
ATOM   146  N N   . GLN A 1 39  ? -2.590  3.076   -6.441  1.00 11.42 ? 18  GLN A N   1 
ATOM   147  C CA  . GLN A 1 39  ? -2.211  2.335   -7.619  1.00 10.91 ? 18  GLN A CA  1 
ATOM   148  C C   . GLN A 1 39  ? -1.480  3.222   -8.616  1.00 11.42 ? 18  GLN A C   1 
ATOM   149  O O   . GLN A 1 39  ? -0.487  2.799   -9.193  1.00 12.67 ? 18  GLN A O   1 
ATOM   150  C CB  . GLN A 1 39  ? -3.407  1.692   -8.325  1.00 11.30 ? 18  GLN A CB  1 
ATOM   151  C CG  . GLN A 1 39  ? -2.987  0.998   -9.622  1.00 11.19 ? 18  GLN A CG  1 
ATOM   152  C CD  . GLN A 1 39  ? -4.070  0.186   -10.301 1.00 12.98 ? 18  GLN A CD  1 
ATOM   153  O OE1 . GLN A 1 39  ? -5.220  0.642   -10.426 1.00 13.12 ? 18  GLN A OE1 1 
ATOM   154  N NE2 . GLN A 1 39  ? -3.695  -0.977  -10.809 1.00 13.08 ? 18  GLN A NE2 1 
ATOM   155  N N   . ASP A 1 40  ? -1.997  4.408   -8.839  1.00 12.04 ? 19  ASP A N   1 
ATOM   156  C CA  . ASP A 1 40  ? -1.445  5.275   -9.896  1.00 12.08 ? 19  ASP A CA  1 
ATOM   157  C C   . ASP A 1 40  ? 0.010   5.655   -9.646  1.00 12.33 ? 19  ASP A C   1 
ATOM   158  O O   . ASP A 1 40  ? 0.787   5.792   -10.609 1.00 12.82 ? 19  ASP A O   1 
ATOM   159  C CB  . ASP A 1 40  ? -2.273  6.519   -10.088 1.00 13.12 ? 19  ASP A CB  1 
ATOM   160  C CG  . ASP A 1 40  ? -2.077  7.111   -11.462 1.00 13.62 ? 19  ASP A CG  1 
ATOM   161  O OD1 . ASP A 1 40  ? -1.665  8.296   -11.530 1.00 16.62 ? 19  ASP A OD1 1 
ATOM   162  O OD2 . ASP A 1 40  ? -2.303  6.395   -12.464 1.00 15.15 ? 19  ASP A OD2 1 
ATOM   163  N N   . LEU A 1 41  ? 0.389   5.817   -8.377  1.00 11.70 ? 20  LEU A N   1 
ATOM   164  C CA  . LEU A 1 41  ? 1.786   6.126   -8.056  1.00 12.26 ? 20  LEU A CA  1 
ATOM   165  C C   . LEU A 1 41  ? 2.680   4.894   -8.035  1.00 13.29 ? 20  LEU A C   1 
ATOM   166  O O   . LEU A 1 41  ? 3.805   4.912   -8.569  1.00 13.60 ? 20  LEU A O   1 
ATOM   167  C CB  . LEU A 1 41  ? 1.891   6.895   -6.748  1.00 12.79 ? 20  LEU A CB  1 
ATOM   168  C CG  . LEU A 1 41  ? 1.162   8.245   -6.771  1.00 13.53 ? 20  LEU A CG  1 
ATOM   169  C CD1 . LEU A 1 41  ? 1.284   8.992   -5.466  1.00 13.38 ? 20  LEU A CD1 1 
ATOM   170  C CD2 . LEU A 1 41  ? 1.597   9.135   -7.919  1.00 17.01 ? 20  LEU A CD2 1 
ATOM   171  N N   . ILE A 1 42  ? 2.198   3.807   -7.473  1.00 12.54 ? 21  ILE A N   1 
ATOM   172  C CA  . ILE A 1 42  ? 3.025   2.617   -7.362  1.00 13.64 ? 21  ILE A CA  1 
ATOM   173  C C   . ILE A 1 42  ? 3.292   1.960   -8.702  1.00 14.64 ? 21  ILE A C   1 
ATOM   174  O O   . ILE A 1 42  ? 4.366   1.393   -8.933  1.00 13.83 ? 21  ILE A O   1 
ATOM   175  C CB  . ILE A 1 42  ? 2.398   1.628   -6.379  1.00 13.41 ? 21  ILE A CB  1 
ATOM   176  C CG1 . ILE A 1 42  ? 2.425   2.236   -4.981  1.00 14.65 ? 21  ILE A CG1 1 
ATOM   177  C CG2 . ILE A 1 42  ? 3.162   0.262   -6.404  1.00 14.84 ? 21  ILE A CG2 1 
ATOM   178  C CD1 . ILE A 1 42  ? 1.740   1.376   -3.901  1.00 16.46 ? 21  ILE A CD1 1 
ATOM   179  N N   . ARG A 1 43  ? 2.323   2.026   -9.602  1.00 14.37 ? 22  ARG A N   1 
ATOM   180  C CA  . ARG A 1 43  ? 2.413   1.292   -10.854 1.00 15.10 ? 22  ARG A CA  1 
ATOM   181  C C   . ARG A 1 43  ? 3.621   1.710   -11.681 1.00 14.97 ? 22  ARG A C   1 
ATOM   182  O O   . ARG A 1 43  ? 4.067   0.904   -12.504 1.00 16.55 ? 22  ARG A O   1 
ATOM   183  C CB  . ARG A 1 43  ? 1.148   1.476   -11.715 1.00 15.10 ? 22  ARG A CB  1 
ATOM   184  C CG  . ARG A 1 43  ? 0.958   2.851   -12.262 1.00 15.61 ? 22  ARG A CG  1 
ATOM   185  C CD  . ARG A 1 43  ? -0.377  3.096   -12.906 1.00 18.50 ? 22  ARG A CD  1 
ATOM   186  N NE  . ARG A 1 43  ? -0.563  2.135   -14.004 1.00 19.25 ? 22  ARG A NE  1 
ATOM   187  C CZ  . ARG A 1 43  ? -1.638  1.396   -14.228 1.00 20.09 ? 22  ARG A CZ  1 
ATOM   188  N NH1 . ARG A 1 43  ? -2.735  1.526   -13.488 1.00 18.54 ? 22  ARG A NH1 1 
ATOM   189  N NH2 . ARG A 1 43  ? -1.636  0.540   -15.248 1.00 22.10 ? 22  ARG A NH2 1 
ATOM   190  N N   . ASN A 1 44  ? 4.121   2.929   -11.478 1.00 15.91 ? 23  ASN A N   1 
ATOM   191  C CA  . ASN A 1 44  ? 5.223   3.449   -12.279 1.00 17.78 ? 23  ASN A CA  1 
ATOM   192  C C   . ASN A 1 44  ? 6.574   3.314   -11.595 1.00 17.01 ? 23  ASN A C   1 
ATOM   193  O O   . ASN A 1 44  ? 7.592   3.748   -12.150 1.00 17.78 ? 23  ASN A O   1 
ATOM   194  C CB  A ASN A 1 44  ? 4.924   4.903   -12.662 0.50 18.18 ? 23  ASN A CB  1 
ATOM   195  C CB  B ASN A 1 44  ? 4.982   4.910   -12.663 0.50 18.87 ? 23  ASN A CB  1 
ATOM   196  C CG  A ASN A 1 44  ? 3.803   4.999   -13.687 0.50 18.80 ? 23  ASN A CG  1 
ATOM   197  C CG  B ASN A 1 44  ? 4.693   5.778   -11.478 0.50 21.26 ? 23  ASN A CG  1 
ATOM   198  O OD1 A ASN A 1 44  ? 3.864   4.353   -14.730 0.50 20.07 ? 23  ASN A OD1 1 
ATOM   199  O OD1 B ASN A 1 44  ? 5.596   6.379   -10.888 0.50 29.90 ? 23  ASN A OD1 1 
ATOM   200  N ND2 A ASN A 1 44  ? 2.752   5.734   -13.364 0.50 21.01 ? 23  ASN A ND2 1 
ATOM   201  N ND2 B ASN A 1 44  ? 3.417   5.865   -11.115 0.50 26.72 ? 23  ASN A ND2 1 
ATOM   202  N N   . GLN A 1 45  ? 6.611   2.669   -10.435 1.00 14.86 ? 24  GLN A N   1 
ATOM   203  C CA  . GLN A 1 45  ? 7.868   2.483   -9.721  1.00 13.88 ? 24  GLN A CA  1 
ATOM   204  C C   . GLN A 1 45  ? 8.751   1.463   -10.464 1.00 12.89 ? 24  GLN A C   1 
ATOM   205  O O   . GLN A 1 45  ? 8.265   0.484   -11.053 1.00 12.77 ? 24  GLN A O   1 
ATOM   206  C CB  . GLN A 1 45  ? 7.593   1.961   -8.318  1.00 15.29 ? 24  GLN A CB  1 
ATOM   207  C CG  . GLN A 1 45  ? 7.310   2.987   -7.259  1.00 16.97 ? 24  GLN A CG  1 
ATOM   208  C CD  . GLN A 1 45  ? 8.602   3.654   -6.829  1.00 19.91 ? 24  GLN A CD  1 
ATOM   209  O OE1 . GLN A 1 45  ? 8.823   4.805   -7.200  1.00 18.06 ? 24  GLN A OE1 1 
ATOM   210  N NE2 . GLN A 1 45  ? 9.502   2.894   -6.168  1.00 17.96 ? 24  GLN A NE2 1 
ATOM   211  N N   . PRO A 1 46  ? 10.060  1.674   -10.439 1.00 11.60 ? 25  PRO A N   1 
ATOM   212  C CA  . PRO A 1 46  ? 10.972  0.692   -11.028 1.00 11.84 ? 25  PRO A CA  1 
ATOM   213  C C   . PRO A 1 46  ? 10.745  -0.694  -10.423 1.00 11.13 ? 25  PRO A C   1 
ATOM   214  O O   . PRO A 1 46  ? 10.576  -0.858  -9.207  1.00 12.35 ? 25  PRO A O   1 
ATOM   215  C CB  . PRO A 1 46  ? 12.355  1.244   -10.693 1.00 12.57 ? 25  PRO A CB  1 
ATOM   216  C CG  . PRO A 1 46  ? 12.141  2.676   -10.528 1.00 11.73 ? 25  PRO A CG  1 
ATOM   217  C CD  . PRO A 1 46  ? 10.770  2.833   -9.861  1.00 11.02 ? 25  PRO A CD  1 
ATOM   218  N N   . GLY A 1 47  ? 10.730  -1.698  -11.288 1.00 11.64 ? 26  GLY A N   1 
ATOM   219  C CA  . GLY A 1 47  ? 10.641  -3.074  -10.858 1.00 10.89 ? 26  GLY A CA  1 
ATOM   220  C C   . GLY A 1 47  ? 9.252   -3.559  -10.612 1.00 12.49 ? 26  GLY A C   1 
ATOM   221  O O   . GLY A 1 47  ? 9.083   -4.748  -10.343 1.00 12.43 ? 26  GLY A O   1 
ATOM   222  N N   . VAL A 1 48  ? 8.257   -2.688  -10.701 1.00 12.73 ? 27  VAL A N   1 
ATOM   223  C CA  . VAL A 1 48  ? 6.864   -3.119  -10.538 1.00 12.57 ? 27  VAL A CA  1 
ATOM   224  C C   . VAL A 1 48  ? 6.387   -3.705  -11.852 1.00 13.07 ? 27  VAL A C   1 
ATOM   225  O O   . VAL A 1 48  ? 6.375   -3.002  -12.868 1.00 15.88 ? 27  VAL A O   1 
ATOM   226  C CB  . VAL A 1 48  ? 5.961   -1.986  -10.092 1.00 13.22 ? 27  VAL A CB  1 
ATOM   227  C CG1 . VAL A 1 48  ? 4.492   -2.428  -10.151 1.00 13.41 ? 27  VAL A CG1 1 
ATOM   228  C CG2 . VAL A 1 48  ? 6.349   -1.556  -8.722  1.00 13.72 ? 27  VAL A CG2 1 
ATOM   229  N N   . VAL A 1 49  ? 6.026   -4.980  -11.814 1.00 12.32 ? 28  VAL A N   1 
ATOM   230  C CA  . VAL A 1 49  ? 5.587   -5.726  -12.991 1.00 13.33 ? 28  VAL A CA  1 
ATOM   231  C C   . VAL A 1 49  ? 4.085   -5.540  -13.246 1.00 12.65 ? 28  VAL A C   1 
ATOM   232  O O   . VAL A 1 49  ? 3.642   -5.417  -14.394 1.00 14.10 ? 28  VAL A O   1 
ATOM   233  C CB  . VAL A 1 49  ? 5.907   -7.216  -12.805 1.00 14.36 ? 28  VAL A CB  1 
ATOM   234  C CG1 . VAL A 1 49  ? 5.306   -8.072  -13.934 1.00 17.06 ? 28  VAL A CG1 1 
ATOM   235  C CG2 . VAL A 1 49  ? 7.437   -7.413  -12.653 1.00 17.15 ? 28  VAL A CG2 1 
ATOM   236  N N   . SER A 1 50  ? 3.281   -5.610  -12.194 1.00 12.56 ? 29  SER A N   1 
ATOM   237  C CA  . SER A 1 50  ? 1.849   -5.519  -12.340 1.00 13.25 ? 29  SER A CA  1 
ATOM   238  C C   . SER A 1 50  ? 1.241   -5.035  -11.023 1.00 13.03 ? 29  SER A C   1 
ATOM   239  O O   . SER A 1 50  ? 1.823   -5.261  -9.939  1.00 12.66 ? 29  SER A O   1 
ATOM   240  C CB  . SER A 1 50  ? 1.271   -6.899  -12.693 1.00 14.53 ? 29  SER A CB  1 
ATOM   241  O OG  . SER A 1 50  ? -0.105  -6.822  -13.031 1.00 19.37 ? 29  SER A OG  1 
ATOM   242  N N   . THR A 1 51  ? 0.088   -4.378  -11.113 1.00 11.90 ? 30  THR A N   1 
ATOM   243  C CA  . THR A 1 51  ? -0.698  -3.994  -9.930  1.00 11.98 ? 30  THR A CA  1 
ATOM   244  C C   . THR A 1 51  ? -2.182  -4.199  -10.206 1.00 12.38 ? 30  THR A C   1 
ATOM   245  O O   . THR A 1 51  ? -2.606  -4.232  -11.357 1.00 13.20 ? 30  THR A O   1 
ATOM   246  C CB  . THR A 1 51  ? -0.506  -2.522  -9.517  1.00 12.58 ? 30  THR A CB  1 
ATOM   247  O OG1 . THR A 1 51  ? -0.952  -1.637  -10.558 1.00 13.35 ? 30  THR A OG1 1 
ATOM   248  C CG2 . THR A 1 51  ? 0.970   -2.185  -9.239  1.00 11.72 ? 30  THR A CG2 1 
ATOM   249  N N   . ARG A 1 52  ? -2.951  -4.342  -9.147  1.00 11.55 ? 31  ARG A N   1 
ATOM   250  C CA  . ARG A 1 52  ? -4.405  -4.355  -9.221  1.00 11.74 ? 31  ARG A CA  1 
ATOM   251  C C   . ARG A 1 52  ? -4.952  -3.880  -7.894  1.00 12.05 ? 31  ARG A C   1 
ATOM   252  O O   . ARG A 1 52  ? -4.285  -4.036  -6.848  1.00 10.92 ? 31  ARG A O   1 
ATOM   253  C CB  . ARG A 1 52  ? -4.980  -5.744  -9.556  1.00 12.27 ? 31  ARG A CB  1 
ATOM   254  C CG  . ARG A 1 52  ? -4.634  -6.830  -8.597  1.00 11.76 ? 31  ARG A CG  1 
ATOM   255  C CD  . ARG A 1 52  ? -5.234  -8.222  -8.959  1.00 15.22 ? 31  ARG A CD  1 
ATOM   256  N NE  . ARG A 1 52  ? -4.816  -9.245  -8.024  1.00 17.19 ? 31  ARG A NE  1 
ATOM   257  C CZ  . ARG A 1 52  ? -5.582  -10.249 -7.618  1.00 17.52 ? 31  ARG A CZ  1 
ATOM   258  N NH1 . ARG A 1 52  ? -6.811  -10.358 -8.081  1.00 18.34 ? 31  ARG A NH1 1 
ATOM   259  N NH2 . ARG A 1 52  ? -5.123  -11.120 -6.737  1.00 18.35 ? 31  ARG A NH2 1 
ATOM   260  N N   . VAL A 1 53  ? -6.149  -3.297  -7.902  1.00 11.38 ? 32  VAL A N   1 
ATOM   261  C CA  . VAL A 1 53  ? -6.749  -2.826  -6.643  1.00 11.14 ? 32  VAL A CA  1 
ATOM   262  C C   . VAL A 1 53  ? -7.855  -3.766  -6.191  1.00 10.80 ? 32  VAL A C   1 
ATOM   263  O O   . VAL A 1 53  ? -8.376  -4.559  -6.961  1.00 11.74 ? 32  VAL A O   1 
ATOM   264  C CB  . VAL A 1 53  ? -7.211  -1.357  -6.720  1.00 11.17 ? 32  VAL A CB  1 
ATOM   265  C CG1 . VAL A 1 53  ? -6.064  -0.418  -7.173  1.00 12.03 ? 32  VAL A CG1 1 
ATOM   266  C CG2 . VAL A 1 53  ? -8.470  -1.154  -7.647  1.00 11.75 ? 32  VAL A CG2 1 
ATOM   267  N N   . GLY A 1 54  ? -8.174  -3.703  -4.914  1.00 11.14 ? 33  GLY A N   1 
ATOM   268  C CA  . GLY A 1 54  ? -9.120  -4.617  -4.321  1.00 11.38 ? 33  GLY A CA  1 
ATOM   269  C C   . GLY A 1 54  ? -9.313  -4.333  -2.854  1.00 10.82 ? 33  GLY A C   1 
ATOM   270  O O   . GLY A 1 54  ? -8.964  -3.269  -2.355  1.00 10.66 ? 33  GLY A O   1 
ATOM   271  N N   . TYR A 1 55  ? -9.946  -5.295  -2.180  1.00 10.79 ? 34  TYR A N   1 
ATOM   272  C CA  . TYR A 1 55  ? -10.360 -5.200  -0.778  1.00 10.98 ? 34  TYR A CA  1 
ATOM   273  C C   . TYR A 1 55  ? -9.707  -6.338  -0.018  1.00 11.46 ? 34  TYR A C   1 
ATOM   274  O O   . TYR A 1 55  ? -9.788  -7.478  -0.448  1.00 11.92 ? 34  TYR A O   1 
ATOM   275  C CB  . TYR A 1 55  ? -11.920 -5.244  -0.653  1.00 10.61 ? 34  TYR A CB  1 
ATOM   276  C CG  . TYR A 1 55  ? -12.594 -4.400  -1.724  1.00 10.50 ? 34  TYR A CG  1 
ATOM   277  C CD1 . TYR A 1 55  ? -12.651 -3.029  -1.605  1.00 10.07 ? 34  TYR A CD1 1 
ATOM   278  C CD2 . TYR A 1 55  ? -13.152 -4.967  -2.869  1.00 10.89 ? 34  TYR A CD2 1 
ATOM   279  C CE1 . TYR A 1 55  ? -13.239 -2.219  -2.561  1.00 10.39 ? 34  TYR A CE1 1 
ATOM   280  C CE2 . TYR A 1 55  ? -13.710 -4.137  -3.852  1.00 11.49 ? 34  TYR A CE2 1 
ATOM   281  C CZ  . TYR A 1 55  ? -13.736 -2.791  -3.690  1.00 9.71  ? 34  TYR A CZ  1 
ATOM   282  O OH  . TYR A 1 55  ? -14.249 -1.968  -4.680  1.00 11.75 ? 34  TYR A OH  1 
ATOM   283  N N   . SER A 1 56  ? -9.031  -6.027  1.094   1.00 10.80 ? 35  SER A N   1 
ATOM   284  C CA  . SER A 1 56  ? -8.271  -7.031  1.816   1.00 11.70 ? 35  SER A CA  1 
ATOM   285  C C   . SER A 1 56  ? -8.113  -6.640  3.286   1.00 12.55 ? 35  SER A C   1 
ATOM   286  O O   . SER A 1 56  ? -8.181  -5.458  3.613   1.00 12.20 ? 35  SER A O   1 
ATOM   287  C CB  . SER A 1 56  ? -6.928  -7.230  1.124   1.00 12.14 ? 35  SER A CB  1 
ATOM   288  O OG  . SER A 1 56  ? -6.264  -8.403  1.538   1.00 12.86 ? 35  SER A OG  1 
ATOM   289  N N   . GLY A 1 57  ? -7.939  -7.656  4.145   1.00 13.68 ? 36  GLY A N   1 
ATOM   290  C CA  . GLY A 1 57  ? -7.698  -7.438  5.574   1.00 14.08 ? 36  GLY A CA  1 
ATOM   291  C C   . GLY A 1 57  ? -8.919  -7.487  6.448   1.00 15.62 ? 36  GLY A C   1 
ATOM   292  O O   . GLY A 1 57  ? -8.805  -7.358  7.690   1.00 16.81 ? 36  GLY A O   1 
ATOM   293  N N   . GLY A 1 58  ? -10.076 -7.683  5.830   1.00 15.89 ? 37  GLY A N   1 
ATOM   294  C CA  . GLY A 1 58  ? -11.359 -7.697  6.518   1.00 18.07 ? 37  GLY A CA  1 
ATOM   295  C C   . GLY A 1 58  ? -11.946 -9.078  6.652   1.00 19.24 ? 37  GLY A C   1 
ATOM   296  O O   . GLY A 1 58  ? -11.254 -10.076 6.591   1.00 19.98 ? 37  GLY A O   1 
ATOM   297  N N   . ASN A 1 59  ? -13.263 -9.088  6.818   1.00 21.74 ? 38  ASN A N   1 
ATOM   298  C CA  . ASN A 1 59  ? -14.017 -10.252 7.226   1.00 23.47 ? 38  ASN A CA  1 
ATOM   299  C C   . ASN A 1 59  ? -14.675 -11.022 6.068   1.00 22.98 ? 38  ASN A C   1 
ATOM   300  O O   . ASN A 1 59  ? -14.387 -12.190 5.813   1.00 25.75 ? 38  ASN A O   1 
ATOM   301  C CB  . ASN A 1 59  ? -15.082 -9.827  8.292   1.00 24.63 ? 38  ASN A CB  1 
ATOM   302  C CG  . ASN A 1 59  ? -15.812 -8.468  7.986   1.00 25.91 ? 38  ASN A CG  1 
ATOM   303  O OD1 . ASN A 1 59  ? -15.633 -7.833  6.936   1.00 22.09 ? 38  ASN A OD1 1 
ATOM   304  N ND2 . ASN A 1 59  ? -16.630 -8.035  8.930   1.00 28.60 ? 38  ASN A ND2 1 
ATOM   305  N N   . ILE A 1 60  ? -15.510 -10.334 5.330   1.00 21.35 ? 39  ILE A N   1 
ATOM   306  C CA  . ILE A 1 60  ? -16.463 -11.011 4.459   1.00 20.86 ? 39  ILE A CA  1 
ATOM   307  C C   . ILE A 1 60  ? -15.869 -11.434 3.135   1.00 19.89 ? 39  ILE A C   1 
ATOM   308  O O   . ILE A 1 60  ? -14.979 -10.780 2.619   1.00 18.00 ? 39  ILE A O   1 
ATOM   309  C CB  . ILE A 1 60  ? -17.673 -10.120 4.208   1.00 20.91 ? 39  ILE A CB  1 
ATOM   310  C CG1 . ILE A 1 60  ? -17.278 -8.841  3.468   1.00 20.49 ? 39  ILE A CG1 1 
ATOM   311  C CG2 . ILE A 1 60  ? -18.378 -9.791  5.527   1.00 22.90 ? 39  ILE A CG2 1 
ATOM   312  C CD1 . ILE A 1 60  ? -18.468 -7.989  3.100   1.00 21.89 ? 39  ILE A CD1 1 
ATOM   313  N N   . PRO A 1 61  ? -16.362 -12.526 2.566   1.00 18.04 ? 40  PRO A N   1 
ATOM   314  C CA  . PRO A 1 61  ? -15.927 -12.964 1.249   1.00 17.45 ? 40  PRO A CA  1 
ATOM   315  C C   . PRO A 1 61  ? -16.587 -12.151 0.127   1.00 14.87 ? 40  PRO A C   1 
ATOM   316  O O   . PRO A 1 61  ? -17.554 -11.439 0.374   1.00 15.61 ? 40  PRO A O   1 
ATOM   317  C CB  . PRO A 1 61  ? -16.408 -14.422 1.204   1.00 17.72 ? 40  PRO A CB  1 
ATOM   318  C CG  . PRO A 1 61  ? -17.613 -14.369 1.956   1.00 19.69 ? 40  PRO A CG  1 
ATOM   319  C CD  . PRO A 1 61  ? -17.354 -13.458 3.145   1.00 20.09 ? 40  PRO A CD  1 
ATOM   320  N N   . ASN A 1 62  ? -16.031 -12.236 -1.062  1.00 14.96 ? 41  ASN A N   1 
ATOM   321  C CA  . ASN A 1 62  ? -16.646 -11.650 -2.246  1.00 14.33 ? 41  ASN A CA  1 
ATOM   322  C C   . ASN A 1 62  ? -16.952 -10.168 -2.073  1.00 14.43 ? 41  ASN A C   1 
ATOM   323  O O   . ASN A 1 62  ? -17.982 -9.665  -2.494  1.00 15.53 ? 41  ASN A O   1 
ATOM   324  C CB  . ASN A 1 62  ? -17.901 -12.445 -2.643  1.00 15.03 ? 41  ASN A CB  1 
ATOM   325  C CG  . ASN A 1 62  ? -17.608 -13.919 -2.763  1.00 14.80 ? 41  ASN A CG  1 
ATOM   326  O OD1 . ASN A 1 62  ? -16.631 -14.306 -3.371  1.00 17.72 ? 41  ASN A OD1 1 
ATOM   327  N ND2 . ASN A 1 62  ? -18.437 -14.757 -2.120  1.00 14.58 ? 41  ASN A ND2 1 
ATOM   328  N N   . ALA A 1 63  ? -15.978 -9.453  -1.520  1.00 13.72 ? 42  ALA A N   1 
ATOM   329  C CA  . ALA A 1 63  ? -16.113 -8.046  -1.213  1.00 12.76 ? 42  ALA A CA  1 
ATOM   330  C C   . ALA A 1 63  ? -16.160 -7.194  -2.481  1.00 11.90 ? 42  ALA A C   1 
ATOM   331  O O   . ALA A 1 63  ? -15.561 -7.533  -3.512  1.00 12.14 ? 42  ALA A O   1 
ATOM   332  C CB  . ALA A 1 63  ? -14.930 -7.617  -0.339  1.00 13.33 ? 42  ALA A CB  1 
ATOM   333  N N   . THR A 1 64  ? -16.946 -6.124  -2.401  1.00 11.88 ? 43  THR A N   1 
ATOM   334  C CA  . THR A 1 64  ? -17.170 -5.165  -3.494  1.00 11.94 ? 43  THR A CA  1 
ATOM   335  C C   . THR A 1 64  ? -17.071 -3.764  -2.936  1.00 10.81 ? 43  THR A C   1 
ATOM   336  O O   . THR A 1 64  ? -16.991 -3.541  -1.713  1.00 11.53 ? 43  THR A O   1 
ATOM   337  C CB  . THR A 1 64  ? -18.569 -5.323  -4.121  1.00 11.48 ? 43  THR A CB  1 
ATOM   338  O OG1 . THR A 1 64  ? -19.566 -5.120  -3.092  1.00 13.45 ? 43  THR A OG1 1 
ATOM   339  C CG2 . THR A 1 64  ? -18.728 -6.734  -4.631  1.00 13.81 ? 43  THR A CG2 1 
ATOM   340  N N   . TYR A 1 65  ? -17.127 -2.792  -3.836  1.00 11.34 ? 44  TYR A N   1 
ATOM   341  C CA  . TYR A 1 65  ? -17.089 -1.390  -3.423  1.00 11.49 ? 44  TYR A CA  1 
ATOM   342  C C   . TYR A 1 65  ? -18.172 -1.029  -2.438  1.00 11.94 ? 44  TYR A C   1 
ATOM   343  O O   . TYR A 1 65  ? -17.943 -0.350  -1.439  1.00 14.50 ? 44  TYR A O   1 
ATOM   344  C CB  . TYR A 1 65  ? -17.185 -0.451  -4.645  1.00 11.19 ? 44  TYR A CB  1 
ATOM   345  C CG  . TYR A 1 65  ? -16.704 0.972   -4.390  1.00 11.80 ? 44  TYR A CG  1 
ATOM   346  C CD1 . TYR A 1 65  ? -15.355 1.220   -4.103  1.00 13.02 ? 44  TYR A CD1 1 
ATOM   347  C CD2 . TYR A 1 65  ? -17.575 2.051   -4.446  1.00 12.25 ? 44  TYR A CD2 1 
ATOM   348  C CE1 . TYR A 1 65  ? -14.897 2.511   -3.931  1.00 14.42 ? 44  TYR A CE1 1 
ATOM   349  C CE2 . TYR A 1 65  ? -17.121 3.357   -4.231  1.00 13.30 ? 44  TYR A CE2 1 
ATOM   350  C CZ  . TYR A 1 65  ? -15.780 3.562   -3.973  1.00 14.71 ? 44  TYR A CZ  1 
ATOM   351  O OH  . TYR A 1 65  ? -15.278 4.829   -3.792  1.00 15.23 ? 44  TYR A OH  1 
ATOM   352  N N   . ARG A 1 66  ? -19.389 -1.459  -2.753  1.00 13.17 ? 45  ARG A N   1 
ATOM   353  C CA  . ARG A 1 66  ? -20.589 -1.200  -1.961  1.00 13.99 ? 45  ARG A CA  1 
ATOM   354  C C   . ARG A 1 66  ? -20.656 -2.028  -0.678  1.00 13.28 ? 45  ARG A C   1 
ATOM   355  O O   . ARG A 1 66  ? -21.311 -1.613  0.281   1.00 15.46 ? 45  ARG A O   1 
ATOM   356  C CB  . ARG A 1 66  ? -21.801 -1.558  -2.838  1.00 14.71 ? 45  ARG A CB  1 
ATOM   357  C CG  . ARG A 1 66  ? -23.209 -1.095  -2.332  1.00 15.26 ? 45  ARG A CG  1 
ATOM   358  C CD  . ARG A 1 66  ? -24.386 -1.463  -3.240  1.00 16.90 ? 45  ARG A CD  1 
ATOM   359  N NE  . ARG A 1 66  ? -24.274 -0.829  -4.566  1.00 17.79 ? 45  ARG A NE  1 
ATOM   360  C CZ  . ARG A 1 66  ? -25.085 -1.080  -5.574  1.00 17.30 ? 45  ARG A CZ  1 
ATOM   361  N NH1 . ARG A 1 66  ? -26.086 -1.935  -5.433  1.00 18.94 ? 45  ARG A NH1 1 
ATOM   362  N NH2 . ARG A 1 66  ? -24.886 -0.490  -6.749  1.00 19.11 ? 45  ARG A NH2 1 
ATOM   363  N N   . ASN A 1 67  ? -19.989 -3.180  -0.669  1.00 13.76 ? 46  ASN A N   1 
ATOM   364  C CA  . ASN A 1 67  ? -20.116 -4.191  0.399   1.00 14.04 ? 46  ASN A CA  1 
ATOM   365  C C   . ASN A 1 67  ? -18.769 -4.860  0.639   1.00 13.59 ? 46  ASN A C   1 
ATOM   366  O O   . ASN A 1 67  ? -18.451 -5.889  0.077   1.00 13.50 ? 46  ASN A O   1 
ATOM   367  C CB  . ASN A 1 67  ? -21.150 -5.248  -0.025  1.00 15.28 ? 46  ASN A CB  1 
ATOM   368  C CG  . ASN A 1 67  ? -21.375 -6.320  1.039   1.00 18.20 ? 46  ASN A CG  1 
ATOM   369  O OD1 . ASN A 1 67  ? -21.653 -5.984  2.182   1.00 22.15 ? 46  ASN A OD1 1 
ATOM   370  N ND2 . ASN A 1 67  ? -21.273 -7.596  0.659   1.00 21.27 ? 46  ASN A ND2 1 
ATOM   371  N N   . HIS A 1 68  ? -17.947 -4.217  1.473   1.00 13.50 ? 47  HIS A N   1 
ATOM   372  C CA  . HIS A 1 68  ? -16.642 -4.774  1.835   1.00 12.74 ? 47  HIS A CA  1 
ATOM   373  C C   . HIS A 1 68  ? -16.325 -4.780  3.311   1.00 13.72 ? 47  HIS A C   1 
ATOM   374  O O   . HIS A 1 68  ? -15.170 -5.014  3.695   1.00 13.60 ? 47  HIS A O   1 
ATOM   375  C CB  . HIS A 1 68  ? -15.486 -4.123  1.025   1.00 12.86 ? 47  HIS A CB  1 
ATOM   376  C CG  . HIS A 1 68  ? -15.358 -2.635  1.175   1.00 12.67 ? 47  HIS A CG  1 
ATOM   377  N ND1 . HIS A 1 68  ? -15.927 -1.740  0.287   1.00 13.56 ? 47  HIS A ND1 1 
ATOM   378  C CD2 . HIS A 1 68  ? -14.691 -1.882  2.090   1.00 13.95 ? 47  HIS A CD2 1 
ATOM   379  C CE1 . HIS A 1 68  ? -15.625 -0.505  0.662   1.00 13.84 ? 47  HIS A CE1 1 
ATOM   380  N NE2 . HIS A 1 68  ? -14.876 -0.562  1.754   1.00 14.07 ? 47  HIS A NE2 1 
ATOM   381  N N   . GLY A 1 69  ? -17.342 -4.581  4.148   1.00 14.88 ? 48  GLY A N   1 
ATOM   382  C CA  . GLY A 1 69  ? -17.177 -4.771  5.572   1.00 14.82 ? 48  GLY A CA  1 
ATOM   383  C C   . GLY A 1 69  ? -15.965 -4.061  6.123   1.00 14.66 ? 48  GLY A C   1 
ATOM   384  O O   . GLY A 1 69  ? -15.800 -2.860  5.889   1.00 15.64 ? 48  GLY A O   1 
ATOM   385  N N   . THR A 1 70  ? -15.134 -4.814  6.847   1.00 15.96 ? 49  THR A N   1 
ATOM   386  C CA  . THR A 1 70  ? -13.938 -4.257  7.491   1.00 15.98 ? 49  THR A CA  1 
ATOM   387  C C   . THR A 1 70  ? -12.689 -4.338  6.637   1.00 15.27 ? 49  THR A C   1 
ATOM   388  O O   . THR A 1 70  ? -11.606 -4.048  7.105   1.00 15.20 ? 49  THR A O   1 
ATOM   389  C CB  . THR A 1 70  ? -13.646 -4.963  8.835   1.00 16.08 ? 49  THR A CB  1 
ATOM   390  O OG1 . THR A 1 70  ? -13.437 -6.362  8.626   1.00 17.81 ? 49  THR A OG1 1 
ATOM   391  C CG2 . THR A 1 70  ? -14.830 -4.864  9.737   1.00 18.53 ? 49  THR A CG2 1 
ATOM   392  N N   . HIS A 1 71  ? -12.826 -4.720  5.381   1.00 14.02 ? 50  HIS A N   1 
ATOM   393  C CA  . HIS A 1 71  ? -11.679 -4.697  4.467   1.00 12.27 ? 50  HIS A CA  1 
ATOM   394  C C   . HIS A 1 71  ? -11.167 -3.276  4.213   1.00 12.29 ? 50  HIS A C   1 
ATOM   395  O O   . HIS A 1 71  ? -11.937 -2.326  4.161   1.00 11.82 ? 50  HIS A O   1 
ATOM   396  C CB  . HIS A 1 71  ? -12.056 -5.303  3.122   1.00 12.66 ? 50  HIS A CB  1 
ATOM   397  C CG  . HIS A 1 71  ? -12.293 -6.781  3.142   1.00 13.55 ? 50  HIS A CG  1 
ATOM   398  N ND1 . HIS A 1 71  ? -11.279 -7.712  3.212   1.00 13.83 ? 50  HIS A ND1 1 
ATOM   399  C CD2 . HIS A 1 71  ? -13.450 -7.494  3.069   1.00 13.21 ? 50  HIS A CD2 1 
ATOM   400  C CE1 . HIS A 1 71  ? -11.796 -8.930  3.167   1.00 16.21 ? 50  HIS A CE1 1 
ATOM   401  N NE2 . HIS A 1 71  ? -13.111 -8.825  3.088   1.00 14.03 ? 50  HIS A NE2 1 
ATOM   402  N N   . ALA A 1 72  ? -9.855  -3.181  4.031   1.00 11.54 ? 51  ALA A N   1 
ATOM   403  C CA  . ALA A 1 72  ? -9.211  -1.984  3.494   1.00 11.30 ? 51  ALA A CA  1 
ATOM   404  C C   . ALA A 1 72  ? -9.185  -1.996  1.970   1.00 10.06 ? 51  ALA A C   1 
ATOM   405  O O   . ALA A 1 72  ? -9.005  -3.045  1.348   1.00 10.84 ? 51  ALA A O   1 
ATOM   406  C CB  . ALA A 1 72  ? -7.785  -1.937  3.973   1.00 11.01 ? 51  ALA A CB  1 
ATOM   407  N N   . GLU A 1 73  ? -9.289  -0.810  1.379   1.00 9.78  ? 52  GLU A N   1 
ATOM   408  C CA  . GLU A 1 73  ? -8.931  -0.616  -0.036  1.00 9.74  ? 52  GLU A CA  1 
ATOM   409  C C   . GLU A 1 73  ? -7.428  -0.806  -0.100  1.00 10.15 ? 52  GLU A C   1 
ATOM   410  O O   . GLU A 1 73  ? -6.678  -0.187  0.670   1.00 10.36 ? 52  GLU A O   1 
ATOM   411  C CB  . GLU A 1 73  ? -9.326  0.771   -0.495  1.00 10.04 ? 52  GLU A CB  1 
ATOM   412  C CG  . GLU A 1 73  ? -10.838 0.843   -0.610  1.00 10.78 ? 52  GLU A CG  1 
ATOM   413  C CD  . GLU A 1 73  ? -11.433 2.147   -1.023  1.00 13.42 ? 52  GLU A CD  1 
ATOM   414  O OE1 . GLU A 1 73  ? -10.721 2.977   -1.577  1.00 12.64 ? 52  GLU A OE1 1 
ATOM   415  O OE2 . GLU A 1 73  ? -12.685 2.278   -0.785  1.00 16.25 ? 52  GLU A OE2 1 
ATOM   416  N N   . ALA A 1 74  ? -6.990  -1.659  -1.012  1.00 8.96  ? 53  ALA A N   1 
ATOM   417  C CA  . ALA A 1 74  ? -5.605  -2.109  -1.073  1.00 9.52  ? 53  ALA A CA  1 
ATOM   418  C C   . ALA A 1 74  ? -5.142  -2.298  -2.485  1.00 10.34 ? 53  ALA A C   1 
ATOM   419  O O   . ALA A 1 74  ? -5.959  -2.388  -3.433  1.00 10.22 ? 53  ALA A O   1 
ATOM   420  C CB  . ALA A 1 74  ? -5.432  -3.374  -0.315  1.00 11.60 ? 53  ALA A CB  1 
ATOM   421  N N   . VAL A 1 75  ? -3.831  -2.350  -2.640  1.00 10.50 ? 54  VAL A N   1 
ATOM   422  C CA  . VAL A 1 75  ? -3.181  -2.592  -3.937  1.00 10.91 ? 54  VAL A CA  1 
ATOM   423  C C   . VAL A 1 75  ? -2.304  -3.800  -3.800  1.00 10.83 ? 54  VAL A C   1 
ATOM   424  O O   . VAL A 1 75  ? -1.482  -3.882  -2.893  1.00 11.27 ? 54  VAL A O   1 
ATOM   425  C CB  . VAL A 1 75  ? -2.346  -1.375  -4.413  1.00 10.25 ? 54  VAL A CB  1 
ATOM   426  C CG1 . VAL A 1 75  ? -1.766  -1.645  -5.798  1.00 12.69 ? 54  VAL A CG1 1 
ATOM   427  C CG2 . VAL A 1 75  ? -3.190  -0.118  -4.371  1.00 13.74 ? 54  VAL A CG2 1 
ATOM   428  N N   . GLU A 1 76  ? -2.498  -4.792  -4.682  1.00 10.77 ? 55  GLU A N   1 
ATOM   429  C CA  . GLU A 1 76  ? -1.603  -5.918  -4.792  1.00 10.89 ? 55  GLU A CA  1 
ATOM   430  C C   . GLU A 1 76  ? -0.573  -5.591  -5.852  1.00 11.06 ? 55  GLU A C   1 
ATOM   431  O O   . GLU A 1 76  ? -0.931  -5.193  -6.984  1.00 11.43 ? 55  GLU A O   1 
ATOM   432  C CB  . GLU A 1 76  ? -2.344  -7.203  -5.199  1.00 11.49 ? 55  GLU A CB  1 
ATOM   433  C CG  . GLU A 1 76  ? -1.463  -8.444  -5.180  1.00 12.82 ? 55  GLU A CG  1 
ATOM   434  C CD  . GLU A 1 76  ? -2.124  -9.550  -5.981  1.00 15.52 ? 55  GLU A CD  1 
ATOM   435  O OE1 . GLU A 1 76  ? -2.666  -10.458 -5.331  1.00 20.26 ? 55  GLU A OE1 1 
ATOM   436  O OE2 . GLU A 1 76  ? -2.106  -9.450  -7.222  1.00 17.15 ? 55  GLU A OE2 1 
ATOM   437  N N   . ILE A 1 77  ? 0.686   -5.784  -5.517  1.00 10.66 ? 56  ILE A N   1 
ATOM   438  C CA  . ILE A 1 77  ? 1.838   -5.378  -6.303  1.00 11.48 ? 56  ILE A CA  1 
ATOM   439  C C   . ILE A 1 77  ? 2.684   -6.615  -6.586  1.00 11.21 ? 56  ILE A C   1 
ATOM   440  O O   . ILE A 1 77  ? 3.105   -7.299  -5.661  1.00 12.13 ? 56  ILE A O   1 
ATOM   441  C CB  . ILE A 1 77  ? 2.699   -4.361  -5.522  1.00 11.71 ? 56  ILE A CB  1 
ATOM   442  C CG1 . ILE A 1 77  ? 1.845   -3.145  -5.139  1.00 14.28 ? 56  ILE A CG1 1 
ATOM   443  C CG2 . ILE A 1 77  ? 3.876   -3.902  -6.357  1.00 13.79 ? 56  ILE A CG2 1 
ATOM   444  C CD1 . ILE A 1 77  ? 2.311   -2.436  -3.881  1.00 19.07 ? 56  ILE A CD1 1 
ATOM   445  N N   . ILE A 1 78  ? 2.968   -6.889  -7.859  1.00 11.27 ? 57  ILE A N   1 
ATOM   446  C CA  . ILE A 1 78  ? 3.936   -7.904  -8.263  1.00 11.31 ? 57  ILE A CA  1 
ATOM   447  C C   . ILE A 1 78  ? 5.193   -7.174  -8.708  1.00 10.26 ? 57  ILE A C   1 
ATOM   448  O O   . ILE A 1 78  ? 5.122   -6.266  -9.521  1.00 10.43 ? 57  ILE A O   1 
ATOM   449  C CB  . ILE A 1 78  ? 3.397   -8.753  -9.445  1.00 11.42 ? 57  ILE A CB  1 
ATOM   450  C CG1 . ILE A 1 78  ? 2.033   -9.347  -9.121  1.00 17.28 ? 57  ILE A CG1 1 
ATOM   451  C CG2 . ILE A 1 78  ? 4.400   -9.834  -9.792  1.00 11.43 ? 57  ILE A CG2 1 
ATOM   452  C CD1 . ILE A 1 78  ? 1.971   -10.066 -7.944  1.00 19.78 ? 57  ILE A CD1 1 
ATOM   453  N N   . PHE A 1 79  ? 6.336   -7.580  -8.179  1.00 10.65 ? 58  PHE A N   1 
ATOM   454  C CA  . PHE A 1 79  ? 7.598   -6.910  -8.442  1.00 10.57 ? 58  PHE A CA  1 
ATOM   455  C C   . PHE A 1 79  ? 8.770   -7.883  -8.663  1.00 11.09 ? 58  PHE A C   1 
ATOM   456  O O   . PHE A 1 79  ? 8.798   -8.996  -8.171  1.00 10.92 ? 58  PHE A O   1 
ATOM   457  C CB  . PHE A 1 79  ? 7.897   -5.871  -7.362  1.00 10.76 ? 58  PHE A CB  1 
ATOM   458  C CG  . PHE A 1 79  ? 8.147   -6.420  -5.997  1.00 9.64  ? 58  PHE A CG  1 
ATOM   459  C CD1 . PHE A 1 79  ? 9.442   -6.658  -5.557  1.00 11.41 ? 58  PHE A CD1 1 
ATOM   460  C CD2 . PHE A 1 79  ? 7.101   -6.689  -5.138  1.00 9.96  ? 58  PHE A CD2 1 
ATOM   461  C CE1 . PHE A 1 79  ? 9.689   -7.098  -4.277  1.00 11.31 ? 58  PHE A CE1 1 
ATOM   462  C CE2 . PHE A 1 79  ? 7.342   -7.153  -3.831  1.00 11.71 ? 58  PHE A CE2 1 
ATOM   463  C CZ  . PHE A 1 79  ? 8.644   -7.386  -3.424  1.00 11.26 ? 58  PHE A CZ  1 
ATOM   464  N N   . ASP A 1 80  ? 9.776   -7.387  -9.392  1.00 11.67 ? 59  ASP A N   1 
ATOM   465  C CA  . ASP A 1 80  ? 10.969  -8.133  -9.739  1.00 10.76 ? 59  ASP A CA  1 
ATOM   466  C C   . ASP A 1 80  ? 12.046  -7.809  -8.726  1.00 10.78 ? 59  ASP A C   1 
ATOM   467  O O   . ASP A 1 80  ? 12.488  -6.654  -8.657  1.00 9.86  ? 59  ASP A O   1 
ATOM   468  C CB  . ASP A 1 80  ? 11.431  -7.709  -11.137 1.00 11.62 ? 59  ASP A CB  1 
ATOM   469  C CG  . ASP A 1 80  ? 12.668  -8.451  -11.599 1.00 12.93 ? 59  ASP A CG  1 
ATOM   470  O OD1 . ASP A 1 80  ? 13.483  -8.923  -10.806 1.00 14.00 ? 59  ASP A OD1 1 
ATOM   471  O OD2 . ASP A 1 80  ? 12.911  -8.606  -12.822 1.00 20.18 ? 59  ASP A OD2 1 
ATOM   472  N N   . PRO A 1 81  ? 12.471  -8.768  -7.905  1.00 10.78 ? 60  PRO A N   1 
ATOM   473  C CA  . PRO A 1 81  ? 13.411  -8.507  -6.796  1.00 11.56 ? 60  PRO A CA  1 
ATOM   474  C C   . PRO A 1 81  ? 14.879  -8.277  -7.164  1.00 13.24 ? 60  PRO A C   1 
ATOM   475  O O   . PRO A 1 81  ? 15.689  -8.070  -6.253  1.00 14.30 ? 60  PRO A O   1 
ATOM   476  C CB  . PRO A 1 81  ? 13.222  -9.749  -5.918  1.00 12.20 ? 60  PRO A CB  1 
ATOM   477  C CG  . PRO A 1 81  ? 12.974  -10.848 -6.899  1.00 12.08 ? 60  PRO A CG  1 
ATOM   478  C CD  . PRO A 1 81  ? 12.054  -10.185 -7.889  1.00 11.34 ? 60  PRO A CD  1 
ATOM   479  N N   . THR A 1 82  ? 15.177  -8.294  -8.440  1.00 13.66 ? 61  THR A N   1 
ATOM   480  C CA  . THR A 1 82  ? 16.500  -7.889  -8.927  1.00 14.79 ? 61  THR A CA  1 
ATOM   481  C C   . THR A 1 82  ? 16.476  -6.486  -9.473  1.00 14.56 ? 61  THR A C   1 
ATOM   482  O O   . THR A 1 82  ? 17.544  -5.980  -9.828  1.00 14.94 ? 61  THR A O   1 
ATOM   483  C CB  . THR A 1 82  ? 17.038  -8.865  -9.995  1.00 16.05 ? 61  THR A CB  1 
ATOM   484  O OG1 . THR A 1 82  ? 16.304  -8.743  -11.202 1.00 16.67 ? 61  THR A OG1 1 
ATOM   485  C CG2 . THR A 1 82  ? 16.918  -10.300 -9.490  1.00 17.40 ? 61  THR A CG2 1 
ATOM   486  N N   . VAL A 1 83  ? 15.298  -5.862  -9.564  1.00 12.40 ? 62  VAL A N   1 
ATOM   487  C CA  . VAL A 1 83  ? 15.139  -4.493  -10.059 1.00 12.51 ? 62  VAL A CA  1 
ATOM   488  C C   . VAL A 1 83  ? 14.748  -3.546  -8.915  1.00 11.51 ? 62  VAL A C   1 
ATOM   489  O O   . VAL A 1 83  ? 15.279  -2.445  -8.799  1.00 12.40 ? 62  VAL A O   1 
ATOM   490  C CB  . VAL A 1 83  ? 14.128  -4.412  -11.200 1.00 12.89 ? 62  VAL A CB  1 
ATOM   491  C CG1 . VAL A 1 83  ? 13.969  -2.998  -11.676 1.00 11.26 ? 62  VAL A CG1 1 
ATOM   492  C CG2 . VAL A 1 83  ? 14.553  -5.331  -12.367 1.00 14.84 ? 62  VAL A CG2 1 
ATOM   493  N N   . THR A 1 84  ? 13.843  -3.998  -8.061  1.00 11.13 ? 63  THR A N   1 
ATOM   494  C CA  . THR A 1 84  ? 13.529  -3.309  -6.832  1.00 10.66 ? 63  THR A CA  1 
ATOM   495  C C   . THR A 1 84  ? 13.535  -4.337  -5.694  1.00 12.03 ? 63  THR A C   1 
ATOM   496  O O   . THR A 1 84  ? 13.944  -5.490  -5.873  1.00 10.88 ? 63  THR A O   1 
ATOM   497  C CB  . THR A 1 84  ? 12.199  -2.517  -6.972  1.00 11.48 ? 63  THR A CB  1 
ATOM   498  O OG1 . THR A 1 84  ? 12.074  -1.644  -5.828  1.00 12.28 ? 63  THR A OG1 1 
ATOM   499  C CG2 . THR A 1 84  ? 10.998  -3.428  -7.023  1.00 11.04 ? 63  THR A CG2 1 
ATOM   500  N N   . ASP A 1 85  ? 13.120  -3.938  -4.504  1.00 10.93 ? 64  ASP A N   1 
ATOM   501  C CA  . ASP A 1 85  ? 12.981  -4.895  -3.409  1.00 10.66 ? 64  ASP A CA  1 
ATOM   502  C C   . ASP A 1 85  ? 11.861  -4.448  -2.479  1.00 9.58  ? 64  ASP A C   1 
ATOM   503  O O   . ASP A 1 85  ? 11.309  -3.359  -2.619  1.00 10.24 ? 64  ASP A O   1 
ATOM   504  C CB  . ASP A 1 85  ? 14.309  -5.127  -2.698  1.00 11.31 ? 64  ASP A CB  1 
ATOM   505  C CG  . ASP A 1 85  ? 14.980  -3.875  -2.296  1.00 13.13 ? 64  ASP A CG  1 
ATOM   506  O OD1 . ASP A 1 85  ? 14.300  -2.982  -1.756  1.00 11.42 ? 64  ASP A OD1 1 
ATOM   507  O OD2 . ASP A 1 85  ? 16.213  -3.633  -2.505  1.00 17.15 ? 64  ASP A OD2 1 
ATOM   508  N N   . TYR A 1 86  ? 11.485  -5.323  -1.558  1.00 10.35 ? 65  TYR A N   1 
ATOM   509  C CA  . TYR A 1 86  ? 10.361  -5.047  -0.675  1.00 10.07 ? 65  TYR A CA  1 
ATOM   510  C C   . TYR A 1 86  ? 10.592  -3.781  0.140   1.00 9.40  ? 65  TYR A C   1 
ATOM   511  O O   . TYR A 1 86  ? 9.696   -2.954  0.251   1.00 8.94  ? 65  TYR A O   1 
ATOM   512  C CB  . TYR A 1 86  ? 10.130  -6.245  0.228   1.00 10.57 ? 65  TYR A CB  1 
ATOM   513  C CG  . TYR A 1 86  ? 8.857   -6.201  1.012   1.00 10.91 ? 65  TYR A CG  1 
ATOM   514  C CD1 . TYR A 1 86  ? 7.626   -6.257  0.398   1.00 10.79 ? 65  TYR A CD1 1 
ATOM   515  C CD2 . TYR A 1 86  ? 8.877   -6.165  2.395   1.00 11.04 ? 65  TYR A CD2 1 
ATOM   516  C CE1 . TYR A 1 86  ? 6.449   -6.278  1.137   1.00 10.92 ? 65  TYR A CE1 1 
ATOM   517  C CE2 . TYR A 1 86  ? 7.720   -6.169  3.127   1.00 10.25 ? 65  TYR A CE2 1 
ATOM   518  C CZ  . TYR A 1 86  ? 6.507   -6.228  2.515   1.00 11.26 ? 65  TYR A CZ  1 
ATOM   519  O OH  . TYR A 1 86  ? 5.322   -6.248  3.223   1.00 12.66 ? 65  TYR A OH  1 
ATOM   520  N N   . ARG A 1 87  ? 11.785  -3.634  0.702   1.00 10.21 ? 66  ARG A N   1 
ATOM   521  C CA  . ARG A 1 87  ? 12.121  -2.433  1.471   1.00 11.10 ? 66  ARG A CA  1 
ATOM   522  C C   . ARG A 1 87  ? 11.938  -1.154  0.670   1.00 10.45 ? 66  ARG A C   1 
ATOM   523  O O   . ARG A 1 87  ? 11.402  -0.168  1.161   1.00 11.04 ? 66  ARG A O   1 
ATOM   524  C CB  . ARG A 1 87  ? 13.554  -2.521  1.988   1.00 11.73 ? 66  ARG A CB  1 
ATOM   525  C CG  . ARG A 1 87  ? 14.060  -1.319  2.724   1.00 15.60 ? 66  ARG A CG  1 
ATOM   526  C CD  . ARG A 1 87  ? 13.362  -1.069  3.961   1.00 17.90 ? 66  ARG A CD  1 
ATOM   527  N NE  . ARG A 1 87  ? 13.831  0.160   4.593   1.00 19.79 ? 66  ARG A NE  1 
ATOM   528  C CZ  . ARG A 1 87  ? 14.281  0.253   5.837   1.00 21.97 ? 66  ARG A CZ  1 
ATOM   529  N NH1 . ARG A 1 87  ? 14.415  -0.809  6.624   1.00 23.41 ? 66  ARG A NH1 1 
ATOM   530  N NH2 . ARG A 1 87  ? 14.630  1.445   6.283   1.00 21.14 ? 66  ARG A NH2 1 
ATOM   531  N N   . THR A 1 88  ? 12.422  -1.146  -0.572  1.00 10.03 ? 67  THR A N   1 
ATOM   532  C CA  . THR A 1 88  ? 12.304  0.043   -1.427  1.00 10.59 ? 67  THR A CA  1 
ATOM   533  C C   . THR A 1 88  ? 10.842  0.373   -1.684  1.00 9.93  ? 67  THR A C   1 
ATOM   534  O O   . THR A 1 88  ? 10.435  1.533   -1.659  1.00 10.27 ? 67  THR A O   1 
ATOM   535  C CB  . THR A 1 88  ? 13.064  -0.227  -2.739  1.00 10.68 ? 67  THR A CB  1 
ATOM   536  O OG1 . THR A 1 88  ? 14.464  -0.406  -2.470  1.00 12.10 ? 67  THR A OG1 1 
ATOM   537  C CG2 . THR A 1 88  ? 12.921  0.944   -3.712  1.00 11.78 ? 67  THR A CG2 1 
ATOM   538  N N   . LEU A 1 89  ? 10.039  -0.658  -1.937  1.00 9.54  ? 68  LEU A N   1 
ATOM   539  C CA  . LEU A 1 89  ? 8.605   -0.448  -2.166  1.00 9.73  ? 68  LEU A CA  1 
ATOM   540  C C   . LEU A 1 89  ? 7.938   0.110   -0.900  1.00 9.47  ? 68  LEU A C   1 
ATOM   541  O O   . LEU A 1 89  ? 7.109   1.023   -0.991  1.00 9.86  ? 68  LEU A O   1 
ATOM   542  C CB  . LEU A 1 89  ? 7.933   -1.710  -2.674  1.00 10.76 ? 68  LEU A CB  1 
ATOM   543  C CG  . LEU A 1 89  ? 8.295   -2.022  -4.131  1.00 12.70 ? 68  LEU A CG  1 
ATOM   544  C CD1 . LEU A 1 89  ? 7.678   -3.365  -4.539  1.00 16.91 ? 68  LEU A CD1 1 
ATOM   545  C CD2 . LEU A 1 89  ? 7.847   -0.927  -5.101  1.00 16.37 ? 68  LEU A CD2 1 
ATOM   546  N N   . LEU A 1 90  ? 8.305   -0.403  0.263   1.00 9.32  ? 69  LEU A N   1 
ATOM   547  C CA  . LEU A 1 90  ? 7.757   0.144   1.504   1.00 9.28  ? 69  LEU A CA  1 
ATOM   548  C C   . LEU A 1 90  ? 8.193   1.585   1.745   1.00 9.49  ? 69  LEU A C   1 
ATOM   549  O O   . LEU A 1 90  ? 7.389   2.402   2.203   1.00 9.60  ? 69  LEU A O   1 
ATOM   550  C CB  . LEU A 1 90  ? 8.120   -0.712  2.728   1.00 8.66  ? 69  LEU A CB  1 
ATOM   551  C CG  . LEU A 1 90  ? 7.547   -2.117  2.823   1.00 9.04  ? 69  LEU A CG  1 
ATOM   552  C CD1 . LEU A 1 90  ? 7.849   -2.668  4.185   1.00 8.55  ? 69  LEU A CD1 1 
ATOM   553  C CD2 . LEU A 1 90  ? 6.054   -2.178  2.496   1.00 10.38 ? 69  LEU A CD2 1 
ATOM   554  N N   . GLU A 1 91  ? 9.435   1.922   1.438   1.00 9.45  ? 70  GLU A N   1 
ATOM   555  C CA  . GLU A 1 91  ? 9.880   3.301   1.588   1.00 9.70  ? 70  GLU A CA  1 
ATOM   556  C C   . GLU A 1 91  ? 9.048   4.200   0.701   1.00 9.12  ? 70  GLU A C   1 
ATOM   557  O O   . GLU A 1 91  ? 8.630   5.305   1.118   1.00 10.09 ? 70  GLU A O   1 
ATOM   558  C CB  . GLU A 1 91  ? 11.395  3.435   1.329   1.00 11.28 ? 70  GLU A CB  1 
ATOM   559  C CG  . GLU A 1 91  ? 12.181  2.927   2.518   1.00 13.31 ? 70  GLU A CG  1 
ATOM   560  C CD  . GLU A 1 91  ? 13.685  2.857   2.289   1.00 19.35 ? 70  GLU A CD  1 
ATOM   561  O OE1 . GLU A 1 91  ? 14.156  3.114   1.171   1.00 24.47 ? 70  GLU A OE1 1 
ATOM   562  O OE2 . GLU A 1 91  ? 14.377  2.472   3.244   1.00 17.51 ? 70  GLU A OE2 1 
ATOM   563  N N   . PHE A 1 92  ? 8.752   3.774   -0.535  1.00 8.98  ? 71  PHE A N   1 
ATOM   564  C CA  . PHE A 1 92  ? 7.900   4.577   -1.409  1.00 8.98  ? 71  PHE A CA  1 
ATOM   565  C C   . PHE A 1 92  ? 6.448   4.697   -0.890  1.00 9.11  ? 71  PHE A C   1 
ATOM   566  O O   . PHE A 1 92  ? 5.854   5.759   -0.872  1.00 9.28  ? 71  PHE A O   1 
ATOM   567  C CB  . PHE A 1 92  ? 7.941   4.014   -2.832  1.00 9.71  ? 71  PHE A CB  1 
ATOM   568  C CG  . PHE A 1 92  ? 7.257   4.894   -3.826  1.00 9.97  ? 71  PHE A CG  1 
ATOM   569  C CD1 . PHE A 1 92  ? 7.789   6.137   -4.131  1.00 9.38  ? 71  PHE A CD1 1 
ATOM   570  C CD2 . PHE A 1 92  ? 6.074   4.500   -4.411  1.00 9.62  ? 71  PHE A CD2 1 
ATOM   571  C CE1 . PHE A 1 92  ? 7.138   6.966   -5.014  1.00 9.93  ? 71  PHE A CE1 1 
ATOM   572  C CE2 . PHE A 1 92  ? 5.428   5.295   -5.327  1.00 10.92 ? 71  PHE A CE2 1 
ATOM   573  C CZ  . PHE A 1 92  ? 5.972   6.541   -5.632  1.00 10.31 ? 71  PHE A CZ  1 
ATOM   574  N N   . PHE A 1 93  ? 5.900   3.592   -0.419  1.00 9.20  ? 72  PHE A N   1 
ATOM   575  C CA  . PHE A 1 93  ? 4.594   3.553   0.240   1.00 9.14  ? 72  PHE A CA  1 
ATOM   576  C C   . PHE A 1 93  ? 4.510   4.617   1.341   1.00 9.65  ? 72  PHE A C   1 
ATOM   577  O O   . PHE A 1 93  ? 3.557   5.380   1.372   1.00 9.22  ? 72  PHE A O   1 
ATOM   578  C CB  . PHE A 1 93  ? 4.392   2.156   0.776   1.00 9.61  ? 72  PHE A CB  1 
ATOM   579  C CG  . PHE A 1 93  ? 3.185   1.947   1.673   1.00 9.77  ? 72  PHE A CG  1 
ATOM   580  C CD1 . PHE A 1 93  ? 1.876   2.078   1.222   1.00 9.32  ? 72  PHE A CD1 1 
ATOM   581  C CD2 . PHE A 1 93  ? 3.392   1.534   2.988   1.00 9.84  ? 72  PHE A CD2 1 
ATOM   582  C CE1 . PHE A 1 93  ? 0.808   1.790   2.076   1.00 10.02 ? 72  PHE A CE1 1 
ATOM   583  C CE2 . PHE A 1 93  ? 2.340   1.258   3.819   1.00 9.39  ? 72  PHE A CE2 1 
ATOM   584  C CZ  . PHE A 1 93  ? 1.049   1.374   3.354   1.00 10.49 ? 72  PHE A CZ  1 
ATOM   585  N N   . PHE A 1 94  ? 5.511   4.666   2.211   1.00 9.32  ? 73  PHE A N   1 
ATOM   586  C CA  . PHE A 1 94  ? 5.496   5.651   3.299   1.00 8.98  ? 73  PHE A CA  1 
ATOM   587  C C   . PHE A 1 94  ? 5.722   7.088   2.823   1.00 10.11 ? 73  PHE A C   1 
ATOM   588  O O   . PHE A 1 94  ? 5.473   8.039   3.568   1.00 10.79 ? 73  PHE A O   1 
ATOM   589  C CB  . PHE A 1 94  ? 6.491   5.271   4.409   1.00 8.57  ? 73  PHE A CB  1 
ATOM   590  C CG  . PHE A 1 94  ? 6.028   4.083   5.226   1.00 7.98  ? 73  PHE A CG  1 
ATOM   591  C CD1 . PHE A 1 94  ? 6.764   2.936   5.300   1.00 8.41  ? 73  PHE A CD1 1 
ATOM   592  C CD2 . PHE A 1 94  ? 4.854   4.158   5.974   1.00 9.74  ? 73  PHE A CD2 1 
ATOM   593  C CE1 . PHE A 1 94  ? 6.341   1.879   6.064   1.00 8.69  ? 73  PHE A CE1 1 
ATOM   594  C CE2 . PHE A 1 94  ? 4.431   3.099   6.727   1.00 9.87  ? 73  PHE A CE2 1 
ATOM   595  C CZ  . PHE A 1 94  ? 5.162   1.963   6.756   1.00 9.63  ? 73  PHE A CZ  1 
ATOM   596  N N   . GLN A 1 95  ? 6.157   7.255   1.588   1.00 10.35 ? 74  GLN A N   1 
ATOM   597  C CA  . GLN A 1 95  ? 6.379   8.561   0.984   1.00 10.65 ? 74  GLN A CA  1 
ATOM   598  C C   . GLN A 1 95  ? 5.133   9.130   0.287   1.00 10.22 ? 74  GLN A C   1 
ATOM   599  O O   . GLN A 1 95  ? 5.064   10.332  0.041   1.00 11.26 ? 74  GLN A O   1 
ATOM   600  C CB  . GLN A 1 95  ? 7.509   8.428   -0.045  1.00 11.96 ? 74  GLN A CB  1 
ATOM   601  C CG  . GLN A 1 95  ? 8.070   9.680   -0.490  1.00 15.56 ? 74  GLN A CG  1 
ATOM   602  C CD  . GLN A 1 95  ? 9.397   9.493   -1.193  1.00 14.82 ? 74  GLN A CD  1 
ATOM   603  O OE1 . GLN A 1 95  ? 9.601   8.494   -1.910  1.00 15.77 ? 74  GLN A OE1 1 
ATOM   604  N NE2 . GLN A 1 95  ? 10.286  10.440  -1.026  1.00 15.69 ? 74  GLN A NE2 1 
ATOM   605  N N   . ILE A 1 96  ? 4.158   8.281   -0.028  1.00 10.11 ? 75  ILE A N   1 
ATOM   606  C CA  . ILE A 1 96  ? 3.008   8.679   -0.826  1.00 9.70  ? 75  ILE A CA  1 
ATOM   607  C C   . ILE A 1 96  ? 1.683   8.744   -0.122  1.00 9.89  ? 75  ILE A C   1 
ATOM   608  O O   . ILE A 1 96  ? 0.713   9.210   -0.709  1.00 10.14 ? 75  ILE A O   1 
ATOM   609  C CB  . ILE A 1 96  ? 2.849   7.818   -2.120  1.00 9.43  ? 75  ILE A CB  1 
ATOM   610  C CG1 . ILE A 1 96  ? 2.486   6.364   -1.769  1.00 9.97  ? 75  ILE A CG1 1 
ATOM   611  C CG2 . ILE A 1 96  ? 4.101   7.906   -2.951  1.00 10.18 ? 75  ILE A CG2 1 
ATOM   612  C CD1 . ILE A 1 96  ? 2.136   5.504   -2.955  1.00 12.27 ? 75  ILE A CD1 1 
ATOM   613  N N   . HIS A 1 97  ? 1.643   8.254   1.123   1.00 9.39  ? 76  HIS A N   1 
ATOM   614  C CA  . HIS A 1 97  ? 0.437   8.366   1.938   1.00 9.89  ? 76  HIS A CA  1 
ATOM   615  C C   . HIS A 1 97  ? 0.884   8.742   3.332   1.00 8.96  ? 76  HIS A C   1 
ATOM   616  O O   . HIS A 1 97  ? 2.029   8.436   3.697   1.00 10.13 ? 76  HIS A O   1 
ATOM   617  C CB  . HIS A 1 97  ? -0.379  7.072   1.943   1.00 10.28 ? 76  HIS A CB  1 
ATOM   618  C CG  . HIS A 1 97  ? 0.019   6.068   2.988   1.00 8.45  ? 76  HIS A CG  1 
ATOM   619  N ND1 . HIS A 1 97  ? 1.226   5.406   2.984   1.00 9.29  ? 76  HIS A ND1 1 
ATOM   620  C CD2 . HIS A 1 97  ? -0.638  5.634   4.092   1.00 9.24  ? 76  HIS A CD2 1 
ATOM   621  C CE1 . HIS A 1 97  ? 1.280   4.583   4.028   1.00 9.61  ? 76  HIS A CE1 1 
ATOM   622  N NE2 . HIS A 1 97  ? 0.156   4.695   4.708   1.00 9.26  ? 76  HIS A NE2 1 
ATOM   623  N N   . ASP A 1 98  ? 0.028   9.434   4.081   1.00 9.66  ? 77  ASP A N   1 
ATOM   624  C CA  . ASP A 1 98  ? 0.330   9.804   5.464   1.00 9.57  ? 77  ASP A CA  1 
ATOM   625  C C   . ASP A 1 98  ? -0.018  8.597   6.337   1.00 10.02 ? 77  ASP A C   1 
ATOM   626  O O   . ASP A 1 98  ? -1.207  8.256   6.461   1.00 10.79 ? 77  ASP A O   1 
ATOM   627  C CB  . ASP A 1 98  ? -0.512  11.003  5.842   1.00 10.20 ? 77  ASP A CB  1 
ATOM   628  C CG  . ASP A 1 98  ? -0.160  11.557  7.172   1.00 11.43 ? 77  ASP A CG  1 
ATOM   629  O OD1 . ASP A 1 98  ? 0.256   10.761  8.062   1.00 10.72 ? 77  ASP A OD1 1 
ATOM   630  O OD2 . ASP A 1 98  ? -0.233  12.809  7.397   1.00 16.11 ? 77  ASP A OD2 1 
ATOM   631  N N   . PRO A 1 99  ? 0.988   7.960   6.943   1.00 9.34  ? 78  PRO A N   1 
ATOM   632  C CA  . PRO A 1 99  ? 0.767   6.739   7.744   1.00 9.68  ? 78  PRO A CA  1 
ATOM   633  C C   . PRO A 1 99  ? 0.424   7.015   9.206   1.00 10.12 ? 78  PRO A C   1 
ATOM   634  O O   . PRO A 1 99  ? 0.509   6.084   10.011  1.00 10.77 ? 78  PRO A O   1 
ATOM   635  C CB  . PRO A 1 99  ? 2.097   6.034   7.651   1.00 9.83  ? 78  PRO A CB  1 
ATOM   636  C CG  . PRO A 1 99  ? 3.071   7.213   7.710   1.00 8.91  ? 78  PRO A CG  1 
ATOM   637  C CD  . PRO A 1 99  ? 2.433   8.295   6.889   1.00 9.49  ? 78  PRO A CD  1 
ATOM   638  N N   . THR A 1 100 ? 0.061   8.261   9.540   1.00 10.55 ? 79  THR A N   1 
ATOM   639  C CA  . THR A 1 100 ? -0.091  8.672   10.932  1.00 10.66 ? 79  THR A CA  1 
ATOM   640  C C   . THR A 1 100 ? -1.534  8.931   11.307  1.00 11.88 ? 79  THR A C   1 
ATOM   641  O O   . THR A 1 100 ? -1.810  9.252   12.467  1.00 12.86 ? 79  THR A O   1 
ATOM   642  C CB  . THR A 1 100 ? 0.763   9.899   11.267  1.00 11.00 ? 79  THR A CB  1 
ATOM   643  O OG1 . THR A 1 100 ? 0.170   11.096  10.711  1.00 12.43 ? 79  THR A OG1 1 
ATOM   644  C CG2 . THR A 1 100 ? 2.201   9.771   10.701  1.00 12.34 ? 79  THR A CG2 1 
ATOM   645  N N   . THR A 1 101 ? -2.451  8.748   10.367  1.00 11.92 ? 80  THR A N   1 
ATOM   646  C CA  . THR A 1 101 ? -3.874  8.997   10.630  1.00 12.96 ? 80  THR A CA  1 
ATOM   647  C C   . THR A 1 101 ? -4.606  7.669   10.688  1.00 12.90 ? 80  THR A C   1 
ATOM   648  O O   . THR A 1 101 ? -4.533  6.850   9.768   1.00 13.08 ? 80  THR A O   1 
ATOM   649  C CB  . THR A 1 101 ? -4.473  9.944   9.586   1.00 12.97 ? 80  THR A CB  1 
ATOM   650  O OG1 . THR A 1 101 ? -4.160  9.472   8.247   1.00 12.37 ? 80  THR A OG1 1 
ATOM   651  C CG2 . THR A 1 101 ? -3.816  11.288  9.686   1.00 13.17 ? 80  THR A CG2 1 
ATOM   652  N N   . LYS A 1 102 ? -5.340  7.450   11.774  1.00 13.83 ? 81  LYS A N   1 
ATOM   653  C CA  . LYS A 1 102 ? -6.015  6.180   12.020  1.00 14.24 ? 81  LYS A CA  1 
ATOM   654  C C   . LYS A 1 102 ? -7.323  6.153   11.230  1.00 14.28 ? 81  LYS A C   1 
ATOM   655  O O   . LYS A 1 102 ? -8.168  7.039   11.382  1.00 14.93 ? 81  LYS A O   1 
ATOM   656  C CB  . LYS A 1 102 ? -6.348  6.004   13.513  1.00 16.03 ? 81  LYS A CB  1 
ATOM   657  C CG  . LYS A 1 102 ? -5.163  5.696   14.385  1.00 21.62 ? 81  LYS A CG  1 
ATOM   658  C CD  . LYS A 1 102 ? -5.618  5.171   15.771  1.00 26.43 ? 81  LYS A CD  1 
ATOM   659  C CE  . LYS A 1 102 ? -6.188  6.276   16.662  1.00 31.03 ? 81  LYS A CE  1 
ATOM   660  N NZ  . LYS A 1 102 ? -6.062  5.858   18.100  1.00 32.66 ? 81  LYS A NZ  1 
ATOM   661  N N   . ASP A 1 103 ? -7.490  5.154   10.375  1.00 13.69 ? 82  ASP A N   1 
ATOM   662  C CA  . ASP A 1 103 ? -8.754  4.945   9.667   1.00 13.50 ? 82  ASP A CA  1 
ATOM   663  C C   . ASP A 1 103 ? -9.177  6.185   8.886   1.00 13.60 ? 82  ASP A C   1 
ATOM   664  O O   . ASP A 1 103 ? -10.347 6.537   8.818   1.00 13.68 ? 82  ASP A O   1 
ATOM   665  C CB  . ASP A 1 103 ? -9.857  4.522   10.645  1.00 14.07 ? 82  ASP A CB  1 
ATOM   666  C CG  . ASP A 1 103 ? -9.557  3.203   11.323  1.00 15.67 ? 82  ASP A CG  1 
ATOM   667  O OD1 . ASP A 1 103 ? -8.885  2.325   10.735  1.00 15.99 ? 82  ASP A OD1 1 
ATOM   668  O OD2 . ASP A 1 103 ? -9.950  2.950   12.496  1.00 16.94 ? 82  ASP A OD2 1 
ATOM   669  N N   . ARG A 1 104 ? -8.197  6.826   8.264   1.00 13.68 ? 83  ARG A N   1 
ATOM   670  C CA  . ARG A 1 104 ? -8.453  7.971   7.419   1.00 14.76 ? 83  ARG A CA  1 
ATOM   671  C C   . ARG A 1 104 ? -7.222  8.224   6.581   1.00 12.58 ? 83  ARG A C   1 
ATOM   672  O O   . ARG A 1 104 ? -6.107  7.919   6.991   1.00 12.84 ? 83  ARG A O   1 
ATOM   673  C CB  . ARG A 1 104 ? -8.821  9.151   8.333   1.00 17.08 ? 83  ARG A CB  1 
ATOM   674  C CG  . ARG A 1 104 ? -8.310  10.490  8.103   1.00 25.16 ? 83  ARG A CG  1 
ATOM   675  C CD  . ARG A 1 104 ? -8.576  11.421  9.328   1.00 30.62 ? 83  ARG A CD  1 
ATOM   676  N NE  . ARG A 1 104 ? -9.621  10.979  10.268  1.00 33.71 ? 83  ARG A NE  1 
ATOM   677  C CZ  . ARG A 1 104 ? -10.045 11.686  11.327  1.00 37.49 ? 83  ARG A CZ  1 
ATOM   678  N NH1 . ARG A 1 104 ? -9.535  12.885  11.622  1.00 37.82 ? 83  ARG A NH1 1 
ATOM   679  N NH2 . ARG A 1 104 ? -10.999 11.188  12.097  1.00 39.52 ? 83  ARG A NH2 1 
ATOM   680  N N   . GLN A 1 105 ? -7.448  8.759   5.393   1.00 12.10 ? 84  GLN A N   1 
ATOM   681  C CA  . GLN A 1 105 ? -6.386  9.274   4.552   1.00 11.36 ? 84  GLN A CA  1 
ATOM   682  C C   . GLN A 1 105 ? -6.862  10.547  3.904   1.00 11.86 ? 84  GLN A C   1 
ATOM   683  O O   . GLN A 1 105 ? -7.813  10.528  3.141   1.00 11.27 ? 84  GLN A O   1 
ATOM   684  C CB  . GLN A 1 105 ? -5.952  8.266   3.489   1.00 11.15 ? 84  GLN A CB  1 
ATOM   685  C CG  . GLN A 1 105 ? -4.760  8.734   2.667   1.00 10.91 ? 84  GLN A CG  1 
ATOM   686  C CD  . GLN A 1 105 ? -3.471  8.958   3.477   1.00 10.08 ? 84  GLN A CD  1 
ATOM   687  O OE1 . GLN A 1 105 ? -2.725  9.883   3.162   1.00 10.72 ? 84  GLN A OE1 1 
ATOM   688  N NE2 . GLN A 1 105 ? -3.185  8.099   4.448   1.00 11.09 ? 84  GLN A NE2 1 
ATOM   689  N N   . GLY A 1 106 ? -6.235  11.659  4.226   1.00 12.34 ? 85  GLY A N   1 
ATOM   690  C CA  . GLY A 1 106 ? -6.715  12.937  3.786   1.00 12.78 ? 85  GLY A CA  1 
ATOM   691  C C   . GLY A 1 106 ? -8.142  13.158  4.313   1.00 13.30 ? 85  GLY A C   1 
ATOM   692  O O   . GLY A 1 106 ? -8.394  12.985  5.495   1.00 14.94 ? 85  GLY A O   1 
ATOM   693  N N   . ASN A 1 107 ? -9.076  13.457  3.406   1.00 14.43 ? 86  ASN A N   1 
ATOM   694  C CA  . ASN A 1 107 ? -10.475 13.624  3.745   1.00 15.88 ? 86  ASN A CA  1 
ATOM   695  C C   . ASN A 1 107 ? -11.294 12.348  3.588   1.00 15.27 ? 86  ASN A C   1 
ATOM   696  O O   . ASN A 1 107 ? -12.503 12.360  3.806   1.00 17.72 ? 86  ASN A O   1 
ATOM   697  C CB  . ASN A 1 107 ? -11.089 14.732  2.863   1.00 17.91 ? 86  ASN A CB  1 
ATOM   698  C CG  . ASN A 1 107 ? -10.512 16.100  3.172   1.00 23.21 ? 86  ASN A CG  1 
ATOM   699  O OD1 . ASN A 1 107 ? -10.276 16.432  4.320   1.00 29.82 ? 86  ASN A OD1 1 
ATOM   700  N ND2 . ASN A 1 107 ? -10.297 16.892  2.137   1.00 31.40 ? 86  ASN A ND2 1 
ATOM   701  N N   . ASP A 1 108 ? -10.653 11.237  3.232   1.00 13.32 ? 87  ASP A N   1 
ATOM   702  C CA  . ASP A 1 108 ? -11.331 9.952   3.175   1.00 13.75 ? 87  ASP A CA  1 
ATOM   703  C C   . ASP A 1 108 ? -11.324 9.301   4.549   1.00 13.86 ? 87  ASP A C   1 
ATOM   704  O O   . ASP A 1 108 ? -10.283 8.956   5.042   1.00 14.88 ? 87  ASP A O   1 
ATOM   705  C CB  . ASP A 1 108 ? -10.654 9.066   2.133   1.00 12.76 ? 87  ASP A CB  1 
ATOM   706  C CG  . ASP A 1 108 ? -10.721 9.654   0.756   1.00 14.22 ? 87  ASP A CG  1 
ATOM   707  O OD1 . ASP A 1 108 ? -11.836 10.079  0.354   1.00 16.19 ? 87  ASP A OD1 1 
ATOM   708  O OD2 . ASP A 1 108 ? -9.731  9.789   0.026   1.00 14.64 ? 87  ASP A OD2 1 
ATOM   709  N N   . ARG A 1 109 ? -12.503 9.148   5.163   1.00 14.95 ? 88  ARG A N   1 
ATOM   710  C CA  . ARG A 1 109 ? -12.633 8.665   6.518   1.00 15.11 ? 88  ARG A CA  1 
ATOM   711  C C   . ARG A 1 109 ? -13.309 7.300   6.576   1.00 13.73 ? 88  ARG A C   1 
ATOM   712  O O   . ARG A 1 109 ? -14.385 7.075   5.973   1.00 14.33 ? 88  ARG A O   1 
ATOM   713  C CB  . ARG A 1 109 ? -13.483 9.643   7.313   1.00 16.81 ? 88  ARG A CB  1 
ATOM   714  C CG  . ARG A 1 109 ? -12.916 11.040  7.336   1.00 22.35 ? 88  ARG A CG  1 
ATOM   715  C CD  . ARG A 1 109 ? -13.822 12.029  8.097   1.00 31.80 ? 88  ARG A CD  1 
ATOM   716  N NE  . ARG A 1 109 ? -13.412 13.427  7.913   1.00 39.06 ? 88  ARG A NE  1 
ATOM   717  C CZ  . ARG A 1 109 ? -14.235 14.483  7.993   1.00 44.32 ? 88  ARG A CZ  1 
ATOM   718  N NH1 . ARG A 1 109 ? -15.535 14.326  8.252   1.00 45.26 ? 88  ARG A NH1 1 
ATOM   719  N NH2 . ARG A 1 109 ? -13.750 15.717  7.814   1.00 46.91 ? 88  ARG A NH2 1 
ATOM   720  N N   . GLY A 1 110 ? -12.686 6.387   7.312   1.00 13.16 ? 89  GLY A N   1 
ATOM   721  C CA  . GLY A 1 110 ? -13.219 5.083   7.600   1.00 13.43 ? 89  GLY A CA  1 
ATOM   722  C C   . GLY A 1 110 ? -12.176 3.993   7.523   1.00 13.12 ? 89  GLY A C   1 
ATOM   723  O O   . GLY A 1 110 ? -11.069 4.208   7.000   1.00 12.72 ? 89  GLY A O   1 
ATOM   724  N N   . THR A 1 111 ? -12.524 2.795   8.009   1.00 12.79 ? 90  THR A N   1 
ATOM   725  C CA  . THR A 1 111 ? -11.593 1.658   7.981   1.00 13.35 ? 90  THR A CA  1 
ATOM   726  C C   . THR A 1 111 ? -11.202 1.259   6.568   1.00 12.08 ? 90  THR A C   1 
ATOM   727  O O   . THR A 1 111 ? -10.158 0.639   6.358   1.00 12.10 ? 90  THR A O   1 
ATOM   728  C CB  . THR A 1 111 ? -12.136 0.440   8.734   1.00 14.27 ? 90  THR A CB  1 
ATOM   729  O OG1 . THR A 1 111 ? -13.469 0.161   8.279   1.00 15.48 ? 90  THR A OG1 1 
ATOM   730  C CG2 . THR A 1 111 ? -12.253 0.751   10.212  1.00 16.37 ? 90  THR A CG2 1 
ATOM   731  N N   . SER A 1 112 ? -12.002 1.658   5.583   1.00 12.50 ? 91  SER A N   1 
ATOM   732  C CA  . SER A 1 112 ? -11.698 1.402   4.175   1.00 12.41 ? 91  SER A CA  1 
ATOM   733  C C   . SER A 1 112 ? -10.369 2.010   3.762   1.00 12.36 ? 91  SER A C   1 
ATOM   734  O O   . SER A 1 112 ? -9.766  1.589   2.790   1.00 12.64 ? 91  SER A O   1 
ATOM   735  C CB  . SER A 1 112 ? -12.763 1.986   3.234   1.00 13.37 ? 91  SER A CB  1 
ATOM   736  O OG  . SER A 1 112 ? -14.035 1.357   3.405   1.00 14.80 ? 91  SER A OG  1 
ATOM   737  N N   . TYR A 1 113 ? -9.964  3.045   4.481   1.00 11.02 ? 92  TYR A N   1 
ATOM   738  C CA  . TYR A 1 113 ? -8.880  3.927   4.064   1.00 9.59  ? 92  TYR A CA  1 
ATOM   739  C C   . TYR A 1 113 ? -7.666  3.819   4.984   1.00 9.58  ? 92  TYR A C   1 
ATOM   740  O O   . TYR A 1 113 ? -6.754  4.635   4.885   1.00 10.88 ? 92  TYR A O   1 
ATOM   741  C CB  . TYR A 1 113 ? -9.371  5.383   4.011   1.00 10.38 ? 92  TYR A CB  1 
ATOM   742  C CG  . TYR A 1 113 ? -10.616 5.544   3.163   1.00 11.05 ? 92  TYR A CG  1 
ATOM   743  C CD1 . TYR A 1 113 ? -10.591 5.310   1.806   1.00 11.12 ? 92  TYR A CD1 1 
ATOM   744  C CD2 . TYR A 1 113 ? -11.810 5.884   3.738   1.00 11.93 ? 92  TYR A CD2 1 
ATOM   745  C CE1 . TYR A 1 113 ? -11.730 5.442   1.031   1.00 11.61 ? 92  TYR A CE1 1 
ATOM   746  C CE2 . TYR A 1 113 ? -12.946 6.017   2.990   1.00 13.75 ? 92  TYR A CE2 1 
ATOM   747  C CZ  . TYR A 1 113 ? -12.910 5.795   1.650   1.00 12.63 ? 92  TYR A CZ  1 
ATOM   748  O OH  . TYR A 1 113 ? -14.085 5.942   0.915   1.00 15.16 ? 92  TYR A OH  1 
ATOM   749  N N   . ARG A 1 114 ? -7.640  2.814   5.828   1.00 10.20 ? 93  ARG A N   1 
ATOM   750  C CA  . ARG A 1 114 ? -6.585  2.690   6.820   1.00 10.25 ? 93  ARG A CA  1 
ATOM   751  C C   . ARG A 1 114 ? -5.264  2.255   6.195   1.00 10.48 ? 93  ARG A C   1 
ATOM   752  O O   . ARG A 1 114 ? -5.198  1.633   5.134   1.00 10.09 ? 93  ARG A O   1 
ATOM   753  C CB  . ARG A 1 114 ? -6.943  1.685   7.889   1.00 10.82 ? 93  ARG A CB  1 
ATOM   754  C CG  . ARG A 1 114 ? -6.956  0.215   7.429   1.00 11.55 ? 93  ARG A CG  1 
ATOM   755  C CD  . ARG A 1 114 ? -7.439  -0.683  8.573   1.00 11.85 ? 93  ARG A CD  1 
ATOM   756  N NE  . ARG A 1 114 ? -7.519  -2.120  8.324   1.00 13.88 ? 93  ARG A NE  1 
ATOM   757  C CZ  . ARG A 1 114 ? -8.578  -2.717  7.807   1.00 12.68 ? 93  ARG A CZ  1 
ATOM   758  N NH1 . ARG A 1 114 ? -9.592  -2.014  7.354   1.00 12.79 ? 93  ARG A NH1 1 
ATOM   759  N NH2 . ARG A 1 114 ? -8.604  -4.035  7.707   1.00 15.56 ? 93  ARG A NH2 1 
ATOM   760  N N   . SER A 1 115 ? -4.189  2.569   6.892   1.00 10.14 ? 94  SER A N   1 
ATOM   761  C CA  . SER A 1 115 ? -2.841  2.210   6.477   1.00 10.05 ? 94  SER A CA  1 
ATOM   762  C C   . SER A 1 115 ? -2.518  0.807   6.972   1.00 10.10 ? 94  SER A C   1 
ATOM   763  O O   . SER A 1 115 ? -2.629  0.515   8.176   1.00 10.52 ? 94  SER A O   1 
ATOM   764  C CB  . SER A 1 115 ? -1.845  3.233   7.051   1.00 9.90  ? 94  SER A CB  1 
ATOM   765  O OG  . SER A 1 115 ? -0.512  2.914   6.687   1.00 9.98  ? 94  SER A OG  1 
ATOM   766  N N   . ALA A 1 116 ? -2.088  -0.044  6.045   1.00 9.51  ? 95  ALA A N   1 
ATOM   767  C CA  . ALA A 1 116 ? -1.763  -1.422  6.371   1.00 9.94  ? 95  ALA A CA  1 
ATOM   768  C C   . ALA A 1 116 ? -0.768  -2.018  5.427   1.00 9.35  ? 95  ALA A C   1 
ATOM   769  O O   . ALA A 1 116 ? -0.760  -1.675  4.240   1.00 9.41  ? 95  ALA A O   1 
ATOM   770  C CB  . ALA A 1 116 ? -3.039  -2.275  6.383   1.00 10.23 ? 95  ALA A CB  1 
ATOM   771  N N   . ILE A 1 117 ? 0.069   -2.908  5.962   1.00 9.59  ? 96  ILE A N   1 
ATOM   772  C CA  . ILE A 1 117 ? 0.980   -3.751  5.191   1.00 9.42  ? 96  ILE A CA  1 
ATOM   773  C C   . ILE A 1 117 ? 0.581   -5.197  5.506   1.00 9.89  ? 96  ILE A C   1 
ATOM   774  O O   . ILE A 1 117 ? 0.616   -5.608  6.664   1.00 11.02 ? 96  ILE A O   1 
ATOM   775  C CB  . ILE A 1 117 ? 2.465   -3.506  5.608   1.00 10.18 ? 96  ILE A CB  1 
ATOM   776  C CG1 . ILE A 1 117 ? 2.874   -2.048  5.310   1.00 9.57  ? 96  ILE A CG1 1 
ATOM   777  C CG2 . ILE A 1 117 ? 3.397   -4.543  4.917   1.00 12.19 ? 96  ILE A CG2 1 
ATOM   778  C CD1 . ILE A 1 117 ? 4.171   -1.646  5.955   1.00 10.01 ? 96  ILE A CD1 1 
ATOM   779  N N   . PHE A 1 118 ? 0.171   -5.946  4.486   1.00 10.73 ? 97  PHE A N   1 
ATOM   780  C CA  . PHE A 1 118 ? -0.266  -7.313  4.653   1.00 10.63 ? 97  PHE A CA  1 
ATOM   781  C C   . PHE A 1 118 ? 0.829   -8.203  4.127   1.00 10.90 ? 97  PHE A C   1 
ATOM   782  O O   . PHE A 1 118 ? 1.052   -8.257  2.923   1.00 11.38 ? 97  PHE A O   1 
ATOM   783  C CB  . PHE A 1 118 ? -1.608  -7.517  3.919   1.00 10.91 ? 97  PHE A CB  1 
ATOM   784  C CG  . PHE A 1 118 ? -2.740  -6.706  4.488   1.00 11.14 ? 97  PHE A CG  1 
ATOM   785  C CD1 . PHE A 1 118 ? -3.410  -5.789  3.722   1.00 13.06 ? 97  PHE A CD1 1 
ATOM   786  C CD2 . PHE A 1 118 ? -3.158  -6.892  5.779   1.00 15.18 ? 97  PHE A CD2 1 
ATOM   787  C CE1 . PHE A 1 118 ? -4.456  -5.041  4.232   1.00 14.66 ? 97  PHE A CE1 1 
ATOM   788  C CE2 . PHE A 1 118 ? -4.228  -6.125  6.293   1.00 16.20 ? 97  PHE A CE2 1 
ATOM   789  C CZ  . PHE A 1 118 ? -4.846  -5.203  5.500   1.00 13.65 ? 97  PHE A CZ  1 
ATOM   790  N N   . TYR A 1 119 ? 1.540   -8.882  5.035   1.00 11.09 ? 98  TYR A N   1 
ATOM   791  C CA  . TYR A 1 119 ? 2.749   -9.593  4.693   1.00 11.37 ? 98  TYR A CA  1 
ATOM   792  C C   . TYR A 1 119 ? 2.498   -11.062 4.305   1.00 11.93 ? 98  TYR A C   1 
ATOM   793  O O   . TYR A 1 119 ? 1.623   -11.715 4.875   1.00 13.06 ? 98  TYR A O   1 
ATOM   794  C CB  . TYR A 1 119 ? 3.747   -9.523  5.846   1.00 12.25 ? 98  TYR A CB  1 
ATOM   795  C CG  . TYR A 1 119 ? 3.301   -10.122 7.154   1.00 11.41 ? 98  TYR A CG  1 
ATOM   796  C CD1 . TYR A 1 119 ? 3.462   -11.486 7.412   1.00 11.44 ? 98  TYR A CD1 1 
ATOM   797  C CD2 . TYR A 1 119 ? 2.789   -9.330  8.142   1.00 12.04 ? 98  TYR A CD2 1 
ATOM   798  C CE1 . TYR A 1 119 ? 3.078   -12.025 8.613   1.00 12.76 ? 98  TYR A CE1 1 
ATOM   799  C CE2 . TYR A 1 119 ? 2.421   -9.859  9.369   1.00 12.72 ? 98  TYR A CE2 1 
ATOM   800  C CZ  . TYR A 1 119 ? 2.586   -11.205 9.587   1.00 15.40 ? 98  TYR A CZ  1 
ATOM   801  O OH  . TYR A 1 119 ? 2.184   -11.690 10.818  1.00 18.81 ? 98  TYR A OH  1 
ATOM   802  N N   . PHE A 1 120 ? 3.281   -11.551 3.366   1.00 13.74 ? 99  PHE A N   1 
ATOM   803  C CA  . PHE A 1 120 ? 3.108   -12.913 2.869   1.00 13.36 ? 99  PHE A CA  1 
ATOM   804  C C   . PHE A 1 120 ? 4.023   -13.894 3.558   1.00 14.54 ? 99  PHE A C   1 
ATOM   805  O O   . PHE A 1 120 ? 3.861   -15.121 3.389   1.00 15.80 ? 99  PHE A O   1 
ATOM   806  C CB  . PHE A 1 120 ? 3.364   -12.929 1.380   1.00 13.48 ? 99  PHE A CB  1 
ATOM   807  C CG  . PHE A 1 120 ? 2.240   -12.393 0.584   1.00 13.98 ? 99  PHE A CG  1 
ATOM   808  C CD1 . PHE A 1 120 ? 2.247   -11.098 0.106   1.00 14.38 ? 99  PHE A CD1 1 
ATOM   809  C CD2 . PHE A 1 120 ? 1.136   -13.183 0.332   1.00 16.67 ? 99  PHE A CD2 1 
ATOM   810  C CE1 . PHE A 1 120 ? 1.167   -10.598 -0.620  1.00 16.34 ? 99  PHE A CE1 1 
ATOM   811  C CE2 . PHE A 1 120 ? 0.050   -12.688 -0.372  1.00 19.12 ? 99  PHE A CE2 1 
ATOM   812  C CZ  . PHE A 1 120 ? 0.070   -11.390 -0.869  1.00 17.50 ? 99  PHE A CZ  1 
ATOM   813  N N   . ASP A 1 121 ? 5.027   -13.407 4.271   1.00 14.28 ? 100 ASP A N   1 
ATOM   814  C CA  . ASP A 1 121 ? 6.012   -14.291 4.902   1.00 14.46 ? 100 ASP A CA  1 
ATOM   815  C C   . ASP A 1 121 ? 6.694   -13.534 6.037   1.00 14.01 ? 100 ASP A C   1 
ATOM   816  O O   . ASP A 1 121 ? 6.522   -12.325 6.182   1.00 12.20 ? 100 ASP A O   1 
ATOM   817  C CB  . ASP A 1 121 ? 7.000   -14.875 3.907   1.00 14.66 ? 100 ASP A CB  1 
ATOM   818  C CG  . ASP A 1 121 ? 7.730   -13.833 3.112   1.00 18.37 ? 100 ASP A CG  1 
ATOM   819  O OD1 . ASP A 1 121 ? 7.763   -13.972 1.872   1.00 22.52 ? 100 ASP A OD1 1 
ATOM   820  O OD2 . ASP A 1 121 ? 8.308   -12.866 3.622   1.00 17.06 ? 100 ASP A OD2 1 
ATOM   821  N N   . GLU A 1 122 ? 7.420   -14.260 6.883   1.00 13.75 ? 101 GLU A N   1 
ATOM   822  C CA  . GLU A 1 122 ? 8.091   -13.686 8.023   1.00 14.60 ? 101 GLU A CA  1 
ATOM   823  C C   . GLU A 1 122 ? 9.114   -12.629 7.633   1.00 13.53 ? 101 GLU A C   1 
ATOM   824  O O   . GLU A 1 122 ? 9.284   -11.667 8.386   1.00 14.06 ? 101 GLU A O   1 
ATOM   825  C CB  . GLU A 1 122 ? 8.789   -14.778 8.820   1.00 15.45 ? 101 GLU A CB  1 
ATOM   826  C CG  . GLU A 1 122 ? 9.406   -14.309 10.122  1.00 20.67 ? 101 GLU A CG  1 
ATOM   827  C CD  . GLU A 1 122 ? 8.398   -14.014 11.222  1.00 25.28 ? 101 GLU A CD  1 
ATOM   828  O OE1 . GLU A 1 122 ? 7.173   -14.275 11.057  1.00 26.56 ? 101 GLU A OE1 1 
ATOM   829  O OE2 . GLU A 1 122 ? 8.872   -13.526 12.280  1.00 29.51 ? 101 GLU A OE2 1 
ATOM   830  N N   . GLN A 1 123 ? 9.800   -12.799 6.518   1.00 13.86 ? 102 GLN A N   1 
ATOM   831  C CA  . GLN A 1 123 ? 10.763  -11.764 6.096   1.00 13.47 ? 102 GLN A CA  1 
ATOM   832  C C   . GLN A 1 123 ? 10.055  -10.419 5.806   1.00 13.04 ? 102 GLN A C   1 
ATOM   833  O O   . GLN A 1 123 ? 10.510  -9.350  6.258   1.00 12.88 ? 102 GLN A O   1 
ATOM   834  C CB  . GLN A 1 123 ? 11.604  -12.195 4.895   1.00 14.80 ? 102 GLN A CB  1 
ATOM   835  C CG  . GLN A 1 123 ? 12.685  -11.150 4.589   1.00 17.34 ? 102 GLN A CG  1 
ATOM   836  C CD  . GLN A 1 123 ? 13.548  -11.466 3.391   1.00 18.90 ? 102 GLN A CD  1 
ATOM   837  O OE1 . GLN A 1 123 ? 13.043  -11.857 2.329   1.00 21.77 ? 102 GLN A OE1 1 
ATOM   838  N NE2 . GLN A 1 123 ? 14.845  -11.263 3.543   1.00 18.89 ? 102 GLN A NE2 1 
ATOM   839  N N   . GLN A 1 124 ? 8.948   -10.450 5.083   1.00 11.75 ? 103 GLN A N   1 
ATOM   840  C CA  . GLN A 1 124 ? 8.186   -9.230  4.823   1.00 10.95 ? 103 GLN A CA  1 
ATOM   841  C C   . GLN A 1 124 ? 7.726   -8.592  6.143   1.00 10.46 ? 103 GLN A C   1 
ATOM   842  O O   . GLN A 1 124 ? 7.818   -7.385  6.316   1.00 11.04 ? 103 GLN A O   1 
ATOM   843  C CB  . GLN A 1 124 ? 6.993   -9.505  3.948   1.00 10.20 ? 103 GLN A CB  1 
ATOM   844  C CG  . GLN A 1 124 ? 7.351   -9.788  2.475   1.00 9.74  ? 103 GLN A CG  1 
ATOM   845  C CD  . GLN A 1 124 ? 6.169   -9.743  1.539   1.00 11.50 ? 103 GLN A CD  1 
ATOM   846  O OE1 . GLN A 1 124 ? 5.013   -9.717  1.979   1.00 12.28 ? 103 GLN A OE1 1 
ATOM   847  N NE2 . GLN A 1 124 ? 6.444   -9.741  0.223   1.00 13.80 ? 103 GLN A NE2 1 
ATOM   848  N N   . LYS A 1 125 ? 7.225   -9.410  7.062   1.00 10.95 ? 104 LYS A N   1 
ATOM   849  C CA  . LYS A 1 125 ? 6.840   -8.883  8.382   1.00 10.14 ? 104 LYS A CA  1 
ATOM   850  C C   . LYS A 1 125 ? 8.020   -8.143  9.021   1.00 10.72 ? 104 LYS A C   1 
ATOM   851  O O   . LYS A 1 125 ? 7.873   -7.021  9.513   1.00 10.54 ? 104 LYS A O   1 
ATOM   852  C CB  . LYS A 1 125 ? 6.392   -10.003 9.347   1.00 10.47 ? 104 LYS A CB  1 
ATOM   853  C CG  . LYS A 1 125 ? 6.001   -9.515  10.718  1.00 12.36 ? 104 LYS A CG  1 
ATOM   854  C CD  . LYS A 1 125 ? 5.718   -10.676 11.653  1.00 14.16 ? 104 LYS A CD  1 
ATOM   855  C CE  . LYS A 1 125 ? 5.231   -10.202 12.991  1.00 18.26 ? 104 LYS A CE  1 
ATOM   856  N NZ  . LYS A 1 125 ? 4.868   -11.385 13.862  1.00 21.35 ? 104 LYS A NZ  1 
ATOM   857  N N   . ARG A 1 126 ? 9.175   -8.788  9.048   1.00 11.34 ? 105 ARG A N   1 
ATOM   858  C CA  . ARG A 1 126 ? 10.345  -8.198  9.714   1.00 12.46 ? 105 ARG A CA  1 
ATOM   859  C C   . ARG A 1 126 ? 10.791  -6.905  9.024   1.00 12.18 ? 105 ARG A C   1 
ATOM   860  O O   . ARG A 1 126 ? 11.070  -5.888  9.680   1.00 12.22 ? 105 ARG A O   1 
ATOM   861  C CB  . ARG A 1 126 ? 11.483  -9.209  9.806   1.00 13.40 ? 105 ARG A CB  1 
ATOM   862  C CG  . ARG A 1 126 ? 11.178  -10.345 10.778  1.00 19.16 ? 105 ARG A CG  1 
ATOM   863  C CD  . ARG A 1 126 ? 12.333  -11.297 11.084  1.00 27.15 ? 105 ARG A CD  1 
ATOM   864  N NE  . ARG A 1 126 ? 11.862  -12.471 11.837  1.00 33.65 ? 105 ARG A NE  1 
ATOM   865  C CZ  . ARG A 1 126 ? 12.620  -13.516 12.191  1.00 38.63 ? 105 ARG A CZ  1 
ATOM   866  N NH1 . ARG A 1 126 ? 13.923  -13.559 11.889  1.00 40.96 ? 105 ARG A NH1 1 
ATOM   867  N NH2 . ARG A 1 126 ? 12.064  -14.521 12.864  1.00 40.85 ? 105 ARG A NH2 1 
ATOM   868  N N   . ILE A 1 127 ? 10.824  -6.931  7.690   1.00 11.07 ? 106 ILE A N   1 
ATOM   869  C CA  . ILE A 1 127 ? 11.231  -5.757  6.933   1.00 10.92 ? 106 ILE A CA  1 
ATOM   870  C C   . ILE A 1 127 ? 10.221  -4.629  7.186   1.00 10.85 ? 106 ILE A C   1 
ATOM   871  O O   . ILE A 1 127 ? 10.600  -3.458  7.352   1.00 10.87 ? 106 ILE A O   1 
ATOM   872  C CB  . ILE A 1 127 ? 11.408  -6.079  5.427   1.00 10.63 ? 106 ILE A CB  1 
ATOM   873  C CG1 . ILE A 1 127 ? 12.603  -7.008  5.230   1.00 12.76 ? 106 ILE A CG1 1 
ATOM   874  C CG2 . ILE A 1 127 ? 11.614  -4.786  4.616   1.00 10.41 ? 106 ILE A CG2 1 
ATOM   875  C CD1 . ILE A 1 127 ? 12.703  -7.589  3.820   1.00 13.08 ? 106 ILE A CD1 1 
ATOM   876  N N   . ALA A 1 128 ? 8.937   -4.953  7.238   1.00 10.00 ? 107 ALA A N   1 
ATOM   877  C CA  . ALA A 1 128 ? 7.909   -3.946  7.479   1.00 10.51 ? 107 ALA A CA  1 
ATOM   878  C C   . ALA A 1 128 ? 8.126   -3.264  8.842   1.00 9.73  ? 107 ALA A C   1 
ATOM   879  O O   . ALA A 1 128 ? 8.064   -2.050  8.931   1.00 9.77  ? 107 ALA A O   1 
ATOM   880  C CB  . ALA A 1 128 ? 6.542   -4.559  7.376   1.00 11.11 ? 107 ALA A CB  1 
ATOM   881  N N   . LEU A 1 129 ? 8.358   -4.073  9.867   1.00 10.62 ? 108 LEU A N   1 
ATOM   882  C CA  . LEU A 1 129 ? 8.549   -3.533  11.211  1.00 10.76 ? 108 LEU A CA  1 
ATOM   883  C C   . LEU A 1 129 ? 9.849   -2.731  11.301  1.00 10.66 ? 108 LEU A C   1 
ATOM   884  O O   . LEU A 1 129 ? 9.871   -1.646  11.932  1.00 11.35 ? 108 LEU A O   1 
ATOM   885  C CB  . LEU A 1 129 ? 8.469   -4.664  12.246  1.00 11.68 ? 108 LEU A CB  1 
ATOM   886  C CG  . LEU A 1 129 ? 7.112   -5.339  12.360  1.00 11.66 ? 108 LEU A CG  1 
ATOM   887  C CD1 . LEU A 1 129 ? 7.276   -6.610  13.125  1.00 13.82 ? 108 LEU A CD1 1 
ATOM   888  C CD2 . LEU A 1 129 ? 6.121   -4.416  12.980  1.00 12.25 ? 108 LEU A CD2 1 
ATOM   889  N N   . ASP A 1 130 ? 10.904  -3.237  10.682  1.00 10.54 ? 109 ASP A N   1 
ATOM   890  C CA  . ASP A 1 130 ? 12.158  -2.509  10.637  1.00 11.54 ? 109 ASP A CA  1 
ATOM   891  C C   . ASP A 1 130 ? 11.978  -1.153  9.937   1.00 11.97 ? 109 ASP A C   1 
ATOM   892  O O   . ASP A 1 130 ? 12.538  -0.118  10.369  1.00 11.57 ? 109 ASP A O   1 
ATOM   893  C CB  A ASP A 1 130 ? 13.235  -3.262  9.822   0.50 11.86 ? 109 ASP A CB  1 
ATOM   894  C CB  B ASP A 1 130 ? 13.264  -3.337  10.027  0.50 11.72 ? 109 ASP A CB  1 
ATOM   895  C CG  A ASP A 1 130 ? 13.949  -4.342  10.591  0.50 13.80 ? 109 ASP A CG  1 
ATOM   896  C CG  B ASP A 1 130 ? 14.577  -2.678  10.179  0.50 15.47 ? 109 ASP A CG  1 
ATOM   897  O OD1 A ASP A 1 130 ? 13.749  -4.478  11.804  0.50 18.44 ? 109 ASP A OD1 1 
ATOM   898  O OD1 B ASP A 1 130 ? 14.997  -2.446  11.343  0.50 17.57 ? 109 ASP A OD1 1 
ATOM   899  O OD2 A ASP A 1 130 ? 14.743  -5.123  10.050  0.50 16.29 ? 109 ASP A OD2 1 
ATOM   900  O OD2 B ASP A 1 130 ? 15.223  -2.329  9.189   0.50 19.86 ? 109 ASP A OD2 1 
ATOM   901  N N   . THR A 1 131 ? 11.215  -1.137  8.852   1.00 11.30 ? 110 THR A N   1 
ATOM   902  C CA  . THR A 1 131 ? 10.997  0.106   8.110   1.00 10.85 ? 110 THR A CA  1 
ATOM   903  C C   . THR A 1 131 ? 10.243  1.105   8.959   1.00 10.70 ? 110 THR A C   1 
ATOM   904  O O   . THR A 1 131 ? 10.591  2.278   9.021   1.00 11.34 ? 110 THR A O   1 
ATOM   905  C CB  . THR A 1 131 ? 10.280  -0.185  6.796   1.00 11.27 ? 110 THR A CB  1 
ATOM   906  O OG1 . THR A 1 131 ? 11.082  -1.084  6.003   1.00 10.79 ? 110 THR A OG1 1 
ATOM   907  C CG2 . THR A 1 131 ? 10.156  1.100   5.944   1.00 12.07 ? 110 THR A CG2 1 
ATOM   908  N N   . ILE A 1 132 ? 9.192   0.644   9.641   1.00 10.34 ? 111 ILE A N   1 
ATOM   909  C CA  . ILE A 1 132 ? 8.433   1.512   10.535  1.00 10.08 ? 111 ILE A CA  1 
ATOM   910  C C   . ILE A 1 132 ? 9.307   2.055   11.648  1.00 10.13 ? 111 ILE A C   1 
ATOM   911  O O   . ILE A 1 132 ? 9.205   3.247   11.962  1.00 9.98  ? 111 ILE A O   1 
ATOM   912  C CB  . ILE A 1 132 ? 7.213   0.788   11.119  1.00 9.50  ? 111 ILE A CB  1 
ATOM   913  C CG1 . ILE A 1 132 ? 6.190   0.579   10.005  1.00 10.26 ? 111 ILE A CG1 1 
ATOM   914  C CG2 . ILE A 1 132 ? 6.637   1.538   12.285  1.00 10.35 ? 111 ILE A CG2 1 
ATOM   915  C CD1 . ILE A 1 132 ? 5.124   -0.438  10.289  1.00 11.66 ? 111 ILE A CD1 1 
ATOM   916  N N   . ALA A 1 133 ? 10.211  1.236   12.173  1.00 10.17 ? 112 ALA A N   1 
ATOM   917  C CA  . ALA A 1 133 ? 11.135  1.727   13.209  1.00 10.40 ? 112 ALA A CA  1 
ATOM   918  C C   . ALA A 1 133 ? 12.024  2.854   12.699  1.00 10.76 ? 112 ALA A C   1 
ATOM   919  O O   . ALA A 1 133 ? 12.227  3.858   13.383  1.00 11.13 ? 112 ALA A O   1 
ATOM   920  C CB  . ALA A 1 133 ? 11.976  0.563   13.780  1.00 11.35 ? 112 ALA A CB  1 
ATOM   921  N N   . ASP A 1 134 ? 12.533  2.715   11.486  1.00 10.81 ? 113 ASP A N   1 
ATOM   922  C CA  . ASP A 1 134 ? 13.357  3.742   10.880  1.00 10.82 ? 113 ASP A CA  1 
ATOM   923  C C   . ASP A 1 134 ? 12.543  5.009   10.583  1.00 10.70 ? 113 ASP A C   1 
ATOM   924  O O   . ASP A 1 134 ? 13.022  6.115   10.795  1.00 10.61 ? 113 ASP A O   1 
ATOM   925  C CB  . ASP A 1 134 ? 13.965  3.216   9.589   1.00 11.54 ? 113 ASP A CB  1 
ATOM   926  C CG  . ASP A 1 134 ? 15.103  2.272   9.816   1.00 15.58 ? 113 ASP A CG  1 
ATOM   927  O OD1 . ASP A 1 134 ? 15.614  2.151   10.962  1.00 16.02 ? 113 ASP A OD1 1 
ATOM   928  O OD2 . ASP A 1 134 ? 15.566  1.619   8.852   1.00 18.60 ? 113 ASP A OD2 1 
ATOM   929  N N   . VAL A 1 135 ? 11.316  4.853   10.088  1.00 9.69  ? 114 VAL A N   1 
ATOM   930  C CA  . VAL A 1 135 ? 10.440  5.994   9.825   1.00 10.73 ? 114 VAL A CA  1 
ATOM   931  C C   . VAL A 1 135 ? 10.235  6.767   11.136  1.00 10.62 ? 114 VAL A C   1 
ATOM   932  O O   . VAL A 1 135 ? 10.396  7.977   11.168  1.00 11.01 ? 114 VAL A O   1 
ATOM   933  C CB  . VAL A 1 135 ? 9.094   5.514   9.218   1.00 11.16 ? 114 VAL A CB  1 
ATOM   934  C CG1 . VAL A 1 135 ? 8.050   6.580   9.279   1.00 11.21 ? 114 VAL A CG1 1 
ATOM   935  C CG2 . VAL A 1 135 ? 9.330   4.998   7.796   1.00 13.30 ? 114 VAL A CG2 1 
ATOM   936  N N   . GLU A 1 136 ? 9.893   6.069   12.210  1.00 10.93 ? 115 GLU A N   1 
ATOM   937  C CA  . GLU A 1 136 ? 9.659   6.726   13.477  1.00 12.03 ? 115 GLU A CA  1 
ATOM   938  C C   . GLU A 1 136 ? 10.883  7.419   13.999  1.00 12.27 ? 115 GLU A C   1 
ATOM   939  O O   . GLU A 1 136 ? 10.781  8.556   14.510  1.00 13.29 ? 115 GLU A O   1 
ATOM   940  C CB  . GLU A 1 136 ? 9.129   5.726   14.502  1.00 13.07 ? 115 GLU A CB  1 
ATOM   941  C CG  A GLU A 1 136 ? 7.690   5.440   14.096  0.50 12.69 ? 115 GLU A CG  1 
ATOM   942  C CG  B GLU A 1 136 ? 7.745   5.226   14.191  0.50 16.56 ? 115 GLU A CG  1 
ATOM   943  C CD  A GLU A 1 136 ? 6.869   4.659   15.081  0.50 7.85  ? 115 GLU A CD  1 
ATOM   944  C CD  B GLU A 1 136 ? 6.700   6.028   14.899  0.50 19.43 ? 115 GLU A CD  1 
ATOM   945  O OE1 A GLU A 1 136 ? 7.388   3.772   15.792  0.50 14.52 ? 115 GLU A OE1 1 
ATOM   946  O OE1 B GLU A 1 136 ? 6.957   7.231   15.168  0.50 23.20 ? 115 GLU A OE1 1 
ATOM   947  O OE2 A GLU A 1 136 ? 5.671   4.902   15.073  0.50 11.41 ? 115 GLU A OE2 1 
ATOM   948  O OE2 B GLU A 1 136 ? 5.654   5.446   15.224  0.50 21.20 ? 115 GLU A OE2 1 
ATOM   949  N N   . ALA A 1 137 ? 12.029  6.779   13.876  1.00 11.27 ? 116 ALA A N   1 
ATOM   950  C CA  . ALA A 1 137 ? 13.261  7.334   14.452  1.00 12.09 ? 116 ALA A CA  1 
ATOM   951  C C   . ALA A 1 137 ? 13.704  8.571   13.714  1.00 12.18 ? 116 ALA A C   1 
ATOM   952  O O   . ALA A 1 137 ? 14.428  9.411   14.282  1.00 13.04 ? 116 ALA A O   1 
ATOM   953  C CB  . ALA A 1 137 ? 14.333  6.316   14.420  1.00 12.68 ? 116 ALA A CB  1 
ATOM   954  N N   . SER A 1 138 ? 13.296  8.694   12.446  1.00 11.75 ? 117 SER A N   1 
ATOM   955  C CA  . SER A 1 138 ? 13.725  9.835   11.632  1.00 11.42 ? 117 SER A CA  1 
ATOM   956  C C   . SER A 1 138 ? 13.131  11.157  12.108  1.00 11.86 ? 117 SER A C   1 
ATOM   957  O O   . SER A 1 138 ? 13.742  12.219  11.909  1.00 14.16 ? 117 SER A O   1 
ATOM   958  C CB  . SER A 1 138 ? 13.365  9.627   10.162  1.00 10.97 ? 117 SER A CB  1 
ATOM   959  O OG  . SER A 1 138 ? 11.989  9.853   9.940   1.00 11.85 ? 117 SER A OG  1 
ATOM   960  N N   . GLY A 1 139 ? 11.959  11.106  12.714  1.00 11.50 ? 118 GLY A N   1 
ATOM   961  C CA  . GLY A 1 139 ? 11.209  12.302  13.077  1.00 12.55 ? 118 GLY A CA  1 
ATOM   962  C C   . GLY A 1 139 ? 10.688  13.123  11.886  1.00 12.80 ? 118 GLY A C   1 
ATOM   963  O O   . GLY A 1 139 ? 10.167  14.225  12.095  1.00 16.11 ? 118 GLY A O   1 
ATOM   964  N N   . LEU A 1 140 ? 10.761  12.576  10.675  1.00 11.43 ? 119 LEU A N   1 
ATOM   965  C CA  . LEU A 1 140 ? 10.371  13.339  9.479   1.00 12.07 ? 119 LEU A CA  1 
ATOM   966  C C   . LEU A 1 140 ? 8.889   13.273  9.162   1.00 12.37 ? 119 LEU A C   1 
ATOM   967  O O   . LEU A 1 140 ? 8.378   14.131  8.432   1.00 13.81 ? 119 LEU A O   1 
ATOM   968  C CB  . LEU A 1 140 ? 11.177  12.854  8.276   1.00 11.94 ? 119 LEU A CB  1 
ATOM   969  C CG  . LEU A 1 140 ? 12.685  12.985  8.376   1.00 13.41 ? 119 LEU A CG  1 
ATOM   970  C CD1 . LEU A 1 140 ? 13.381  12.317  7.204   1.00 17.51 ? 119 LEU A CD1 1 
ATOM   971  C CD2 . LEU A 1 140 ? 13.098  14.417  8.514   1.00 16.66 ? 119 LEU A CD2 1 
ATOM   972  N N   . TRP A 1 141 ? 8.191   12.296  9.730   1.00 11.58 ? 120 TRP A N   1 
ATOM   973  C CA  . TRP A 1 141 ? 6.770   12.138  9.494   1.00 11.24 ? 120 TRP A CA  1 
ATOM   974  C C   . TRP A 1 141 ? 5.988   12.826  10.627  1.00 12.89 ? 120 TRP A C   1 
ATOM   975  O O   . TRP A 1 141 ? 6.553   13.078  11.707  1.00 14.90 ? 120 TRP A O   1 
ATOM   976  C CB  . TRP A 1 141 ? 6.434   10.655  9.434   1.00 11.52 ? 120 TRP A CB  1 
ATOM   977  C CG  . TRP A 1 141 ? 6.695   10.000  8.097   1.00 10.26 ? 120 TRP A CG  1 
ATOM   978  C CD1 . TRP A 1 141 ? 5.748   9.659   7.200   1.00 10.51 ? 120 TRP A CD1 1 
ATOM   979  C CD2 . TRP A 1 141 ? 7.950   9.590   7.536   1.00 10.20 ? 120 TRP A CD2 1 
ATOM   980  N NE1 . TRP A 1 141 ? 6.318   9.053   6.112   1.00 10.64 ? 120 TRP A NE1 1 
ATOM   981  C CE2 . TRP A 1 141 ? 7.668   8.991   6.295   1.00 9.41  ? 120 TRP A CE2 1 
ATOM   982  C CE3 . TRP A 1 141 ? 9.283   9.625   7.958   1.00 10.57 ? 120 TRP A CE3 1 
ATOM   983  C CZ2 . TRP A 1 141 ? 8.665   8.450   5.486   1.00 9.44  ? 120 TRP A CZ2 1 
ATOM   984  C CZ3 . TRP A 1 141 ? 10.277  9.113   7.116   1.00 9.58  ? 120 TRP A CZ3 1 
ATOM   985  C CH2 . TRP A 1 141 ? 9.946   8.528   5.889   1.00 9.25  ? 120 TRP A CH2 1 
ATOM   986  N N   . PRO A 1 142 ? 4.712   13.132  10.402  1.00 12.59 ? 121 PRO A N   1 
ATOM   987  C CA  . PRO A 1 142 ? 3.990   14.050  11.320  1.00 14.57 ? 121 PRO A CA  1 
ATOM   988  C C   . PRO A 1 142 ? 3.616   13.555  12.704  1.00 16.04 ? 121 PRO A C   1 
ATOM   989  O O   . PRO A 1 142 ? 3.191   14.388  13.538  1.00 17.33 ? 121 PRO A O   1 
ATOM   990  C CB  . PRO A 1 142 ? 2.742   14.465  10.522  1.00 15.54 ? 121 PRO A CB  1 
ATOM   991  C CG  . PRO A 1 142 ? 2.727   13.698  9.290   1.00 14.07 ? 121 PRO A CG  1 
ATOM   992  C CD  . PRO A 1 142 ? 3.961   12.864  9.171   1.00 11.85 ? 121 PRO A CD  1 
ATOM   993  N N   . GLY A 1 143 ? 3.821   12.288  12.975  1.00 13.78 ? 122 GLY A N   1 
ATOM   994  C CA  . GLY A 1 143 ? 3.391   11.644  14.197  1.00 13.71 ? 122 GLY A CA  1 
ATOM   995  C C   . GLY A 1 143 ? 3.685   10.162  14.209  1.00 12.86 ? 122 GLY A C   1 
ATOM   996  O O   . GLY A 1 143 ? 4.372   9.660   13.310  1.00 12.40 ? 122 GLY A O   1 
ATOM   997  N N   . LYS A 1 144 ? 3.125   9.450   15.198  1.00 12.93 ? 123 LYS A N   1 
ATOM   998  C CA  . LYS A 1 144 ? 3.269   8.023   15.319  1.00 13.07 ? 123 LYS A CA  1 
ATOM   999  C C   . LYS A 1 144 ? 2.743   7.330   14.075  1.00 12.15 ? 123 LYS A C   1 
ATOM   1000 O O   . LYS A 1 144 ? 1.690   7.692   13.585  1.00 12.45 ? 123 LYS A O   1 
ATOM   1001 C CB  . LYS A 1 144 ? 2.460   7.528   16.521  1.00 13.79 ? 123 LYS A CB  1 
ATOM   1002 C CG  . LYS A 1 144 ? 2.569   6.043   16.757  1.00 16.60 ? 123 LYS A CG  1 
ATOM   1003 C CD  . LYS A 1 144 ? 1.758   5.663   17.983  1.00 16.61 ? 123 LYS A CD  1 
ATOM   1004 C CE  . LYS A 1 144 ? 1.611   4.163   18.135  1.00 20.28 ? 123 LYS A CE  1 
ATOM   1005 N NZ  . LYS A 1 144 ? 2.885   3.481   18.459  1.00 20.21 ? 123 LYS A NZ  1 
ATOM   1006 N N   . VAL A 1 145 ? 3.495   6.357   13.599  1.00 11.96 ? 124 VAL A N   1 
ATOM   1007 C CA  . VAL A 1 145 ? 3.037   5.504   12.497  1.00 10.89 ? 124 VAL A CA  1 
ATOM   1008 C C   . VAL A 1 145 ? 1.965   4.537   13.024  1.00 11.09 ? 124 VAL A C   1 
ATOM   1009 O O   . VAL A 1 145 ? 2.216   3.804   13.960  1.00 12.22 ? 124 VAL A O   1 
ATOM   1010 C CB  . VAL A 1 145 ? 4.197   4.735   11.879  1.00 11.52 ? 124 VAL A CB  1 
ATOM   1011 C CG1 . VAL A 1 145 ? 3.644   3.715   10.864  1.00 11.51 ? 124 VAL A CG1 1 
ATOM   1012 C CG2 . VAL A 1 145 ? 5.167   5.717   11.257  1.00 12.43 ? 124 VAL A CG2 1 
ATOM   1013 N N   . VAL A 1 146 ? 0.769   4.555   12.436  1.00 10.22 ? 125 VAL A N   1 
ATOM   1014 C CA  . VAL A 1 146 ? -0.354  3.717   12.901  1.00 10.68 ? 125 VAL A CA  1 
ATOM   1015 C C   . VAL A 1 146 ? -0.655  2.566   11.931  1.00 10.62 ? 125 VAL A C   1 
ATOM   1016 O O   . VAL A 1 146 ? -1.588  1.808   12.115  1.00 11.16 ? 125 VAL A O   1 
ATOM   1017 C CB  . VAL A 1 146 ? -1.655  4.554   13.176  1.00 10.93 ? 125 VAL A CB  1 
ATOM   1018 C CG1 . VAL A 1 146 ? -1.330  5.621   14.236  1.00 13.48 ? 125 VAL A CG1 1 
ATOM   1019 C CG2 . VAL A 1 146 ? -2.211  5.166   11.884  1.00 12.12 ? 125 VAL A CG2 1 
ATOM   1020 N N   . THR A 1 147 ? 0.205   2.418   10.928  1.00 10.07 ? 126 THR A N   1 
ATOM   1021 C CA  . THR A 1 147 ? 0.111   1.333   9.962   1.00 10.76 ? 126 THR A CA  1 
ATOM   1022 C C   . THR A 1 147 ? -0.028  -0.023  10.649  1.00 11.45 ? 126 THR A C   1 
ATOM   1023 O O   . THR A 1 147 ? 0.783   -0.352  11.493  1.00 12.10 ? 126 THR A O   1 
ATOM   1024 C CB  . THR A 1 147 ? 1.358   1.344   9.111   1.00 9.68  ? 126 THR A CB  1 
ATOM   1025 O OG1 . THR A 1 147 ? 1.511   2.639   8.500   1.00 10.14 ? 126 THR A OG1 1 
ATOM   1026 C CG2 . THR A 1 147 ? 1.274   0.312   7.941   1.00 11.09 ? 126 THR A CG2 1 
ATOM   1027 N N   . GLU A 1 148 ? -1.026  -0.798  10.239  1.00 12.39 ? 127 GLU A N   1 
ATOM   1028 C CA  . GLU A 1 148 ? -1.208  -2.202  10.646  1.00 14.45 ? 127 GLU A CA  1 
ATOM   1029 C C   . GLU A 1 148 ? -0.195  -3.075  9.928   1.00 13.82 ? 127 GLU A C   1 
ATOM   1030 O O   . GLU A 1 148 ? 0.042   -2.859  8.736   1.00 14.07 ? 127 GLU A O   1 
ATOM   1031 C CB  . GLU A 1 148 ? -2.658  -2.583  10.248  1.00 16.41 ? 127 GLU A CB  1 
ATOM   1032 C CG  . GLU A 1 148 ? -3.031  -4.030  10.343  1.00 20.63 ? 127 GLU A CG  1 
ATOM   1033 C CD  . GLU A 1 148 ? -4.459  -4.357  9.914   1.00 20.37 ? 127 GLU A CD  1 
ATOM   1034 O OE1 . GLU A 1 148 ? -4.765  -5.575  9.938   1.00 21.09 ? 127 GLU A OE1 1 
ATOM   1035 O OE2 . GLU A 1 148 ? -5.257  -3.418  9.573   1.00 23.46 ? 127 GLU A OE2 1 
ATOM   1036 N N   . VAL A 1 149 ? 0.439   -4.015  10.623  1.00 13.75 ? 128 VAL A N   1 
ATOM   1037 C CA  . VAL A 1 149 ? 1.267   -5.039  9.997   1.00 13.52 ? 128 VAL A CA  1 
ATOM   1038 C C   . VAL A 1 149 ? 0.623   -6.397  10.330  1.00 13.93 ? 128 VAL A C   1 
ATOM   1039 O O   . VAL A 1 149 ? 0.669   -6.862  11.470  1.00 14.16 ? 128 VAL A O   1 
ATOM   1040 C CB  . VAL A 1 149 ? 2.752   -4.950  10.429  1.00 13.49 ? 128 VAL A CB  1 
ATOM   1041 C CG1 . VAL A 1 149 ? 3.577   -6.048  9.807   1.00 13.83 ? 128 VAL A CG1 1 
ATOM   1042 C CG2 . VAL A 1 149 ? 3.344   -3.588  10.044  1.00 14.22 ? 128 VAL A CG2 1 
ATOM   1043 N N   . SER A 1 150 ? 0.006   -7.021  9.331   1.00 12.60 ? 129 SER A N   1 
ATOM   1044 C CA  . SER A 1 150 ? -0.818  -8.214  9.576   1.00 12.61 ? 129 SER A CA  1 
ATOM   1045 C C   . SER A 1 150 ? -0.604  -9.195  8.463   1.00 11.85 ? 129 SER A C   1 
ATOM   1046 O O   . SER A 1 150 ? -0.303  -8.808  7.348   1.00 12.01 ? 129 SER A O   1 
ATOM   1047 C CB  . SER A 1 150 ? -2.295  -7.861  9.608   1.00 14.27 ? 129 SER A CB  1 
ATOM   1048 O OG  . SER A 1 150 ? -2.583  -6.977  10.671  1.00 18.04 ? 129 SER A OG  1 
ATOM   1049 N N   . PRO A 1 151 ? -0.798  -10.489 8.731   1.00 12.79 ? 130 PRO A N   1 
ATOM   1050 C CA  . PRO A 1 151 ? -0.612  -11.472 7.668   1.00 12.84 ? 130 PRO A CA  1 
ATOM   1051 C C   . PRO A 1 151 ? -1.625  -11.312 6.559   1.00 13.20 ? 130 PRO A C   1 
ATOM   1052 O O   . PRO A 1 151 ? -2.822  -11.101 6.827   1.00 14.48 ? 130 PRO A O   1 
ATOM   1053 C CB  . PRO A 1 151 ? -0.843  -12.816 8.354   1.00 14.47 ? 130 PRO A CB  1 
ATOM   1054 C CG  . PRO A 1 151 ? -1.383  -12.525 9.648   1.00 16.75 ? 130 PRO A CG  1 
ATOM   1055 C CD  . PRO A 1 151 ? -1.186  -11.095 10.015  1.00 14.32 ? 130 PRO A CD  1 
ATOM   1056 N N   . ALA A 1 152 ? -1.156  -11.472 5.332   1.00 12.34 ? 131 ALA A N   1 
ATOM   1057 C CA  . ALA A 1 152 ? -2.004  -11.379 4.170   1.00 13.99 ? 131 ALA A CA  1 
ATOM   1058 C C   . ALA A 1 152 ? -3.013  -12.514 4.153   1.00 15.07 ? 131 ALA A C   1 
ATOM   1059 O O   . ALA A 1 152 ? -2.684  -13.676 4.444   1.00 17.40 ? 131 ALA A O   1 
ATOM   1060 C CB  . ALA A 1 152 ? -1.192  -11.427 2.937   1.00 13.81 ? 131 ALA A CB  1 
ATOM   1061 N N   . GLY A 1 153 ? -4.226  -12.175 3.791   1.00 14.73 ? 132 GLY A N   1 
ATOM   1062 C CA  . GLY A 1 153 ? -5.282  -13.150 3.550   1.00 15.92 ? 132 GLY A CA  1 
ATOM   1063 C C   . GLY A 1 153 ? -5.873  -12.954 2.169   1.00 16.25 ? 132 GLY A C   1 
ATOM   1064 O O   . GLY A 1 153 ? -5.181  -12.560 1.226   1.00 17.37 ? 132 GLY A O   1 
ATOM   1065 N N   . ASP A 1 154 ? -7.177  -13.205 2.051   1.00 16.47 ? 133 ASP A N   1 
ATOM   1066 C CA  . ASP A 1 154 ? -7.871  -13.060 0.788   1.00 16.99 ? 133 ASP A CA  1 
ATOM   1067 C C   . ASP A 1 154 ? -7.718  -11.632 0.248   1.00 15.19 ? 133 ASP A C   1 
ATOM   1068 O O   . ASP A 1 154 ? -7.731  -10.668 1.013   1.00 15.37 ? 133 ASP A O   1 
ATOM   1069 C CB  . ASP A 1 154 ? -9.391  -13.315 0.957   1.00 17.63 ? 133 ASP A CB  1 
ATOM   1070 C CG  . ASP A 1 154 ? -9.724  -14.727 1.385   1.00 22.84 ? 133 ASP A CG  1 
ATOM   1071 O OD1 . ASP A 1 154 ? -9.007  -15.657 0.940   1.00 27.21 ? 133 ASP A OD1 1 
ATOM   1072 O OD2 . ASP A 1 154 ? -10.681 -14.937 2.164   1.00 27.13 ? 133 ASP A OD2 1 
ATOM   1073 N N   . PHE A 1 155 ? -7.587  -11.532 -1.053  1.00 14.39 ? 134 PHE A N   1 
ATOM   1074 C CA  . PHE A 1 155 ? -7.593  -10.252 -1.765  1.00 14.07 ? 134 PHE A CA  1 
ATOM   1075 C C   . PHE A 1 155 ? -8.730  -10.307 -2.793  1.00 14.10 ? 134 PHE A C   1 
ATOM   1076 O O   . PHE A 1 155 ? -8.695  -11.116 -3.733  1.00 14.65 ? 134 PHE A O   1 
ATOM   1077 C CB  . PHE A 1 155 ? -6.227  -10.004 -2.428  1.00 14.80 ? 134 PHE A CB  1 
ATOM   1078 C CG  . PHE A 1 155 ? -6.137  -8.706  -3.175  1.00 13.33 ? 134 PHE A CG  1 
ATOM   1079 C CD1 . PHE A 1 155 ? -6.511  -8.616  -4.509  1.00 13.55 ? 134 PHE A CD1 1 
ATOM   1080 C CD2 . PHE A 1 155 ? -5.650  -7.577  -2.548  1.00 13.48 ? 134 PHE A CD2 1 
ATOM   1081 C CE1 . PHE A 1 155 ? -6.444  -7.423  -5.177  1.00 13.85 ? 134 PHE A CE1 1 
ATOM   1082 C CE2 . PHE A 1 155 ? -5.580  -6.389  -3.230  1.00 13.21 ? 134 PHE A CE2 1 
ATOM   1083 C CZ  . PHE A 1 155 ? -5.979  -6.313  -4.540  1.00 12.37 ? 134 PHE A CZ  1 
ATOM   1084 N N   . TRP A 1 156 ? -9.760  -9.503  -2.572  1.00 13.56 ? 135 TRP A N   1 
ATOM   1085 C CA  . TRP A 1 156 ? -10.931 -9.426  -3.423  1.00 13.28 ? 135 TRP A CA  1 
ATOM   1086 C C   . TRP A 1 156 ? -10.714 -8.354  -4.464  1.00 12.87 ? 135 TRP A C   1 
ATOM   1087 O O   . TRP A 1 156 ? -10.752 -7.193  -4.155  1.00 13.26 ? 135 TRP A O   1 
ATOM   1088 C CB  . TRP A 1 156 ? -12.162 -9.182  -2.569  1.00 13.58 ? 135 TRP A CB  1 
ATOM   1089 C CG  . TRP A 1 156 ? -12.294 -10.248 -1.544  1.00 14.03 ? 135 TRP A CG  1 
ATOM   1090 C CD1 . TRP A 1 156 ? -12.054 -10.139 -0.201  1.00 16.14 ? 135 TRP A CD1 1 
ATOM   1091 C CD2 . TRP A 1 156 ? -12.647 -11.612 -1.776  1.00 16.87 ? 135 TRP A CD2 1 
ATOM   1092 N NE1 . TRP A 1 156 ? -12.248 -11.359 0.412   1.00 15.92 ? 135 TRP A NE1 1 
ATOM   1093 C CE2 . TRP A 1 156 ? -12.585 -12.283 -0.537  1.00 17.99 ? 135 TRP A CE2 1 
ATOM   1094 C CE3 . TRP A 1 156 ? -12.987 -12.347 -2.918  1.00 17.78 ? 135 TRP A CE3 1 
ATOM   1095 C CZ2 . TRP A 1 156 ? -12.889 -13.649 -0.399  1.00 19.25 ? 135 TRP A CZ2 1 
ATOM   1096 C CZ3 . TRP A 1 156 ? -13.270 -13.706 -2.782  1.00 17.51 ? 135 TRP A CZ3 1 
ATOM   1097 C CH2 . TRP A 1 156 ? -13.230 -14.334 -1.527  1.00 15.66 ? 135 TRP A CH2 1 
ATOM   1098 N N   . GLU A 1 157 ? -10.500 -8.760  -5.712  1.00 13.50 ? 136 GLU A N   1 
ATOM   1099 C CA  . GLU A 1 157 ? -10.235 -7.807  -6.777  1.00 13.16 ? 136 GLU A CA  1 
ATOM   1100 C C   . GLU A 1 157 ? -11.395 -6.869  -6.957  1.00 13.26 ? 136 GLU A C   1 
ATOM   1101 O O   . GLU A 1 157 ? -12.556 -7.289  -7.000  1.00 14.35 ? 136 GLU A O   1 
ATOM   1102 C CB  . GLU A 1 157 ? -9.912  -8.527  -8.082  1.00 14.93 ? 136 GLU A CB  1 
ATOM   1103 C CG  . GLU A 1 157 ? -9.472  -7.628  -9.214  1.00 16.58 ? 136 GLU A CG  1 
ATOM   1104 C CD  . GLU A 1 157 ? -9.077  -8.441  -10.424 1.00 20.72 ? 136 GLU A CD  1 
ATOM   1105 O OE1 . GLU A 1 157 ? -9.672  -8.207  -11.498 1.00 26.33 ? 136 GLU A OE1 1 
ATOM   1106 O OE2 . GLU A 1 157 ? -8.204  -9.314  -10.317 1.00 20.56 ? 136 GLU A OE2 1 
ATOM   1107 N N   . ALA A 1 158 ? -11.113 -5.583  -7.057  1.00 11.94 ? 137 ALA A N   1 
ATOM   1108 C CA  . ALA A 1 158 ? -12.156 -4.610  -7.285  1.00 11.98 ? 137 ALA A CA  1 
ATOM   1109 C C   . ALA A 1 158 ? -12.717 -4.703  -8.703  1.00 13.07 ? 137 ALA A C   1 
ATOM   1110 O O   . ALA A 1 158 ? -12.107 -5.267  -9.620  1.00 12.56 ? 137 ALA A O   1 
ATOM   1111 C CB  . ALA A 1 158 ? -11.674 -3.167  -7.016  1.00 12.48 ? 137 ALA A CB  1 
ATOM   1112 N N   . GLU A 1 159 ? -13.887 -4.101  -8.810  1.00 13.86 ? 138 GLU A N   1 
ATOM   1113 C CA  . GLU A 1 159 ? -14.627 -3.975  -10.063 1.00 14.74 ? 138 GLU A CA  1 
ATOM   1114 C C   . GLU A 1 159 ? -13.768 -3.293  -11.131 1.00 15.36 ? 138 GLU A C   1 
ATOM   1115 O O   . GLU A 1 159 ? -12.922 -2.459  -10.815 1.00 15.10 ? 138 GLU A O   1 
ATOM   1116 C CB  . GLU A 1 159 ? -15.871 -3.139  -9.807  1.00 15.40 ? 138 GLU A CB  1 
ATOM   1117 C CG  . GLU A 1 159 ? -16.831 -3.698  -8.774  1.00 14.43 ? 138 GLU A CG  1 
ATOM   1118 C CD  . GLU A 1 159 ? -16.573 -3.311  -7.316  1.00 15.09 ? 138 GLU A CD  1 
ATOM   1119 O OE1 . GLU A 1 159 ? -15.445 -2.923  -6.929  1.00 13.26 ? 138 GLU A OE1 1 
ATOM   1120 O OE2 . GLU A 1 159 ? -17.528 -3.391  -6.530  1.00 13.17 ? 138 GLU A OE2 1 
ATOM   1121 N N   . PRO A 1 160 ? -13.969 -3.634  -12.404 1.00 15.47 ? 139 PRO A N   1 
ATOM   1122 C CA  . PRO A 1 160 ? -13.219 -2.999  -13.491 1.00 15.42 ? 139 PRO A CA  1 
ATOM   1123 C C   . PRO A 1 160 ? -13.194 -1.481  -13.451 1.00 14.43 ? 139 PRO A C   1 
ATOM   1124 O O   . PRO A 1 160 ? -12.120 -0.894  -13.748 1.00 14.62 ? 139 PRO A O   1 
ATOM   1125 C CB  . PRO A 1 160 ? -13.941 -3.510  -14.751 1.00 15.96 ? 139 PRO A CB  1 
ATOM   1126 C CG  . PRO A 1 160 ? -14.462 -4.800  -14.364 1.00 16.56 ? 139 PRO A CG  1 
ATOM   1127 C CD  . PRO A 1 160 ? -14.902 -4.658  -12.904 1.00 16.47 ? 139 PRO A CD  1 
ATOM   1128 N N   . GLU A 1 161 ? -14.298 -0.811  -13.094 1.00 15.14 ? 140 GLU A N   1 
ATOM   1129 C CA  . GLU A 1 161 ? -14.312 0.647   -13.121 1.00 15.78 ? 140 GLU A CA  1 
ATOM   1130 C C   . GLU A 1 161 ? -13.321 1.256   -12.143 1.00 14.64 ? 140 GLU A C   1 
ATOM   1131 O O   . GLU A 1 161 ? -12.940 2.401   -12.315 1.00 15.73 ? 140 GLU A O   1 
ATOM   1132 C CB  A GLU A 1 161 ? -15.732 1.202   -12.753 0.50 16.25 ? 140 GLU A CB  1 
ATOM   1133 C CB  B GLU A 1 161 ? -15.699 1.302   -13.070 0.50 16.34 ? 140 GLU A CB  1 
ATOM   1134 C CG  A GLU A 1 161 ? -16.151 1.047   -11.272 0.50 18.00 ? 140 GLU A CG  1 
ATOM   1135 C CG  B GLU A 1 161 ? -16.373 1.542   -14.454 0.50 16.62 ? 140 GLU A CG  1 
ATOM   1136 C CD  A GLU A 1 161 ? -17.364 1.875   -10.774 0.50 19.74 ? 140 GLU A CD  1 
ATOM   1137 C CD  B GLU A 1 161 ? -15.527 2.218   -15.570 0.50 18.79 ? 140 GLU A CD  1 
ATOM   1138 O OE1 A GLU A 1 161 ? -18.409 1.252   -10.479 0.50 25.18 ? 140 GLU A OE1 1 
ATOM   1139 O OE1 B GLU A 1 161 ? -14.829 3.237   -15.365 0.50 14.02 ? 140 GLU A OE1 1 
ATOM   1140 O OE2 A GLU A 1 161 ? -17.293 3.118   -10.591 0.50 19.57 ? 140 GLU A OE2 1 
ATOM   1141 O OE2 B GLU A 1 161 ? -15.606 1.739   -16.719 0.50 21.04 ? 140 GLU A OE2 1 
ATOM   1142 N N   . HIS A 1 162 ? -12.926 0.504   -11.115 1.00 13.56 ? 141 HIS A N   1 
ATOM   1143 C CA  . HIS A 1 162 ? -11.934 1.010   -10.147 1.00 12.98 ? 141 HIS A CA  1 
ATOM   1144 C C   . HIS A 1 162 ? -10.502 0.639   -10.504 1.00 13.68 ? 141 HIS A C   1 
ATOM   1145 O O   . HIS A 1 162 ? -9.575  1.196   -9.899  1.00 13.72 ? 141 HIS A O   1 
ATOM   1146 C CB  . HIS A 1 162 ? -12.256 0.468   -8.789  1.00 13.31 ? 141 HIS A CB  1 
ATOM   1147 C CG  . HIS A 1 162 ? -13.506 1.047   -8.221  1.00 12.75 ? 141 HIS A CG  1 
ATOM   1148 N ND1 . HIS A 1 162 ? -13.594 2.353   -7.802  1.00 14.12 ? 141 HIS A ND1 1 
ATOM   1149 C CD2 . HIS A 1 162 ? -14.757 0.520   -8.076  1.00 12.25 ? 141 HIS A CD2 1 
ATOM   1150 C CE1 . HIS A 1 162 ? -14.816 2.583   -7.347  1.00 14.24 ? 141 HIS A CE1 1 
ATOM   1151 N NE2 . HIS A 1 162 ? -15.545 1.493   -7.529  1.00 14.23 ? 141 HIS A NE2 1 
ATOM   1152 N N   . GLN A 1 163 ? -10.291 -0.252  -11.471 1.00 13.27 ? 142 GLN A N   1 
ATOM   1153 C CA  . GLN A 1 163 ? -8.957  -0.611  -11.916 1.00 12.94 ? 142 GLN A CA  1 
ATOM   1154 C C   . GLN A 1 163 ? -8.382  0.456   -12.836 1.00 13.14 ? 142 GLN A C   1 
ATOM   1155 O O   . GLN A 1 163 ? -9.059  0.936   -13.738 1.00 13.31 ? 142 GLN A O   1 
ATOM   1156 C CB  . GLN A 1 163 ? -8.954  -1.940  -12.644 1.00 12.22 ? 142 GLN A CB  1 
ATOM   1157 C CG  . GLN A 1 163 ? -9.509  -3.092  -11.830 1.00 14.12 ? 142 GLN A CG  1 
ATOM   1158 C CD  . GLN A 1 163 ? -8.677  -3.465  -10.620 1.00 13.10 ? 142 GLN A CD  1 
ATOM   1159 O OE1 . GLN A 1 163 ? -7.503  -3.087  -10.532 1.00 12.74 ? 142 GLN A OE1 1 
ATOM   1160 N NE2 . GLN A 1 163 ? -9.263  -4.241  -9.697  1.00 12.44 ? 142 GLN A NE2 1 
ATOM   1161 N N   . ASP A 1 164 ? -7.132  0.829   -12.614 1.00 13.12 ? 143 ASP A N   1 
ATOM   1162 C CA  . ASP A 1 164 ? -6.419  1.767   -13.492 1.00 13.21 ? 143 ASP A CA  1 
ATOM   1163 C C   . ASP A 1 164 ? -7.174  3.071   -13.648 1.00 14.20 ? 143 ASP A C   1 
ATOM   1164 O O   . ASP A 1 164 ? -7.139  3.727   -14.679 1.00 13.01 ? 143 ASP A O   1 
ATOM   1165 C CB  . ASP A 1 164 ? -6.128  1.100   -14.845 1.00 14.20 ? 143 ASP A CB  1 
ATOM   1166 C CG  . ASP A 1 164 ? -5.558  -0.276  -14.685 1.00 16.17 ? 143 ASP A CG  1 
ATOM   1167 O OD1 . ASP A 1 164 ? -6.200  -1.269  -15.048 1.00 20.52 ? 143 ASP A OD1 1 
ATOM   1168 O OD2 . ASP A 1 164 ? -4.448  -0.458  -14.153 1.00 18.57 ? 143 ASP A OD2 1 
ATOM   1169 N N   . TYR A 1 165 ? -7.830  3.504   -12.581 1.00 12.31 ? 144 TYR A N   1 
ATOM   1170 C CA  . TYR A 1 165 ? -8.775  4.591   -12.664 1.00 12.98 ? 144 TYR A CA  1 
ATOM   1171 C C   . TYR A 1 165 ? -8.104  5.891   -13.110 1.00 14.20 ? 144 TYR A C   1 
ATOM   1172 O O   . TYR A 1 165 ? -8.570  6.531   -14.050 1.00 14.20 ? 144 TYR A O   1 
ATOM   1173 C CB  . TYR A 1 165 ? -9.470  4.763   -11.300 1.00 13.65 ? 144 TYR A CB  1 
ATOM   1174 C CG  . TYR A 1 165 ? -10.463 5.902   -11.233 1.00 13.24 ? 144 TYR A CG  1 
ATOM   1175 C CD1 . TYR A 1 165 ? -10.092 7.145   -10.762 1.00 12.98 ? 144 TYR A CD1 1 
ATOM   1176 C CD2 . TYR A 1 165 ? -11.792 5.717   -11.577 1.00 17.59 ? 144 TYR A CD2 1 
ATOM   1177 C CE1 . TYR A 1 165 ? -10.988 8.203   -10.677 1.00 15.53 ? 144 TYR A CE1 1 
ATOM   1178 C CE2 . TYR A 1 165 ? -12.693 6.753   -11.473 1.00 18.52 ? 144 TYR A CE2 1 
ATOM   1179 C CZ  . TYR A 1 165 ? -12.286 8.006   -11.049 1.00 21.08 ? 144 TYR A CZ  1 
ATOM   1180 O OH  . TYR A 1 165 ? -13.174 9.075   -10.953 1.00 22.55 ? 144 TYR A OH  1 
ATOM   1181 N N   . LEU A 1 166 ? -6.984  6.265   -12.496 1.00 14.98 ? 145 LEU A N   1 
ATOM   1182 C CA  . LEU A 1 166 ? -6.320  7.541   -12.827 1.00 14.98 ? 145 LEU A CA  1 
ATOM   1183 C C   . LEU A 1 166 ? -5.482  7.473   -14.104 1.00 16.82 ? 145 LEU A C   1 
ATOM   1184 O O   . LEU A 1 166 ? -5.087  8.500   -14.613 1.00 17.96 ? 145 LEU A O   1 
ATOM   1185 C CB  . LEU A 1 166 ? -5.479  8.043   -11.660 1.00 14.75 ? 145 LEU A CB  1 
ATOM   1186 C CG  . LEU A 1 166 ? -6.303  8.462   -10.472 1.00 13.51 ? 145 LEU A CG  1 
ATOM   1187 C CD1 . LEU A 1 166 ? -5.371  8.661   -9.270  1.00 14.33 ? 145 LEU A CD1 1 
ATOM   1188 C CD2 . LEU A 1 166 ? -7.207  9.683   -10.717 1.00 14.80 ? 145 LEU A CD2 1 
ATOM   1189 N N   . GLN A 1 167 ? -5.216  6.281   -14.598 1.00 17.62 ? 146 GLN A N   1 
ATOM   1190 C CA  . GLN A 1 167 ? -4.599  6.100   -15.918 1.00 19.77 ? 146 GLN A CA  1 
ATOM   1191 C C   . GLN A 1 167 ? -5.641  6.467   -16.979 1.00 19.60 ? 146 GLN A C   1 
ATOM   1192 O O   . GLN A 1 167 ? -5.364  7.188   -17.949 1.00 20.95 ? 146 GLN A O   1 
ATOM   1193 C CB  . GLN A 1 167 ? -4.164  4.646   -16.089 1.00 20.68 ? 146 GLN A CB  1 
ATOM   1194 C CG  A GLN A 1 167 ? -2.697  4.345   -15.671 0.50 22.75 ? 146 GLN A CG  1 
ATOM   1195 C CG  B GLN A 1 167 ? -2.709  4.356   -16.389 0.50 25.17 ? 146 GLN A CG  1 
ATOM   1196 C CD  A GLN A 1 167 ? -1.667  5.433   -16.018 0.50 23.07 ? 146 GLN A CD  1 
ATOM   1197 C CD  B GLN A 1 167 ? -2.533  3.064   -17.212 0.50 27.71 ? 146 GLN A CD  1 
ATOM   1198 O OE1 A GLN A 1 167 ? -1.147  5.444   -17.126 0.50 25.32 ? 146 GLN A OE1 1 
ATOM   1199 O OE1 B GLN A 1 167 ? -1.428  2.527   -17.292 0.50 30.81 ? 146 GLN A OE1 1 
ATOM   1200 N NE2 A GLN A 1 167 ? -1.356  6.320   -15.063 0.50 22.27 ? 146 GLN A NE2 1 
ATOM   1201 N NE2 B GLN A 1 167 ? -3.615  2.569   -17.800 0.50 29.04 ? 146 GLN A NE2 1 
ATOM   1202 N N   . ARG A 1 168 ? -6.853  5.970   -16.783 1.00 18.58 ? 147 ARG A N   1 
ATOM   1203 C CA  . ARG A 1 168 ? -7.962  6.179   -17.707 1.00 18.75 ? 147 ARG A CA  1 
ATOM   1204 C C   . ARG A 1 168 ? -8.561  7.566   -17.578 1.00 19.02 ? 147 ARG A C   1 
ATOM   1205 O O   . ARG A 1 168 ? -8.945  8.150   -18.588 1.00 20.30 ? 147 ARG A O   1 
ATOM   1206 C CB  . ARG A 1 168 ? -9.033  5.084   -17.496 1.00 19.04 ? 147 ARG A CB  1 
ATOM   1207 C CG  . ARG A 1 168 ? -8.509  3.728   -17.944 1.00 22.26 ? 147 ARG A CG  1 
ATOM   1208 C CD  . ARG A 1 168 ? -9.378  2.492   -17.760 1.00 26.11 ? 147 ARG A CD  1 
ATOM   1209 N NE  . ARG A 1 168 ? -9.840  2.329   -16.387 1.00 26.29 ? 147 ARG A NE  1 
ATOM   1210 C CZ  . ARG A 1 168 ? -11.109 2.465   -15.995 1.00 28.02 ? 147 ARG A CZ  1 
ATOM   1211 N NH1 . ARG A 1 168 ? -12.073 2.724   -16.875 1.00 30.09 ? 147 ARG A NH1 1 
ATOM   1212 N NH2 . ARG A 1 168 ? -11.422 2.351   -14.717 1.00 24.24 ? 147 ARG A NH2 1 
ATOM   1213 N N   . TYR A 1 169 ? -8.616  8.099   -16.354 1.00 18.38 ? 148 TYR A N   1 
ATOM   1214 C CA  . TYR A 1 169 ? -9.192  9.394   -16.055 1.00 18.33 ? 148 TYR A CA  1 
ATOM   1215 C C   . TYR A 1 169 ? -8.182  10.211  -15.263 1.00 19.35 ? 148 TYR A C   1 
ATOM   1216 O O   . TYR A 1 169 ? -8.258  10.309  -14.035 1.00 18.22 ? 148 TYR A O   1 
ATOM   1217 C CB  . TYR A 1 169 ? -10.485 9.219   -15.270 1.00 18.34 ? 148 TYR A CB  1 
ATOM   1218 C CG  . TYR A 1 169 ? -11.406 8.175   -15.854 1.00 18.17 ? 148 TYR A CG  1 
ATOM   1219 C CD1 . TYR A 1 169 ? -11.969 8.351   -17.108 1.00 20.16 ? 148 TYR A CD1 1 
ATOM   1220 C CD2 . TYR A 1 169 ? -11.686 7.009   -15.163 1.00 18.80 ? 148 TYR A CD2 1 
ATOM   1221 C CE1 . TYR A 1 169 ? -12.803 7.410   -17.641 1.00 20.44 ? 148 TYR A CE1 1 
ATOM   1222 C CE2 . TYR A 1 169 ? -12.533 6.058   -15.677 1.00 19.46 ? 148 TYR A CE2 1 
ATOM   1223 C CZ  . TYR A 1 169 ? -13.076 6.256   -16.932 1.00 19.04 ? 148 TYR A CZ  1 
ATOM   1224 O OH  . TYR A 1 169 ? -13.918 5.305   -17.443 1.00 23.43 ? 148 TYR A OH  1 
ATOM   1225 N N   . PRO A 1 170 ? -7.197  10.783  -15.941 1.00 21.36 ? 149 PRO A N   1 
ATOM   1226 C CA  . PRO A 1 170 ? -6.094  11.440  -15.237 1.00 21.91 ? 149 PRO A CA  1 
ATOM   1227 C C   . PRO A 1 170 ? -6.407  12.695  -14.426 1.00 21.65 ? 149 PRO A C   1 
ATOM   1228 O O   . PRO A 1 170 ? -5.553  13.075  -13.619 1.00 21.90 ? 149 PRO A O   1 
ATOM   1229 C CB  . PRO A 1 170 ? -5.088  11.728  -16.351 1.00 22.61 ? 149 PRO A CB  1 
ATOM   1230 C CG  . PRO A 1 170 ? -5.843  11.662  -17.591 1.00 24.15 ? 149 PRO A CG  1 
ATOM   1231 C CD  . PRO A 1 170 ? -7.019  10.774  -17.400 1.00 21.73 ? 149 PRO A CD  1 
ATOM   1232 N N   . ASN A 1 171 ? -7.573  13.308  -14.619 1.00 22.22 ? 150 ASN A N   1 
ATOM   1233 C CA  . ASN A 1 171 ? -7.997  14.438  -13.803 1.00 23.35 ? 150 ASN A CA  1 
ATOM   1234 C C   . ASN A 1 171 ? -8.956  14.018  -12.691 1.00 22.23 ? 150 ASN A C   1 
ATOM   1235 O O   . ASN A 1 171 ? -9.569  14.867  -12.038 1.00 22.20 ? 150 ASN A O   1 
ATOM   1236 C CB  . ASN A 1 171 ? -8.620  15.533  -14.677 1.00 24.97 ? 150 ASN A CB  1 
ATOM   1237 C CG  . ASN A 1 171 ? -7.686  16.001  -15.776 1.00 28.68 ? 150 ASN A CG  1 
ATOM   1238 O OD1 . ASN A 1 171 ? -6.518  16.312  -15.535 1.00 35.02 ? 150 ASN A OD1 1 
ATOM   1239 N ND2 . ASN A 1 171 ? -8.204  16.059  -16.994 1.00 34.12 ? 150 ASN A ND2 1 
ATOM   1240 N N   . GLY A 1 172 ? -9.027  12.709  -12.430 1.00 20.28 ? 151 GLY A N   1 
ATOM   1241 C CA  . GLY A 1 172 ? -9.874  12.179  -11.366 1.00 19.81 ? 151 GLY A CA  1 
ATOM   1242 C C   . GLY A 1 172 ? -9.342  12.526  -9.979  1.00 19.10 ? 151 GLY A C   1 
ATOM   1243 O O   . GLY A 1 172 ? -8.226  12.995  -9.818  1.00 18.92 ? 151 GLY A O   1 
ATOM   1244 N N   . TYR A 1 173 ? -10.177 12.298  -8.977  1.00 17.78 ? 152 TYR A N   1 
ATOM   1245 C CA  . TYR A 1 173 ? -9.840  12.540  -7.589  1.00 16.47 ? 152 TYR A CA  1 
ATOM   1246 C C   . TYR A 1 173 ? -8.615  11.763  -7.153  1.00 16.45 ? 152 TYR A C   1 
ATOM   1247 O O   . TYR A 1 173 ? -8.527  10.557  -7.379  1.00 16.19 ? 152 TYR A O   1 
ATOM   1248 C CB  . TYR A 1 173 ? -11.008 12.112  -6.704  1.00 15.60 ? 152 TYR A CB  1 
ATOM   1249 C CG  . TYR A 1 173 ? -10.670 12.086  -5.223  1.00 15.39 ? 152 TYR A CG  1 
ATOM   1250 C CD1 . TYR A 1 173 ? -10.679 13.250  -4.477  1.00 17.06 ? 152 TYR A CD1 1 
ATOM   1251 C CD2 . TYR A 1 173 ? -10.292 10.909  -4.605  1.00 15.26 ? 152 TYR A CD2 1 
ATOM   1252 C CE1 . TYR A 1 173 ? -10.342 13.249  -3.122  1.00 15.98 ? 152 TYR A CE1 1 
ATOM   1253 C CE2 . TYR A 1 173 ? -9.939  10.888  -3.263  1.00 14.61 ? 152 TYR A CE2 1 
ATOM   1254 C CZ  . TYR A 1 173 ? -9.985  12.049  -2.512  1.00 15.27 ? 152 TYR A CZ  1 
ATOM   1255 O OH  . TYR A 1 173 ? -9.633  12.029  -1.168  1.00 16.38 ? 152 TYR A OH  1 
ATOM   1256 N N   . THR A 1 174 ? -7.730  12.452  -6.434  1.00 16.00 ? 153 THR A N   1 
ATOM   1257 C CA  . THR A 1 174 ? -6.702  11.780  -5.662  1.00 17.00 ? 153 THR A CA  1 
ATOM   1258 C C   . THR A 1 174 ? -6.263  12.651  -4.513  1.00 17.47 ? 153 THR A C   1 
ATOM   1259 O O   . THR A 1 174 ? -6.279  13.881  -4.591  1.00 18.56 ? 153 THR A O   1 
ATOM   1260 C CB  . THR A 1 174 ? -5.498  11.385  -6.556  1.00 16.45 ? 153 THR A CB  1 
ATOM   1261 O OG1 . THR A 1 174 ? -4.573  10.596  -5.798  1.00 16.47 ? 153 THR A OG1 1 
ATOM   1262 C CG2 . THR A 1 174 ? -4.699  12.605  -7.018  1.00 17.93 ? 153 THR A CG2 1 
ATOM   1263 N N   . CYS A 1 175 ? -5.813  12.022  -3.434  1.00 17.38 ? 154 CYS A N   1 
ATOM   1264 C CA  . CYS A 1 175 ? -5.106  12.805  -2.422  1.00 19.09 ? 154 CYS A CA  1 
ATOM   1265 C C   . CYS A 1 175 ? -3.736  12.207  -2.099  1.00 16.46 ? 154 CYS A C   1 
ATOM   1266 O O   . CYS A 1 175 ? -3.115  12.564  -1.084  1.00 17.69 ? 154 CYS A O   1 
ATOM   1267 C CB  . CYS A 1 175 ? -5.947  13.023  -1.170  1.00 20.52 ? 154 CYS A CB  1 
ATOM   1268 S SG  . CYS A 1 175 ? -5.947  11.629  -0.055  1.00 27.47 ? 154 CYS A SG  1 
ATOM   1269 N N   . HIS A 1 176 ? -3.252  11.342  -2.974  1.00 14.22 ? 155 HIS A N   1 
ATOM   1270 C CA  . HIS A 1 176 ? -1.893  10.821  -2.863  1.00 13.33 ? 155 HIS A CA  1 
ATOM   1271 C C   . HIS A 1 176 ? -0.914  11.611  -3.710  1.00 13.96 ? 155 HIS A C   1 
ATOM   1272 O O   . HIS A 1 176 ? -1.206  12.000  -4.850  1.00 14.91 ? 155 HIS A O   1 
ATOM   1273 C CB  . HIS A 1 176 ? -1.833  9.368   -3.298  1.00 12.23 ? 155 HIS A CB  1 
ATOM   1274 C CG  . HIS A 1 176 ? -2.550  8.445   -2.376  1.00 11.61 ? 155 HIS A CG  1 
ATOM   1275 N ND1 . HIS A 1 176 ? -3.781  7.898   -2.657  1.00 14.13 ? 155 HIS A ND1 1 
ATOM   1276 C CD2 . HIS A 1 176 ? -2.221  8.030   -1.137  1.00 10.94 ? 155 HIS A CD2 1 
ATOM   1277 C CE1 . HIS A 1 176 ? -4.157  7.145   -1.633  1.00 12.92 ? 155 HIS A CE1 1 
ATOM   1278 N NE2 . HIS A 1 176 ? -3.236  7.221   -0.688  1.00 10.57 ? 155 HIS A NE2 1 
ATOM   1279 N N   . PHE A 1 177 ? 0.271   11.792  -3.150  1.00 13.32 ? 156 PHE A N   1 
ATOM   1280 C CA  . PHE A 1 177 ? 1.374   12.474  -3.793  1.00 12.82 ? 156 PHE A CA  1 
ATOM   1281 C C   . PHE A 1 177 ? 2.664   12.160  -3.051  1.00 12.30 ? 156 PHE A C   1 
ATOM   1282 O O   . PHE A 1 177 ? 2.642   11.831  -1.871  1.00 10.97 ? 156 PHE A O   1 
ATOM   1283 C CB  . PHE A 1 177 ? 1.150   13.995  -3.845  1.00 13.12 ? 156 PHE A CB  1 
ATOM   1284 C CG  . PHE A 1 177 ? 1.048   14.647  -2.523  1.00 15.45 ? 156 PHE A CG  1 
ATOM   1285 C CD1 . PHE A 1 177 ? 2.130   15.317  -1.976  1.00 17.16 ? 156 PHE A CD1 1 
ATOM   1286 C CD2 . PHE A 1 177 ? -0.136  14.643  -1.845  1.00 17.64 ? 156 PHE A CD2 1 
ATOM   1287 C CE1 . PHE A 1 177 ? 2.019   15.925  -0.735  1.00 18.30 ? 156 PHE A CE1 1 
ATOM   1288 C CE2 . PHE A 1 177 ? -0.233  15.268  -0.605  1.00 17.90 ? 156 PHE A CE2 1 
ATOM   1289 C CZ  . PHE A 1 177 ? 0.850   15.895  -0.073  1.00 17.45 ? 156 PHE A CZ  1 
ATOM   1290 N N   . VAL A 1 178 ? 3.788   12.281  -3.737  1.00 12.76 ? 157 VAL A N   1 
ATOM   1291 C CA  . VAL A 1 178 ? 5.091   12.058  -3.146  1.00 13.04 ? 157 VAL A CA  1 
ATOM   1292 C C   . VAL A 1 178 ? 5.448   13.234  -2.268  1.00 11.98 ? 157 VAL A C   1 
ATOM   1293 O O   . VAL A 1 178 ? 5.419   14.396  -2.718  1.00 13.57 ? 157 VAL A O   1 
ATOM   1294 C CB  . VAL A 1 178 ? 6.168   11.874  -4.238  1.00 13.69 ? 157 VAL A CB  1 
ATOM   1295 C CG1 . VAL A 1 178 ? 7.571   11.819  -3.640  1.00 15.29 ? 157 VAL A CG1 1 
ATOM   1296 C CG2 . VAL A 1 178 ? 5.879   10.640  -5.032  1.00 15.32 ? 157 VAL A CG2 1 
ATOM   1297 N N   . ARG A 1 179 ? 5.778   12.960  -0.999  1.00 10.79 ? 158 ARG A N   1 
ATOM   1298 C CA  . ARG A 1 179 ? 6.407   13.924  -0.104  1.00 10.97 ? 158 ARG A CA  1 
ATOM   1299 C C   . ARG A 1 179 ? 7.903   13.708  -0.193  1.00 10.89 ? 158 ARG A C   1 
ATOM   1300 O O   . ARG A 1 179 ? 8.411   12.758  0.367   1.00 11.01 ? 158 ARG A O   1 
ATOM   1301 C CB  . ARG A 1 179 ? 5.978   13.668  1.332   1.00 10.79 ? 158 ARG A CB  1 
ATOM   1302 C CG  . ARG A 1 179 ? 4.561   14.132  1.678   1.00 10.56 ? 158 ARG A CG  1 
ATOM   1303 C CD  . ARG A 1 179 ? 3.443   13.268  1.098   1.00 11.99 ? 158 ARG A CD  1 
ATOM   1304 N NE  . ARG A 1 179 ? 2.194   13.504  1.832   1.00 11.23 ? 158 ARG A NE  1 
ATOM   1305 C CZ  . ARG A 1 179 ? 1.069   12.849  1.584   1.00 13.80 ? 158 ARG A CZ  1 
ATOM   1306 N NH1 . ARG A 1 179 ? -0.016  13.096  2.324   1.00 13.37 ? 158 ARG A NH1 1 
ATOM   1307 N NH2 . ARG A 1 179 ? 1.041   11.913  0.637   1.00 11.24 ? 158 ARG A NH2 1 
ATOM   1308 N N   . PRO A 1 180 ? 8.646   14.544  -0.924  1.00 11.83 ? 159 PRO A N   1 
ATOM   1309 C CA  . PRO A 1 180 ? 10.091  14.306  -1.055  1.00 12.00 ? 159 PRO A CA  1 
ATOM   1310 C C   . PRO A 1 180 ? 10.869  14.313  0.261   1.00 11.46 ? 159 PRO A C   1 
ATOM   1311 O O   . PRO A 1 180 ? 11.888  13.656  0.352   1.00 11.63 ? 159 PRO A O   1 
ATOM   1312 C CB  . PRO A 1 180 ? 10.539  15.425  -1.989  1.00 13.24 ? 159 PRO A CB  1 
ATOM   1313 C CG  . PRO A 1 180 ? 9.353   15.707  -2.773  1.00 14.86 ? 159 PRO A CG  1 
ATOM   1314 C CD  . PRO A 1 180 ? 8.200   15.659  -1.769  1.00 12.93 ? 159 PRO A CD  1 
ATOM   1315 N N   . GLY A 1 181 ? 10.340  14.977  1.274   1.00 11.60 ? 160 GLY A N   1 
ATOM   1316 C CA  . GLY A 1 181 ? 10.980  14.992  2.582   1.00 12.37 ? 160 GLY A CA  1 
ATOM   1317 C C   . GLY A 1 181 ? 10.724  13.792  3.473   1.00 12.34 ? 160 GLY A C   1 
ATOM   1318 O O   . GLY A 1 181 ? 11.397  13.656  4.516   1.00 13.86 ? 160 GLY A O   1 
ATOM   1319 N N   . TRP A 1 182 ? 9.788   12.932  3.072   1.00 11.45 ? 161 TRP A N   1 
ATOM   1320 C CA  . TRP A 1 182 ? 9.483   11.698  3.793   1.00 11.28 ? 161 TRP A CA  1 
ATOM   1321 C C   . TRP A 1 182 ? 10.380  10.600  3.211   1.00 11.42 ? 161 TRP A C   1 
ATOM   1322 O O   . TRP A 1 182 ? 9.947   9.731   2.462   1.00 11.53 ? 161 TRP A O   1 
ATOM   1323 C CB  . TRP A 1 182 ? 7.996   11.371  3.663   1.00 11.19 ? 161 TRP A CB  1 
ATOM   1324 C CG  . TRP A 1 182 ? 7.094   12.257  4.477   1.00 11.17 ? 161 TRP A CG  1 
ATOM   1325 C CD1 . TRP A 1 182 ? 7.458   13.283  5.307   1.00 13.01 ? 161 TRP A CD1 1 
ATOM   1326 C CD2 . TRP A 1 182 ? 5.676   12.164  4.550   1.00 9.66  ? 161 TRP A CD2 1 
ATOM   1327 N NE1 . TRP A 1 182 ? 6.329   13.868  5.836   1.00 13.13 ? 161 TRP A NE1 1 
ATOM   1328 C CE2 . TRP A 1 182 ? 5.229   13.185  5.410   1.00 9.63  ? 161 TRP A CE2 1 
ATOM   1329 C CE3 . TRP A 1 182 ? 4.730   11.350  3.942   1.00 11.77 ? 161 TRP A CE3 1 
ATOM   1330 C CZ2 . TRP A 1 182 ? 3.878   13.407  5.659   1.00 11.49 ? 161 TRP A CZ2 1 
ATOM   1331 C CZ3 . TRP A 1 182 ? 3.403   11.541  4.217   1.00 11.44 ? 161 TRP A CZ3 1 
ATOM   1332 C CH2 . TRP A 1 182 ? 2.989   12.557  5.082   1.00 11.99 ? 161 TRP A CH2 1 
ATOM   1333 N N   . ARG A 1 183 ? 11.660  10.719  3.560   1.00 13.84 ? 162 ARG A N   1 
ATOM   1334 C CA  . ARG A 1 183 ? 12.712  9.951   2.962   1.00 15.12 ? 162 ARG A CA  1 
ATOM   1335 C C   . ARG A 1 183 ? 13.739  9.640   4.026   1.00 16.95 ? 162 ARG A C   1 
ATOM   1336 O O   . ARG A 1 183 ? 14.146  10.533  4.776   1.00 19.54 ? 162 ARG A O   1 
ATOM   1337 C CB  . ARG A 1 183 ? 13.329  10.805  1.866   1.00 17.69 ? 162 ARG A CB  1 
ATOM   1338 C CG  . ARG A 1 183 ? 14.500  10.210  1.195   1.00 20.05 ? 162 ARG A CG  1 
ATOM   1339 C CD  . ARG A 1 183 ? 15.619  11.180  1.187   1.00 19.38 ? 162 ARG A CD  1 
ATOM   1340 N NE  . ARG A 1 183 ? 16.797  10.521  0.704   1.00 18.25 ? 162 ARG A NE  1 
ATOM   1341 C CZ  . ARG A 1 183 ? 18.008  11.029  0.833   1.00 16.25 ? 162 ARG A CZ  1 
ATOM   1342 N NH1 . ARG A 1 183 ? 18.193  12.197  1.442   1.00 16.23 ? 162 ARG A NH1 1 
ATOM   1343 N NH2 . ARG A 1 183 ? 19.016  10.357  0.337   1.00 15.85 ? 162 ARG A NH2 1 
ATOM   1344 N N   . LEU A 1 184 ? 14.160  8.394   4.059   1.00 17.16 ? 163 LEU A N   1 
ATOM   1345 C CA  . LEU A 1 184 ? 15.235  7.940   4.933   1.00 20.35 ? 163 LEU A CA  1 
ATOM   1346 C C   . LEU A 1 184 ? 16.564  8.011   4.161   1.00 22.47 ? 163 LEU A C   1 
ATOM   1347 O O   . LEU A 1 184 ? 16.715  7.318   3.201   1.00 23.18 ? 163 LEU A O   1 
ATOM   1348 C CB  . LEU A 1 184 ? 14.915  6.504   5.330   1.00 19.96 ? 163 LEU A CB  1 
ATOM   1349 C CG  . LEU A 1 184 ? 13.583  6.266   6.062   1.00 20.43 ? 163 LEU A CG  1 
ATOM   1350 C CD1 . LEU A 1 184 ? 13.299  4.812   6.239   1.00 22.67 ? 163 LEU A CD1 1 
ATOM   1351 C CD2 . LEU A 1 184 ? 13.641  6.967   7.418   1.00 21.60 ? 163 LEU A CD2 1 
ATOM   1352 N N   . PRO A 1 185 ? 17.519  8.863   4.532   1.00 24.95 ? 164 PRO A N   1 
ATOM   1353 C CA  . PRO A 1 185 ? 18.792  8.890   3.798   1.00 26.28 ? 164 PRO A CA  1 
ATOM   1354 C C   . PRO A 1 185 ? 19.573  7.568   3.926   1.00 26.97 ? 164 PRO A C   1 
ATOM   1355 O O   . PRO A 1 185 ? 20.194  7.096   2.979   1.00 27.28 ? 164 PRO A O   1 
ATOM   1356 C CB  . PRO A 1 185 ? 19.539  10.108  4.401   1.00 26.26 ? 164 PRO A CB  1 
ATOM   1357 C CG  . PRO A 1 185 ? 18.876  10.415  5.676   1.00 27.11 ? 164 PRO A CG  1 
ATOM   1358 C CD  . PRO A 1 185 ? 17.456  9.890   5.595   1.00 25.13 ? 164 PRO A CD  1 
ATOM   1359 N N   . ARG A 1 186 ? 19.525  6.961   5.103   1.00 27.55 ? 165 ARG A N   1 
ATOM   1360 C CA  . ARG A 1 186 ? 20.093  5.636   5.306   1.00 29.15 ? 165 ARG A CA  1 
ATOM   1361 C C   . ARG A 1 186 ? 19.147  4.789   6.132   1.00 29.42 ? 165 ARG A C   1 
ATOM   1362 O O   . ARG A 1 186 ? 18.295  5.318   6.853   1.00 29.92 ? 165 ARG A O   1 
ATOM   1363 C CB  . ARG A 1 186 ? 21.410  5.722   6.062   1.00 29.30 ? 165 ARG A CB  1 
ATOM   1364 C CG  . ARG A 1 186 ? 22.360  6.734   5.501   1.00 30.18 ? 165 ARG A CG  1 
ATOM   1365 C CD  . ARG A 1 186 ? 23.626  6.821   6.278   1.00 31.79 ? 165 ARG A CD  1 
ATOM   1366 N NE  . ARG A 1 186 ? 24.589  7.647   5.567   1.00 33.78 ? 165 ARG A NE  1 
ATOM   1367 C CZ  . ARG A 1 186 ? 25.897  7.509   5.665   1.00 31.76 ? 165 ARG A CZ  1 
ATOM   1368 N NH1 . ARG A 1 186 ? 26.425  6.558   6.455   1.00 32.13 ? 165 ARG A NH1 1 
ATOM   1369 N NH2 . ARG A 1 186 ? 26.668  8.331   4.956   1.00 28.92 ? 165 ARG A NH2 1 
ATOM   1370 N N   . ARG A 1 187 ? 19.329  3.482   6.032   1.00 30.34 ? 166 ARG A N   1 
ATOM   1371 C CA  . ARG A 1 187 ? 18.542  2.512   6.772   1.00 30.62 ? 166 ARG A CA  1 
ATOM   1372 C C   . ARG A 1 187 ? 19.327  2.075   8.004   1.00 32.29 ? 166 ARG A C   1 
ATOM   1373 O O   . ARG A 1 187 ? 20.565  2.029   7.950   1.00 33.76 ? 166 ARG A O   1 
ATOM   1374 C CB  . ARG A 1 187 ? 18.250  1.312   5.879   1.00 30.89 ? 166 ARG A CB  1 
ATOM   1375 C CG  . ARG A 1 187 ? 17.564  1.724   4.563   1.00 29.55 ? 166 ARG A CG  1 
ATOM   1376 C CD  . ARG A 1 187 ? 17.380  0.576   3.599   1.00 28.80 ? 166 ARG A CD  1 
ATOM   1377 N NE  . ARG A 1 187 ? 16.534  0.947   2.462   1.00 26.75 ? 166 ARG A NE  1 
ATOM   1378 C CZ  . ARG A 1 187 ? 16.497  0.299   1.296   1.00 27.88 ? 166 ARG A CZ  1 
ATOM   1379 N NH1 . ARG A 1 187 ? 17.261  -0.755  1.091   1.00 28.64 ? 166 ARG A NH1 1 
ATOM   1380 N NH2 . ARG A 1 187 ? 15.680  0.699   0.315   1.00 25.12 ? 166 ARG A NH2 1 
HETATM 1381 O O   . HOH B 2 .   ? -6.566  1.964   2.711   1.00 10.07 ? 183 HOH A O   1 
HETATM 1382 O O   . HOH B 2 .   ? -2.893  6.366   7.611   1.00 10.63 ? 184 HOH A O   1 
HETATM 1383 O O   . HOH B 2 .   ? 9.010   10.299  11.861  1.00 12.78 ? 185 HOH A O   1 
HETATM 1384 O O   . HOH B 2 .   ? 12.626  -8.091  -2.217  1.00 12.68 ? 186 HOH A O   1 
HETATM 1385 O O   . HOH B 2 .   ? -4.989  1.760   -0.474  1.00 10.66 ? 187 HOH A O   1 
HETATM 1386 O O   . HOH B 2 .   ? -4.121  5.514   5.154   1.00 10.71 ? 188 HOH A O   1 
HETATM 1387 O O   . HOH B 2 .   ? 17.852  -5.402  -3.623  1.00 15.97 ? 189 HOH A O   1 
HETATM 1388 O O   . HOH B 2 .   ? -4.941  4.072   9.377   1.00 12.17 ? 190 HOH A O   1 
HETATM 1389 O O   . HOH B 2 .   ? -1.838  11.194  0.894   1.00 13.81 ? 191 HOH A O   1 
HETATM 1390 O O   . HOH B 2 .   ? -7.147  2.370   -9.624  1.00 11.39 ? 192 HOH A O   1 
HETATM 1391 O O   . HOH B 2 .   ? 14.797  -11.263 -2.662  1.00 17.53 ? 193 HOH A O   1 
HETATM 1392 O O   . HOH B 2 .   ? 11.024  0.562   -6.948  1.00 16.66 ? 194 HOH A O   1 
HETATM 1393 O O   . HOH B 2 .   ? -3.719  3.995   -12.250 1.00 14.21 ? 195 HOH A O   1 
HETATM 1394 O O   . HOH B 2 .   ? -0.278  9.302   14.708  1.00 14.66 ? 196 HOH A O   1 
HETATM 1395 O O   . HOH B 2 .   ? -5.742  4.540   -10.385 1.00 12.02 ? 197 HOH A O   1 
HETATM 1396 O O   . HOH B 2 .   ? 10.388  6.921   2.560   1.00 13.46 ? 198 HOH A O   1 
HETATM 1397 O O   . HOH B 2 .   ? 11.694  3.931   -2.372  1.00 14.37 ? 199 HOH A O   1 
HETATM 1398 O O   . HOH B 2 .   ? -20.026 -2.353  -5.593  1.00 14.90 ? 200 HOH A O   1 
HETATM 1399 O O   . HOH B 2 .   ? 11.909  -14.314 -5.146  1.00 13.16 ? 201 HOH A O   1 
HETATM 1400 O O   . HOH B 2 .   ? 3.340   -7.500  1.591   1.00 14.05 ? 202 HOH A O   1 
HETATM 1401 O O   . HOH B 2 .   ? 7.047   9.667   13.827  1.00 19.42 ? 203 HOH A O   1 
HETATM 1402 O O   . HOH B 2 .   ? 8.422   -1.073  14.285  1.00 15.21 ? 204 HOH A O   1 
HETATM 1403 O O   . HOH B 2 .   ? -18.482 1.615   -7.718  1.00 15.52 ? 205 HOH A O   1 
HETATM 1404 O O   . HOH B 2 .   ? 9.248   -9.987  -0.540  1.00 13.40 ? 206 HOH A O   1 
HETATM 1405 O O   . HOH B 2 .   ? -19.341 4.891   -11.323 1.00 15.63 ? 207 HOH A O   1 
HETATM 1406 O O   . HOH B 2 .   ? -14.334 4.150   -1.160  1.00 14.16 ? 208 HOH A O   1 
HETATM 1407 O O   . HOH B 2 .   ? -13.685 -1.153  5.935   1.00 16.46 ? 209 HOH A O   1 
HETATM 1408 O O   . HOH B 2 .   ? -4.068  11.374  6.122   1.00 15.05 ? 210 HOH A O   1 
HETATM 1409 O O   . HOH B 2 .   ? 13.895  -5.669  0.889   1.00 15.07 ? 211 HOH A O   1 
HETATM 1410 O O   . HOH B 2 .   ? -2.322  9.896   -6.936  1.00 15.81 ? 212 HOH A O   1 
HETATM 1411 O O   . HOH B 2 .   ? -13.590 -9.878  -6.813  1.00 24.36 ? 213 HOH A O   1 
HETATM 1412 O O   . HOH B 2 .   ? -14.846 2.598   5.627   1.00 16.77 ? 214 HOH A O   1 
HETATM 1413 O O   . HOH B 2 .   ? -18.576 -1.539  2.408   1.00 17.96 ? 215 HOH A O   1 
HETATM 1414 O O   . HOH B 2 .   ? 10.840  6.367   -6.244  1.00 16.34 ? 216 HOH A O   1 
HETATM 1415 O O   . HOH B 2 .   ? -15.148 -6.590  -6.124  1.00 15.25 ? 217 HOH A O   1 
HETATM 1416 O O   . HOH B 2 .   ? -16.746 6.781   -4.929  1.00 14.02 ? 218 HOH A O   1 
HETATM 1417 O O   . HOH B 2 .   ? -12.824 11.273  -9.616  1.00 21.71 ? 219 HOH A O   1 
HETATM 1418 O O   . HOH B 2 .   ? -3.843  1.860   10.355  1.00 16.11 ? 220 HOH A O   1 
HETATM 1419 O O   . HOH B 2 .   ? 19.543  -6.170  -11.116 1.00 14.74 ? 221 HOH A O   1 
HETATM 1420 O O   . HOH B 2 .   ? -0.902  -7.501  -8.730  1.00 18.83 ? 222 HOH A O   1 
HETATM 1421 O O   . HOH B 2 .   ? -0.771  12.914  12.252  1.00 19.68 ? 223 HOH A O   1 
HETATM 1422 O O   . HOH B 2 .   ? 13.127  6.643   2.028   1.00 15.91 ? 224 HOH A O   1 
HETATM 1423 O O   . HOH B 2 .   ? -7.544  8.611   0.511   1.00 18.84 ? 225 HOH A O   1 
HETATM 1424 O O   . HOH B 2 .   ? -1.666  10.315  -9.568  1.00 21.55 ? 226 HOH A O   1 
HETATM 1425 O O   . HOH B 2 .   ? 3.493   13.071  -6.564  1.00 22.28 ? 227 HOH A O   1 
HETATM 1426 O O   . HOH B 2 .   ? -4.922  -9.428  6.700   1.00 24.38 ? 228 HOH A O   1 
HETATM 1427 O O   . HOH B 2 .   ? -8.398  -10.450 3.618   1.00 18.11 ? 229 HOH A O   1 
HETATM 1428 O O   . HOH B 2 .   ? 8.807   1.217   15.736  1.00 18.41 ? 230 HOH A O   1 
HETATM 1429 O O   . HOH B 2 .   ? 1.826   10.893  17.330  1.00 19.10 ? 231 HOH A O   1 
HETATM 1430 O O   . HOH B 2 .   ? 7.212   12.716  14.484  1.00 19.69 ? 232 HOH A O   1 
HETATM 1431 O O   . HOH B 2 .   ? -5.446  -2.784  -12.392 1.00 15.45 ? 233 HOH A O   1 
HETATM 1432 O O   . HOH B 2 .   ? 8.034   16.628  1.689   1.00 19.55 ? 234 HOH A O   1 
HETATM 1433 O O   . HOH B 2 .   ? -6.875  15.164  13.634  1.00 18.51 ? 235 HOH A O   1 
HETATM 1434 O O   . HOH B 2 .   ? -22.405 1.286   -4.569  1.00 19.05 ? 236 HOH A O   1 
HETATM 1435 O O   . HOH B 2 .   ? -2.712  9.543   -13.812 1.00 22.11 ? 237 HOH A O   1 
HETATM 1436 O O   . HOH B 2 .   ? 15.759  6.774   10.757  1.00 20.38 ? 238 HOH A O   1 
HETATM 1437 O O   . HOH B 2 .   ? -3.053  12.837  3.420   1.00 19.46 ? 239 HOH A O   1 
HETATM 1438 O O   . HOH B 2 .   ? -1.571  -7.970  -11.138 1.00 22.24 ? 240 HOH A O   1 
HETATM 1439 O O   . HOH B 2 .   ? -4.791  -9.364  3.698   1.00 17.12 ? 241 HOH A O   1 
HETATM 1440 O O   . HOH B 2 .   ? -20.223 -4.485  4.046   1.00 20.03 ? 242 HOH A O   1 
HETATM 1441 O O   . HOH B 2 .   ? -14.288 9.084   0.813   1.00 19.75 ? 243 HOH A O   1 
HETATM 1442 O O   . HOH B 2 .   ? 11.038  6.204   -1.238  1.00 20.42 ? 244 HOH A O   1 
HETATM 1443 O O   . HOH B 2 .   ? 11.096  -9.608  1.509   1.00 18.13 ? 245 HOH A O   1 
HETATM 1444 O O   . HOH B 2 .   ? -16.764 -7.615  -8.094  1.00 26.10 ? 246 HOH A O   1 
HETATM 1445 O O   . HOH B 2 .   ? 8.998   9.051   16.559  1.00 22.93 ? 247 HOH A O   1 
HETATM 1446 O O   . HOH B 2 .   ? -20.829 -13.747 -0.585  1.00 20.24 ? 248 HOH A O   1 
HETATM 1447 O O   . HOH B 2 .   ? 1.687   15.755  3.633   1.00 24.38 ? 249 HOH A O   1 
HETATM 1448 O O   . HOH B 2 .   ? 7.635   -17.185 6.454   1.00 22.02 ? 250 HOH A O   1 
HETATM 1449 O O   . HOH B 2 .   ? 8.278   -12.547 -0.525  1.00 25.80 ? 251 HOH A O   1 
HETATM 1450 O O   . HOH B 2 .   ? 15.190  -8.496  -3.302  1.00 17.30 ? 252 HOH A O   1 
HETATM 1451 O O   . HOH B 2 .   ? -6.035  8.905   -4.012  1.00 23.25 ? 253 HOH A O   1 
HETATM 1452 O O   . HOH B 2 .   ? -1.497  -6.851  13.056  1.00 22.62 ? 254 HOH A O   1 
HETATM 1453 O O   . HOH B 2 .   ? -15.258 3.018   9.287   1.00 22.71 ? 255 HOH A O   1 
HETATM 1454 O O   . HOH B 2 .   ? -14.878 4.045   -10.423 1.00 22.33 ? 256 HOH A O   1 
HETATM 1455 O O   . HOH B 2 .   ? -19.604 -5.095  -7.621  1.00 22.41 ? 257 HOH A O   1 
HETATM 1456 O O   . HOH B 2 .   ? 16.092  12.731  10.703  1.00 30.97 ? 258 HOH A O   1 
HETATM 1457 O O   . HOH B 2 .   ? 4.084   2.853   15.753  1.00 21.65 ? 259 HOH A O   1 
HETATM 1458 O O   . HOH B 2 .   ? 11.817  4.117   -5.173  1.00 21.73 ? 260 HOH A O   1 
HETATM 1459 O O   . HOH B 2 .   ? -2.697  -2.523  -14.150 1.00 22.29 ? 261 HOH A O   1 
HETATM 1460 O O   . HOH B 2 .   ? 0.857   13.214  16.974  1.00 24.38 ? 262 HOH A O   1 
HETATM 1461 O O   . HOH B 2 .   ? 8.581   -14.926 -11.532 1.00 25.12 ? 263 HOH A O   1 
HETATM 1462 O O   . HOH B 2 .   ? -14.977 9.623   3.570   1.00 25.25 ? 264 HOH A O   1 
HETATM 1463 O O   . HOH B 2 .   ? -6.070  -8.079  8.773   1.00 25.44 ? 265 HOH A O   1 
HETATM 1464 O O   . HOH B 2 .   ? -19.080 0.790   0.823   1.00 22.44 ? 266 HOH A O   1 
HETATM 1465 O O   . HOH B 2 .   ? -5.165  9.279   13.890  1.00 23.82 ? 267 HOH A O   1 
HETATM 1466 O O   . HOH B 2 .   ? -8.691  13.931  0.552   1.00 20.47 ? 268 HOH A O   1 
HETATM 1467 O O   . HOH B 2 .   ? -12.221 -12.385 3.219   1.00 25.35 ? 269 HOH A O   1 
HETATM 1468 O O   . HOH B 2 .   ? 11.306  -1.251  -14.137 1.00 25.48 ? 270 HOH A O   1 
HETATM 1469 O O   . HOH B 2 .   ? -2.091  -11.722 -8.855  1.00 33.76 ? 271 HOH A O   1 
HETATM 1470 O O   . HOH B 2 .   ? 11.428  -18.105 -4.701  1.00 27.26 ? 272 HOH A O   1 
HETATM 1471 O O   . HOH B 2 .   ? -19.987 -11.258 1.481   1.00 29.64 ? 273 HOH A O   1 
HETATM 1472 O O   . HOH B 2 .   ? 14.074  3.910   -1.317  1.00 20.50 ? 274 HOH A O   1 
HETATM 1473 O O   . HOH B 2 .   ? 18.642  -3.924  -11.951 1.00 24.36 ? 275 HOH A O   1 
HETATM 1474 O O   . HOH B 2 .   ? -0.097  14.546  5.300   1.00 31.40 ? 276 HOH A O   1 
HETATM 1475 O O   . HOH B 2 .   ? -11.782 -6.469  -12.037 1.00 28.38 ? 277 HOH A O   1 
HETATM 1476 O O   . HOH B 2 .   ? -9.943  12.466  -16.309 1.00 28.73 ? 278 HOH A O   1 
HETATM 1477 O O   . HOH B 2 .   ? -16.074 4.817   5.225   1.00 28.67 ? 279 HOH A O   1 
HETATM 1478 O O   . HOH B 2 .   ? 9.490   16.398  7.544   1.00 30.31 ? 280 HOH A O   1 
HETATM 1479 O O   . HOH B 2 .   ? -17.520 -1.034  4.840   1.00 29.77 ? 281 HOH A O   1 
HETATM 1480 O O   . HOH B 2 .   ? 16.821  13.521  3.713   1.00 23.79 ? 282 HOH A O   1 
HETATM 1481 O O   . HOH B 2 .   ? -10.249 13.593  7.565   1.00 28.03 ? 283 HOH A O   1 
HETATM 1482 O O   . HOH B 2 .   ? -21.973 -5.632  -3.924  1.00 25.87 ? 284 HOH A O   1 
HETATM 1483 O O   . HOH B 2 .   ? -3.263  12.388  -10.569 1.00 27.05 ? 285 HOH A O   1 
HETATM 1484 O O   . HOH B 2 .   ? -10.317 -11.959 4.905   1.00 29.88 ? 286 HOH A O   1 
HETATM 1485 O O   . HOH B 2 .   ? 19.867  -2.773  0.106   1.00 34.46 ? 287 HOH A O   1 
HETATM 1486 O O   . HOH B 2 .   ? 6.513   -15.673 -8.495  1.00 30.88 ? 288 HOH A O   1 
HETATM 1487 O O   . HOH B 2 .   ? -20.341 -8.561  -1.949  1.00 26.10 ? 289 HOH A O   1 
HETATM 1488 O O   . HOH B 2 .   ? -7.110  -11.139 6.146   1.00 24.53 ? 290 HOH A O   1 
HETATM 1489 O O   . HOH B 2 .   ? -0.585  -4.358  13.372  1.00 28.48 ? 291 HOH A O   1 
HETATM 1490 O O   . HOH B 2 .   ? -2.647  -12.139 -3.148  1.00 25.80 ? 292 HOH A O   1 
HETATM 1491 O O   . HOH B 2 .   ? 12.081  -6.436  12.312  1.00 24.69 ? 293 HOH A O   1 
HETATM 1492 O O   . HOH B 2 .   ? -16.510 2.382   -0.759  1.00 22.30 ? 294 HOH A O   1 
HETATM 1493 O O   . HOH B 2 .   ? 4.892   -12.889 -11.797 1.00 42.52 ? 295 HOH A O   1 
HETATM 1494 O O   . HOH B 2 .   ? 17.586  -1.733  -1.508  1.00 30.32 ? 296 HOH A O   1 
HETATM 1495 O O   . HOH B 2 .   ? 7.209   -0.011  -13.427 1.00 29.64 ? 297 HOH A O   1 
HETATM 1496 O O   . HOH B 2 .   ? -1.586  14.300  8.829   1.00 26.08 ? 298 HOH A O   1 
HETATM 1497 O O   . HOH B 2 .   ? 15.169  -3.648  5.982   1.00 34.54 ? 299 HOH A O   1 
HETATM 1498 O O   . HOH B 2 .   ? -5.814  13.376  -10.814 1.00 26.40 ? 300 HOH A O   1 
HETATM 1499 O O   . HOH B 2 .   ? -10.987 -11.551 -6.470  1.00 27.63 ? 301 HOH A O   1 
HETATM 1500 O O   . HOH B 2 .   ? 4.047   -15.452 7.374   1.00 28.95 ? 302 HOH A O   1 
HETATM 1501 O O   . HOH B 2 .   ? -3.742  14.197  1.163   1.00 29.14 ? 303 HOH A O   1 
HETATM 1502 O O   . HOH B 2 .   ? 5.934   -15.486 0.299   1.00 30.94 ? 304 HOH A O   1 
HETATM 1503 O O   . HOH B 2 .   ? -19.464 -7.528  -8.192  1.00 33.93 ? 305 HOH A O   1 
HETATM 1504 O O   . HOH B 2 .   ? 3.949   -10.229 16.221  1.00 34.68 ? 306 HOH A O   1 
HETATM 1505 O O   . HOH B 2 .   ? -1.477  -9.385  13.075  1.00 33.75 ? 307 HOH A O   1 
HETATM 1506 O O   . HOH B 2 .   ? -7.269  -12.710 -5.427  1.00 35.61 ? 308 HOH A O   1 
HETATM 1507 O O   . HOH B 2 .   ? 6.162   -12.726 -2.379  1.00 27.04 ? 309 HOH A O   1 
HETATM 1508 O O   . HOH B 2 .   ? -10.128 10.284  -19.851 1.00 32.24 ? 310 HOH A O   1 
HETATM 1509 O O   . HOH B 2 .   ? -4.003  -13.006 -1.090  1.00 30.06 ? 311 HOH A O   1 
HETATM 1510 O O   . HOH B 2 .   ? 14.253  -12.531 -0.129  1.00 30.25 ? 312 HOH A O   1 
HETATM 1511 O O   . HOH B 2 .   ? 7.299   6.016   -8.807  1.00 30.52 ? 313 HOH A O   1 
HETATM 1512 O O   . HOH B 2 .   ? -8.298  15.572  -6.351  1.00 33.89 ? 314 HOH A O   1 
HETATM 1513 O O   . HOH B 2 .   ? -7.149  -5.971  9.306   1.00 31.69 ? 315 HOH A O   1 
HETATM 1514 O O   . HOH B 2 .   ? -0.454  -15.114 5.134   1.00 33.82 ? 316 HOH A O   1 
HETATM 1515 O O   . HOH B 2 .   ? -26.762 -2.703  -8.191  1.00 28.65 ? 317 HOH A O   1 
HETATM 1516 O O   . HOH B 2 .   ? 6.240   3.169   18.125  1.00 24.89 ? 318 HOH A O   1 
HETATM 1517 O O   . HOH B 2 .   ? -16.582 -6.684  -10.879 1.00 35.95 ? 319 HOH A O   1 
HETATM 1518 O O   . HOH B 2 .   ? -3.752  -4.415  -13.279 1.00 13.51 ? 320 HOH A O   1 
HETATM 1519 O O   . HOH B 2 .   ? -2.866  12.164  -13.286 1.00 31.41 ? 321 HOH A O   1 
HETATM 1520 O O   . HOH B 2 .   ? 18.349  7.943   7.769   1.00 34.76 ? 322 HOH A O   1 
HETATM 1521 O O   . HOH B 2 .   ? 4.512   -14.561 -1.722  1.00 37.04 ? 323 HOH A O   1 
HETATM 1522 O O   . HOH B 2 .   ? 10.240  -15.604 -3.590  1.00 31.86 ? 324 HOH A O   1 
HETATM 1523 O O   . HOH B 2 .   ? 7.792   16.052  11.792  1.00 33.54 ? 325 HOH A O   1 
HETATM 1524 O O   . HOH B 2 .   ? 1.730   -14.328 6.069   1.00 28.45 ? 326 HOH A O   1 
HETATM 1525 O O   . HOH B 2 .   ? -9.132  -0.262  11.797  1.00 33.01 ? 327 HOH A O   1 
HETATM 1526 O O   . HOH B 2 .   ? -10.596 -5.670  -14.381 1.00 40.62 ? 328 HOH A O   1 
HETATM 1527 O O   . HOH B 2 .   ? -8.412  -0.960  -16.457 1.00 34.58 ? 329 HOH A O   1 
HETATM 1528 O O   . HOH B 2 .   ? 5.737   17.476  0.234   1.00 34.14 ? 330 HOH A O   1 
HETATM 1529 O O   . HOH B 2 .   ? -6.822  -13.968 -2.633  1.00 34.16 ? 331 HOH A O   1 
HETATM 1530 O O   . HOH B 2 .   ? 9.165   -17.985 -10.888 1.00 34.51 ? 332 HOH A O   1 
HETATM 1531 O O   . HOH B 2 .   ? -18.612 -5.503  8.641   1.00 34.99 ? 333 HOH A O   1 
HETATM 1532 O O   . HOH B 2 .   ? 8.130   -15.265 -4.958  1.00 41.94 ? 334 HOH A O   1 
HETATM 1533 O O   . HOH B 2 .   ? -16.547 1.148   6.633   1.00 32.86 ? 335 HOH A O   1 
HETATM 1534 O O   . HOH B 2 .   ? -4.995  -3.749  -15.513 1.00 37.73 ? 336 HOH A O   1 
HETATM 1535 O O   . HOH B 2 .   ? 7.562   -12.464 14.116  1.00 42.09 ? 337 HOH A O   1 
HETATM 1536 O O   . HOH B 2 .   ? -20.515 -5.964  6.553   1.00 38.81 ? 338 HOH A O   1 
HETATM 1537 O O   . HOH B 2 .   ? 9.884   18.885  0.633   1.00 35.94 ? 339 HOH A O   1 
HETATM 1538 O O   . HOH B 2 .   ? 2.797   -7.767  12.939  1.00 31.33 ? 340 HOH A O   1 
HETATM 1539 O O   . HOH B 2 .   ? -8.617  -14.045 4.492   1.00 32.26 ? 341 HOH A O   1 
HETATM 1540 O O   . HOH B 2 .   ? 13.752  1.351   -7.442  1.00 27.39 ? 342 HOH A O   1 
HETATM 1541 O O   . HOH B 2 .   ? -8.755  -10.480 8.257   1.00 38.42 ? 343 HOH A O   1 
HETATM 1542 O O   . HOH B 2 .   ? -2.961  11.759  13.479  1.00 30.05 ? 344 HOH A O   1 
HETATM 1543 O O   . HOH B 2 .   ? 5.404   16.141  7.573   1.00 35.48 ? 345 HOH A O   1 
HETATM 1544 O O   . HOH B 2 .   ? 1.646   -10.384 12.887  1.00 31.53 ? 346 HOH A O   1 
HETATM 1545 O O   . HOH B 2 .   ? -3.003  8.380   -18.200 1.00 37.03 ? 347 HOH A O   1 
HETATM 1546 O O   . HOH B 2 .   ? 8.720   6.061   -11.570 1.00 36.71 ? 348 HOH A O   1 
HETATM 1547 O O   . HOH B 2 .   ? 0.629   11.484  -10.136 1.00 36.25 ? 349 HOH A O   1 
HETATM 1548 O O   . HOH B 2 .   ? -21.412 -14.441 1.910   1.00 35.69 ? 350 HOH A O   1 
HETATM 1549 O O   . HOH B 2 .   ? 4.729   11.437  -8.527  1.00 34.72 ? 351 HOH A O   1 
HETATM 1550 O O   . HOH B 2 .   ? 1.746   1.594   -15.827 1.00 35.37 ? 352 HOH A O   1 
HETATM 1551 O O   . HOH B 2 .   ? 13.862  -11.568 -11.564 1.00 31.67 ? 353 HOH A O   1 
HETATM 1552 O O   . HOH B 2 .   ? 1.240   -16.282 2.777   1.00 44.58 ? 354 HOH A O   1 
HETATM 1553 O O   . HOH B 2 .   ? 17.154  12.596  7.977   1.00 39.10 ? 355 HOH A O   1 
HETATM 1554 O O   . HOH B 2 .   ? 11.529  -7.216  -14.707 1.00 35.81 ? 356 HOH A O   1 
HETATM 1555 O O   . HOH B 2 .   ? 5.192   -5.176  -16.664 1.00 41.29 ? 357 HOH A O   1 
HETATM 1556 O O   . HOH B 2 .   ? 11.513  -12.029 -11.652 1.00 37.95 ? 358 HOH A O   1 
HETATM 1557 O O   . HOH B 2 .   ? -3.259  -2.770  13.758  1.00 43.51 ? 359 HOH A O   1 
HETATM 1558 O O   . HOH B 2 .   ? 0.340   -7.181  15.526  1.00 36.99 ? 360 HOH A O   1 
HETATM 1559 O O   . HOH B 2 .   ? 16.792  8.841   9.399   1.00 34.85 ? 361 HOH A O   1 
HETATM 1560 O O   . HOH B 2 .   ? -10.835 -1.268  -16.125 1.00 33.58 ? 362 HOH A O   1 
HETATM 1561 O O   . HOH B 2 .   ? 2.878   -14.083 11.419  1.00 35.70 ? 363 HOH A O   1 
HETATM 1562 O O   . HOH B 2 .   ? -13.476 -8.370  -9.732  1.00 41.50 ? 364 HOH A O   1 
HETATM 1563 O O   . HOH B 2 .   ? 4.545   -1.800  -14.541 1.00 37.20 ? 365 HOH A O   1 
HETATM 1564 O O   . HOH B 2 .   ? 16.707  -0.695  9.140   1.00 35.17 ? 366 HOH A O   1 
HETATM 1565 O O   . HOH B 2 .   ? 15.698  -5.168  3.057   1.00 36.62 ? 367 HOH A O   1 
HETATM 1566 O O   . HOH B 2 .   ? -15.993 0.382   9.170   1.00 37.68 ? 368 HOH A O   1 
HETATM 1567 O O   . HOH B 2 .   ? -3.650  -7.021  -12.821 1.00 40.13 ? 369 HOH A O   1 
HETATM 1568 O O   . HOH B 2 .   ? 17.233  5.000   9.259   1.00 34.57 ? 370 HOH A O   1 
HETATM 1569 O O   . HOH B 2 .   ? 17.982  -7.244  -12.642 1.00 30.74 ? 371 HOH A O   1 
HETATM 1570 O O   . HOH B 2 .   ? -12.330 12.835  -14.714 1.00 37.89 ? 372 HOH A O   1 
HETATM 1571 O O   . HOH B 2 .   ? -5.167  12.908  13.237  1.00 33.51 ? 373 HOH A O   1 
HETATM 1572 O O   . HOH B 2 .   ? 18.334  0.336   10.980  1.00 38.14 ? 374 HOH A O   1 
HETATM 1573 O O   . HOH B 2 .   ? -5.149  -9.882  10.386  1.00 49.11 ? 375 HOH A O   1 
HETATM 1574 O O   . HOH B 2 .   ? 13.985  14.861  12.698  1.00 39.63 ? 376 HOH A O   1 
HETATM 1575 O O   . HOH B 2 .   ? 14.921  -8.859  -14.394 1.00 31.62 ? 377 HOH A O   1 
HETATM 1576 O O   . HOH B 2 .   ? -17.842 -2.857  8.830   1.00 46.16 ? 378 HOH A O   1 
HETATM 1577 O O   . HOH B 2 .   ? -10.732 -2.931  10.616  1.00 41.80 ? 379 HOH A O   1 
HETATM 1578 O O   . HOH B 2 .   ? 12.928  -16.540 -2.856  1.00 37.91 ? 380 HOH A O   1 
HETATM 1579 O O   . HOH B 2 .   ? -11.796 7.789   11.098  1.00 40.94 ? 381 HOH A O   1 
HETATM 1580 O O   . HOH B 2 .   ? 13.112  15.972  5.123   1.00 31.52 ? 382 HOH A O   1 
HETATM 1581 O O   . HOH B 2 .   ? 6.751   2.592   -15.387 1.00 40.54 ? 383 HOH A O   1 
HETATM 1582 O O   . HOH B 2 .   ? -1.654  -5.288  -14.710 1.00 32.86 ? 384 HOH A O   1 
HETATM 1583 O O   . HOH B 2 .   ? 10.751  -4.653  -13.934 1.00 37.38 ? 385 HOH A O   1 
HETATM 1584 O O   . HOH B 2 .   ? 1.379   -5.716  -16.098 1.00 46.80 ? 386 HOH A O   1 
HETATM 1585 O O   . HOH B 2 .   ? 8.029   -18.283 -5.929  1.00 46.18 ? 387 HOH A O   1 
HETATM 1586 O O   . HOH B 2 .   ? -3.347  -0.198  12.991  1.00 29.22 ? 388 HOH A O   1 
HETATM 1587 O O   . HOH B 2 .   ? -14.037 -14.589 4.091   1.00 39.38 ? 389 HOH A O   1 
HETATM 1588 O O   . HOH B 2 .   ? 15.487  2.078   13.583  1.00 43.50 ? 390 HOH A O   1 
HETATM 1589 O O   . HOH B 2 .   ? 16.206  11.665  14.768  1.00 39.12 ? 391 HOH A O   1 
HETATM 1590 O O   . HOH B 2 .   ? 6.342   15.668  -5.169  1.00 37.77 ? 392 HOH A O   1 
HETATM 1591 O O   . HOH B 2 .   ? -10.795 5.085   14.254  1.00 37.75 ? 393 HOH A O   1 
HETATM 1592 O O   . HOH B 2 .   ? 19.519  12.023  9.062   1.00 48.89 ? 394 HOH A O   1 
HETATM 1593 O O   . HOH B 2 .   ? 9.046   -16.643 1.549   1.00 46.02 ? 395 HOH A O   1 
HETATM 1594 O O   . HOH B 2 .   ? 5.173   -15.015 10.043  1.00 38.17 ? 396 HOH A O   1 
HETATM 1595 O O   . HOH B 2 .   ? 4.311   16.949  4.383   1.00 45.55 ? 397 HOH A O   1 
HETATM 1596 O O   . HOH B 2 .   ? 4.030   -13.761 -7.128  1.00 40.45 ? 398 HOH A O   1 
HETATM 1597 O O   . HOH B 2 .   ? 14.529  13.465  3.988   1.00 47.96 ? 399 HOH A O   1 
HETATM 1598 O O   . HOH B 2 .   ? 21.175  2.612   3.676   1.00 42.13 ? 400 HOH A O   1 
HETATM 1599 O O   . HOH B 2 .   ? -2.364  -3.179  -16.413 1.00 39.51 ? 401 HOH A O   1 
HETATM 1600 O O   . HOH B 2 .   ? -3.579  -0.368  -17.524 1.00 48.13 ? 402 HOH A O   1 
HETATM 1601 O O   . HOH B 2 .   ? 16.201  -4.749  13.575  1.00 45.18 ? 403 HOH A O   1 
HETATM 1602 O O   . HOH B 2 .   ? 0.042   12.759  -7.326  1.00 41.61 ? 404 HOH A O   1 
HETATM 1603 O O   . HOH B 2 .   ? 14.962  -5.821  7.632   1.00 37.86 ? 405 HOH A O   1 
HETATM 1604 O O   . HOH B 2 .   ? -1.797  -8.376  -15.398 1.00 46.90 ? 406 HOH A O   1 
HETATM 1605 O O   . HOH B 2 .   ? -8.620  -1.198  -19.547 1.00 60.19 ? 407 HOH A O   1 
HETATM 1606 O O   . HOH B 2 .   ? 13.128  16.938  11.316  1.00 53.81 ? 408 HOH A O   1 
HETATM 1607 O O   . HOH B 2 .   ? -1.725  7.712   17.170  1.00 45.00 ? 409 HOH A O   1 
HETATM 1608 O O   . HOH B 2 .   ? 6.930   -11.372 -15.374 1.00 45.87 ? 410 HOH A O   1 
HETATM 1609 O O   . HOH B 2 .   ? 4.859   -17.870 3.924   1.00 39.39 ? 411 HOH A O   1 
HETATM 1610 O O   . HOH B 2 .   ? 2.541   -13.304 14.616  1.00 45.68 ? 412 HOH A O   1 
HETATM 1611 O O   . HOH B 2 .   ? 16.311  15.771  9.988   1.00 46.32 ? 413 HOH A O   1 
# 
loop_
_pdbx_poly_seq_scheme.asym_id 
_pdbx_poly_seq_scheme.entity_id 
_pdbx_poly_seq_scheme.seq_id 
_pdbx_poly_seq_scheme.mon_id 
_pdbx_poly_seq_scheme.ndb_seq_num 
_pdbx_poly_seq_scheme.pdb_seq_num 
_pdbx_poly_seq_scheme.auth_seq_num 
_pdbx_poly_seq_scheme.pdb_mon_id 
_pdbx_poly_seq_scheme.auth_mon_id 
_pdbx_poly_seq_scheme.pdb_strand_id 
_pdbx_poly_seq_scheme.pdb_ins_code 
_pdbx_poly_seq_scheme.hetero 
A 1 1   MET 1   -20 ?   ?   ?   A . n 
A 1 2   GLY 2   -19 ?   ?   ?   A . n 
A 1 3   HIS 3   -18 ?   ?   ?   A . n 
A 1 4   HIS 4   -17 ?   ?   ?   A . n 
A 1 5   HIS 5   -16 ?   ?   ?   A . n 
A 1 6   HIS 6   -15 ?   ?   ?   A . n 
A 1 7   HIS 7   -14 ?   ?   ?   A . n 
A 1 8   HIS 8   -13 ?   ?   ?   A . n 
A 1 9   HIS 9   -12 ?   ?   ?   A . n 
A 1 10  HIS 10  -11 ?   ?   ?   A . n 
A 1 11  HIS 11  -10 ?   ?   ?   A . n 
A 1 12  HIS 12  -9  ?   ?   ?   A . n 
A 1 13  SER 13  -8  ?   ?   ?   A . n 
A 1 14  SER 14  -7  ?   ?   ?   A . n 
A 1 15  GLY 15  -6  ?   ?   ?   A . n 
A 1 16  HIS 16  -5  ?   ?   ?   A . n 
A 1 17  ILE 17  -4  ?   ?   ?   A . n 
A 1 18  GLU 18  -3  ?   ?   ?   A . n 
A 1 19  GLY 19  -2  ?   ?   ?   A . n 
A 1 20  ARG 20  -1  -1  ARG ARG A . n 
A 1 21  HIS 21  0   0   HIS HIS A . n 
A 1 22  MET 22  1   1   MET MET A . n 
A 1 23  THR 23  2   2   THR THR A . n 
A 1 24  SER 24  3   3   SER SER A . n 
A 1 25  ASN 25  4   4   ASN ASN A . n 
A 1 26  GLN 26  5   5   GLN GLN A . n 
A 1 27  LYS 27  6   6   LYS LYS A . n 
A 1 28  ALA 28  7   7   ALA ALA A . n 
A 1 29  ILE 29  8   8   ILE ILE A . n 
A 1 30  LEU 30  9   9   LEU LEU A . n 
A 1 31  ALA 31  10  10  ALA ALA A . n 
A 1 32  GLY 32  11  11  GLY GLY A . n 
A 1 33  GLY 33  12  12  GLY GLY A . n 
A 1 34  CYS 34  13  13  CYS CYS A . n 
A 1 35  PHE 35  14  14  PHE PHE A . n 
A 1 36  TRP 36  15  15  TRP TRP A . n 
A 1 37  GLY 37  16  16  GLY GLY A . n 
A 1 38  LEU 38  17  17  LEU LEU A . n 
A 1 39  GLN 39  18  18  GLN GLN A . n 
A 1 40  ASP 40  19  19  ASP ASP A . n 
A 1 41  LEU 41  20  20  LEU LEU A . n 
A 1 42  ILE 42  21  21  ILE ILE A . n 
A 1 43  ARG 43  22  22  ARG ARG A . n 
A 1 44  ASN 44  23  23  ASN ASN A . n 
A 1 45  GLN 45  24  24  GLN GLN A . n 
A 1 46  PRO 46  25  25  PRO PRO A . n 
A 1 47  GLY 47  26  26  GLY GLY A . n 
A 1 48  VAL 48  27  27  VAL VAL A . n 
A 1 49  VAL 49  28  28  VAL VAL A . n 
A 1 50  SER 50  29  29  SER SER A . n 
A 1 51  THR 51  30  30  THR THR A . n 
A 1 52  ARG 52  31  31  ARG ARG A . n 
A 1 53  VAL 53  32  32  VAL VAL A . n 
A 1 54  GLY 54  33  33  GLY GLY A . n 
A 1 55  TYR 55  34  34  TYR TYR A . n 
A 1 56  SER 56  35  35  SER SER A . n 
A 1 57  GLY 57  36  36  GLY GLY A . n 
A 1 58  GLY 58  37  37  GLY GLY A . n 
A 1 59  ASN 59  38  38  ASN ASN A . n 
A 1 60  ILE 60  39  39  ILE ILE A . n 
A 1 61  PRO 61  40  40  PRO PRO A . n 
A 1 62  ASN 62  41  41  ASN ASN A . n 
A 1 63  ALA 63  42  42  ALA ALA A . n 
A 1 64  THR 64  43  43  THR THR A . n 
A 1 65  TYR 65  44  44  TYR TYR A . n 
A 1 66  ARG 66  45  45  ARG ARG A . n 
A 1 67  ASN 67  46  46  ASN ASN A . n 
A 1 68  HIS 68  47  47  HIS HIS A . n 
A 1 69  GLY 69  48  48  GLY GLY A . n 
A 1 70  THR 70  49  49  THR THR A . n 
A 1 71  HIS 71  50  50  HIS HIS A . n 
A 1 72  ALA 72  51  51  ALA ALA A . n 
A 1 73  GLU 73  52  52  GLU GLU A . n 
A 1 74  ALA 74  53  53  ALA ALA A . n 
A 1 75  VAL 75  54  54  VAL VAL A . n 
A 1 76  GLU 76  55  55  GLU GLU A . n 
A 1 77  ILE 77  56  56  ILE ILE A . n 
A 1 78  ILE 78  57  57  ILE ILE A . n 
A 1 79  PHE 79  58  58  PHE PHE A . n 
A 1 80  ASP 80  59  59  ASP ASP A . n 
A 1 81  PRO 81  60  60  PRO PRO A . n 
A 1 82  THR 82  61  61  THR THR A . n 
A 1 83  VAL 83  62  62  VAL VAL A . n 
A 1 84  THR 84  63  63  THR THR A . n 
A 1 85  ASP 85  64  64  ASP ASP A . n 
A 1 86  TYR 86  65  65  TYR TYR A . n 
A 1 87  ARG 87  66  66  ARG ARG A . n 
A 1 88  THR 88  67  67  THR THR A . n 
A 1 89  LEU 89  68  68  LEU LEU A . n 
A 1 90  LEU 90  69  69  LEU LEU A . n 
A 1 91  GLU 91  70  70  GLU GLU A . n 
A 1 92  PHE 92  71  71  PHE PHE A . n 
A 1 93  PHE 93  72  72  PHE PHE A . n 
A 1 94  PHE 94  73  73  PHE PHE A . n 
A 1 95  GLN 95  74  74  GLN GLN A . n 
A 1 96  ILE 96  75  75  ILE ILE A . n 
A 1 97  HIS 97  76  76  HIS HIS A . n 
A 1 98  ASP 98  77  77  ASP ASP A . n 
A 1 99  PRO 99  78  78  PRO PRO A . n 
A 1 100 THR 100 79  79  THR THR A . n 
A 1 101 THR 101 80  80  THR THR A . n 
A 1 102 LYS 102 81  81  LYS LYS A . n 
A 1 103 ASP 103 82  82  ASP ASP A . n 
A 1 104 ARG 104 83  83  ARG ARG A . n 
A 1 105 GLN 105 84  84  GLN GLN A . n 
A 1 106 GLY 106 85  85  GLY GLY A . n 
A 1 107 ASN 107 86  86  ASN ASN A . n 
A 1 108 ASP 108 87  87  ASP ASP A . n 
A 1 109 ARG 109 88  88  ARG ARG A . n 
A 1 110 GLY 110 89  89  GLY GLY A . n 
A 1 111 THR 111 90  90  THR THR A . n 
A 1 112 SER 112 91  91  SER SER A . n 
A 1 113 TYR 113 92  92  TYR TYR A . n 
A 1 114 ARG 114 93  93  ARG ARG A . n 
A 1 115 SER 115 94  94  SER SER A . n 
A 1 116 ALA 116 95  95  ALA ALA A . n 
A 1 117 ILE 117 96  96  ILE ILE A . n 
A 1 118 PHE 118 97  97  PHE PHE A . n 
A 1 119 TYR 119 98  98  TYR TYR A . n 
A 1 120 PHE 120 99  99  PHE PHE A . n 
A 1 121 ASP 121 100 100 ASP ASP A . n 
A 1 122 GLU 122 101 101 GLU GLU A . n 
A 1 123 GLN 123 102 102 GLN GLN A . n 
A 1 124 GLN 124 103 103 GLN GLN A . n 
A 1 125 LYS 125 104 104 LYS LYS A . n 
A 1 126 ARG 126 105 105 ARG ARG A . n 
A 1 127 ILE 127 106 106 ILE ILE A . n 
A 1 128 ALA 128 107 107 ALA ALA A . n 
A 1 129 LEU 129 108 108 LEU LEU A . n 
A 1 130 ASP 130 109 109 ASP ASP A . n 
A 1 131 THR 131 110 110 THR THR A . n 
A 1 132 ILE 132 111 111 ILE ILE A . n 
A 1 133 ALA 133 112 112 ALA ALA A . n 
A 1 134 ASP 134 113 113 ASP ASP A . n 
A 1 135 VAL 135 114 114 VAL VAL A . n 
A 1 136 GLU 136 115 115 GLU GLU A . n 
A 1 137 ALA 137 116 116 ALA ALA A . n 
A 1 138 SER 138 117 117 SER SER A . n 
A 1 139 GLY 139 118 118 GLY GLY A . n 
A 1 140 LEU 140 119 119 LEU LEU A . n 
A 1 141 TRP 141 120 120 TRP TRP A . n 
A 1 142 PRO 142 121 121 PRO PRO A . n 
A 1 143 GLY 143 122 122 GLY GLY A . n 
A 1 144 LYS 144 123 123 LYS LYS A . n 
A 1 145 VAL 145 124 124 VAL VAL A . n 
A 1 146 VAL 146 125 125 VAL VAL A . n 
A 1 147 THR 147 126 126 THR THR A . n 
A 1 148 GLU 148 127 127 GLU GLU A . n 
A 1 149 VAL 149 128 128 VAL VAL A . n 
A 1 150 SER 150 129 129 SER SER A . n 
A 1 151 PRO 151 130 130 PRO PRO A . n 
A 1 152 ALA 152 131 131 ALA ALA A . n 
A 1 153 GLY 153 132 132 GLY GLY A . n 
A 1 154 ASP 154 133 133 ASP ASP A . n 
A 1 155 PHE 155 134 134 PHE PHE A . n 
A 1 156 TRP 156 135 135 TRP TRP A . n 
A 1 157 GLU 157 136 136 GLU GLU A . n 
A 1 158 ALA 158 137 137 ALA ALA A . n 
A 1 159 GLU 159 138 138 GLU GLU A . n 
A 1 160 PRO 160 139 139 PRO PRO A . n 
A 1 161 GLU 161 140 140 GLU GLU A . n 
A 1 162 HIS 162 141 141 HIS HIS A . n 
A 1 163 GLN 163 142 142 GLN GLN A . n 
A 1 164 ASP 164 143 143 ASP ASP A . n 
A 1 165 TYR 165 144 144 TYR TYR A . n 
A 1 166 LEU 166 145 145 LEU LEU A . n 
A 1 167 GLN 167 146 146 GLN GLN A . n 
A 1 168 ARG 168 147 147 ARG ARG A . n 
A 1 169 TYR 169 148 148 TYR TYR A . n 
A 1 170 PRO 170 149 149 PRO PRO A . n 
A 1 171 ASN 171 150 150 ASN ASN A . n 
A 1 172 GLY 172 151 151 GLY GLY A . n 
A 1 173 TYR 173 152 152 TYR TYR A . n 
A 1 174 THR 174 153 153 THR THR A . n 
A 1 175 CYS 175 154 154 CYS CYS A . n 
A 1 176 HIS 176 155 155 HIS HIS A . n 
A 1 177 PHE 177 156 156 PHE PHE A . n 
A 1 178 VAL 178 157 157 VAL VAL A . n 
A 1 179 ARG 179 158 158 ARG ARG A . n 
A 1 180 PRO 180 159 159 PRO PRO A . n 
A 1 181 GLY 181 160 160 GLY GLY A . n 
A 1 182 TRP 182 161 161 TRP TRP A . n 
A 1 183 ARG 183 162 162 ARG ARG A . n 
A 1 184 LEU 184 163 163 LEU LEU A . n 
A 1 185 PRO 185 164 164 PRO PRO A . n 
A 1 186 ARG 186 165 165 ARG ARG A . n 
A 1 187 ARG 187 166 166 ARG ARG A . n 
A 1 188 THR 188 167 ?   ?   ?   A . n 
A 1 189 ALA 189 168 ?   ?   ?   A . n 
A 1 190 GLU 190 169 ?   ?   ?   A . n 
A 1 191 SER 191 170 ?   ?   ?   A . n 
A 1 192 ALA 192 171 ?   ?   ?   A . n 
A 1 193 LEU 193 172 ?   ?   ?   A . n 
A 1 194 ARG 194 173 ?   ?   ?   A . n 
A 1 195 ALA 195 174 ?   ?   ?   A . n 
A 1 196 SER 196 175 ?   ?   ?   A . n 
A 1 197 LEU 197 176 ?   ?   ?   A . n 
A 1 198 SER 198 177 ?   ?   ?   A . n 
A 1 199 PRO 199 178 ?   ?   ?   A . n 
A 1 200 GLU 200 179 ?   ?   ?   A . n 
A 1 201 LEU 201 180 ?   ?   ?   A . n 
A 1 202 GLY 202 181 ?   ?   ?   A . n 
A 1 203 THR 203 182 ?   ?   ?   A . n 
# 
_pdbx_SG_project.id                    1 
_pdbx_SG_project.project_name          'PSI, Protein Structure Initiative' 
_pdbx_SG_project.full_name_of_center   'TB Structural Genomics Consortium' 
_pdbx_SG_project.initial_of_center     TBSGC 
# 
loop_
_pdbx_nonpoly_scheme.asym_id 
_pdbx_nonpoly_scheme.entity_id 
_pdbx_nonpoly_scheme.mon_id 
_pdbx_nonpoly_scheme.ndb_seq_num 
_pdbx_nonpoly_scheme.pdb_seq_num 
_pdbx_nonpoly_scheme.auth_seq_num 
_pdbx_nonpoly_scheme.pdb_mon_id 
_pdbx_nonpoly_scheme.auth_mon_id 
_pdbx_nonpoly_scheme.pdb_strand_id 
_pdbx_nonpoly_scheme.pdb_ins_code 
B 2 HOH 1   183 1   HOH HOH A . 
B 2 HOH 2   184 2   HOH HOH A . 
B 2 HOH 3   185 3   HOH HOH A . 
B 2 HOH 4   186 4   HOH HOH A . 
B 2 HOH 5   187 5   HOH HOH A . 
B 2 HOH 6   188 6   HOH HOH A . 
B 2 HOH 7   189 7   HOH HOH A . 
B 2 HOH 8   190 8   HOH HOH A . 
B 2 HOH 9   191 9   HOH HOH A . 
B 2 HOH 10  192 10  HOH HOH A . 
B 2 HOH 11  193 11  HOH HOH A . 
B 2 HOH 12  194 12  HOH HOH A . 
B 2 HOH 13  195 13  HOH HOH A . 
B 2 HOH 14  196 14  HOH HOH A . 
B 2 HOH 15  197 15  HOH HOH A . 
B 2 HOH 16  198 16  HOH HOH A . 
B 2 HOH 17  199 17  HOH HOH A . 
B 2 HOH 18  200 18  HOH HOH A . 
B 2 HOH 19  201 19  HOH HOH A . 
B 2 HOH 20  202 20  HOH HOH A . 
B 2 HOH 21  203 21  HOH HOH A . 
B 2 HOH 22  204 22  HOH HOH A . 
B 2 HOH 23  205 23  HOH HOH A . 
B 2 HOH 24  206 24  HOH HOH A . 
B 2 HOH 25  207 25  HOH HOH A . 
B 2 HOH 26  208 26  HOH HOH A . 
B 2 HOH 27  209 27  HOH HOH A . 
B 2 HOH 28  210 28  HOH HOH A . 
B 2 HOH 29  211 29  HOH HOH A . 
B 2 HOH 30  212 30  HOH HOH A . 
B 2 HOH 31  213 31  HOH HOH A . 
B 2 HOH 32  214 32  HOH HOH A . 
B 2 HOH 33  215 33  HOH HOH A . 
B 2 HOH 34  216 34  HOH HOH A . 
B 2 HOH 35  217 35  HOH HOH A . 
B 2 HOH 36  218 36  HOH HOH A . 
B 2 HOH 37  219 37  HOH HOH A . 
B 2 HOH 38  220 38  HOH HOH A . 
B 2 HOH 39  221 39  HOH HOH A . 
B 2 HOH 40  222 40  HOH HOH A . 
B 2 HOH 41  223 41  HOH HOH A . 
B 2 HOH 42  224 42  HOH HOH A . 
B 2 HOH 43  225 43  HOH HOH A . 
B 2 HOH 44  226 44  HOH HOH A . 
B 2 HOH 45  227 45  HOH HOH A . 
B 2 HOH 46  228 46  HOH HOH A . 
B 2 HOH 47  229 47  HOH HOH A . 
B 2 HOH 48  230 48  HOH HOH A . 
B 2 HOH 49  231 49  HOH HOH A . 
B 2 HOH 50  232 50  HOH HOH A . 
B 2 HOH 51  233 51  HOH HOH A . 
B 2 HOH 52  234 52  HOH HOH A . 
B 2 HOH 53  235 53  HOH HOH A . 
B 2 HOH 54  236 54  HOH HOH A . 
B 2 HOH 55  237 55  HOH HOH A . 
B 2 HOH 56  238 56  HOH HOH A . 
B 2 HOH 57  239 57  HOH HOH A . 
B 2 HOH 58  240 58  HOH HOH A . 
B 2 HOH 59  241 59  HOH HOH A . 
B 2 HOH 60  242 60  HOH HOH A . 
B 2 HOH 61  243 61  HOH HOH A . 
B 2 HOH 62  244 62  HOH HOH A . 
B 2 HOH 63  245 63  HOH HOH A . 
B 2 HOH 64  246 64  HOH HOH A . 
B 2 HOH 65  247 65  HOH HOH A . 
B 2 HOH 66  248 66  HOH HOH A . 
B 2 HOH 67  249 67  HOH HOH A . 
B 2 HOH 68  250 68  HOH HOH A . 
B 2 HOH 69  251 69  HOH HOH A . 
B 2 HOH 70  252 70  HOH HOH A . 
B 2 HOH 71  253 71  HOH HOH A . 
B 2 HOH 72  254 72  HOH HOH A . 
B 2 HOH 73  255 73  HOH HOH A . 
B 2 HOH 74  256 74  HOH HOH A . 
B 2 HOH 75  257 75  HOH HOH A . 
B 2 HOH 76  258 76  HOH HOH A . 
B 2 HOH 77  259 77  HOH HOH A . 
B 2 HOH 78  260 78  HOH HOH A . 
B 2 HOH 79  261 79  HOH HOH A . 
B 2 HOH 80  262 80  HOH HOH A . 
B 2 HOH 81  263 81  HOH HOH A . 
B 2 HOH 82  264 82  HOH HOH A . 
B 2 HOH 83  265 83  HOH HOH A . 
B 2 HOH 84  266 84  HOH HOH A . 
B 2 HOH 85  267 85  HOH HOH A . 
B 2 HOH 86  268 86  HOH HOH A . 
B 2 HOH 87  269 87  HOH HOH A . 
B 2 HOH 88  270 88  HOH HOH A . 
B 2 HOH 89  271 89  HOH HOH A . 
B 2 HOH 90  272 90  HOH HOH A . 
B 2 HOH 91  273 91  HOH HOH A . 
B 2 HOH 92  274 92  HOH HOH A . 
B 2 HOH 93  275 93  HOH HOH A . 
B 2 HOH 94  276 94  HOH HOH A . 
B 2 HOH 95  277 95  HOH HOH A . 
B 2 HOH 96  278 96  HOH HOH A . 
B 2 HOH 97  279 97  HOH HOH A . 
B 2 HOH 98  280 98  HOH HOH A . 
B 2 HOH 99  281 99  HOH HOH A . 
B 2 HOH 100 282 100 HOH HOH A . 
B 2 HOH 101 283 101 HOH HOH A . 
B 2 HOH 102 284 102 HOH HOH A . 
B 2 HOH 103 285 103 HOH HOH A . 
B 2 HOH 104 286 104 HOH HOH A . 
B 2 HOH 105 287 105 HOH HOH A . 
B 2 HOH 106 288 106 HOH HOH A . 
B 2 HOH 107 289 107 HOH HOH A . 
B 2 HOH 108 290 108 HOH HOH A . 
B 2 HOH 109 291 109 HOH HOH A . 
B 2 HOH 110 292 110 HOH HOH A . 
B 2 HOH 111 293 111 HOH HOH A . 
B 2 HOH 112 294 112 HOH HOH A . 
B 2 HOH 113 295 113 HOH HOH A . 
B 2 HOH 114 296 114 HOH HOH A . 
B 2 HOH 115 297 115 HOH HOH A . 
B 2 HOH 116 298 116 HOH HOH A . 
B 2 HOH 117 299 117 HOH HOH A . 
B 2 HOH 118 300 118 HOH HOH A . 
B 2 HOH 119 301 119 HOH HOH A . 
B 2 HOH 120 302 120 HOH HOH A . 
B 2 HOH 121 303 121 HOH HOH A . 
B 2 HOH 122 304 122 HOH HOH A . 
B 2 HOH 123 305 123 HOH HOH A . 
B 2 HOH 124 306 124 HOH HOH A . 
B 2 HOH 125 307 125 HOH HOH A . 
B 2 HOH 126 308 126 HOH HOH A . 
B 2 HOH 127 309 127 HOH HOH A . 
B 2 HOH 128 310 128 HOH HOH A . 
B 2 HOH 129 311 129 HOH HOH A . 
B 2 HOH 130 312 130 HOH HOH A . 
B 2 HOH 131 313 131 HOH HOH A . 
B 2 HOH 132 314 132 HOH HOH A . 
B 2 HOH 133 315 133 HOH HOH A . 
B 2 HOH 134 316 134 HOH HOH A . 
B 2 HOH 135 317 135 HOH HOH A . 
B 2 HOH 136 318 136 HOH HOH A . 
B 2 HOH 137 319 137 HOH HOH A . 
B 2 HOH 138 320 138 HOH HOH A . 
B 2 HOH 139 321 139 HOH HOH A . 
B 2 HOH 140 322 140 HOH HOH A . 
B 2 HOH 141 323 141 HOH HOH A . 
B 2 HOH 142 324 142 HOH HOH A . 
B 2 HOH 143 325 143 HOH HOH A . 
B 2 HOH 144 326 144 HOH HOH A . 
B 2 HOH 145 327 145 HOH HOH A . 
B 2 HOH 146 328 146 HOH HOH A . 
B 2 HOH 147 329 147 HOH HOH A . 
B 2 HOH 148 330 148 HOH HOH A . 
B 2 HOH 149 331 149 HOH HOH A . 
B 2 HOH 150 332 150 HOH HOH A . 
B 2 HOH 151 333 151 HOH HOH A . 
B 2 HOH 152 334 152 HOH HOH A . 
B 2 HOH 153 335 153 HOH HOH A . 
B 2 HOH 154 336 154 HOH HOH A . 
B 2 HOH 155 337 155 HOH HOH A . 
B 2 HOH 156 338 156 HOH HOH A . 
B 2 HOH 157 339 157 HOH HOH A . 
B 2 HOH 158 340 158 HOH HOH A . 
B 2 HOH 159 341 159 HOH HOH A . 
B 2 HOH 160 342 160 HOH HOH A . 
B 2 HOH 161 343 161 HOH HOH A . 
B 2 HOH 162 344 162 HOH HOH A . 
B 2 HOH 163 345 163 HOH HOH A . 
B 2 HOH 164 346 164 HOH HOH A . 
B 2 HOH 165 347 165 HOH HOH A . 
B 2 HOH 166 348 166 HOH HOH A . 
B 2 HOH 167 349 167 HOH HOH A . 
B 2 HOH 168 350 168 HOH HOH A . 
B 2 HOH 169 351 169 HOH HOH A . 
B 2 HOH 170 352 170 HOH HOH A . 
B 2 HOH 171 353 171 HOH HOH A . 
B 2 HOH 172 354 172 HOH HOH A . 
B 2 HOH 173 355 173 HOH HOH A . 
B 2 HOH 174 356 174 HOH HOH A . 
B 2 HOH 175 357 175 HOH HOH A . 
B 2 HOH 176 358 176 HOH HOH A . 
B 2 HOH 177 359 177 HOH HOH A . 
B 2 HOH 178 360 178 HOH HOH A . 
B 2 HOH 179 361 179 HOH HOH A . 
B 2 HOH 180 362 180 HOH HOH A . 
B 2 HOH 181 363 181 HOH HOH A . 
B 2 HOH 182 364 182 HOH HOH A . 
B 2 HOH 183 365 183 HOH HOH A . 
B 2 HOH 184 366 184 HOH HOH A . 
B 2 HOH 185 367 185 HOH HOH A . 
B 2 HOH 186 368 186 HOH HOH A . 
B 2 HOH 187 369 187 HOH HOH A . 
B 2 HOH 188 370 188 HOH HOH A . 
B 2 HOH 189 371 189 HOH HOH A . 
B 2 HOH 190 372 190 HOH HOH A . 
B 2 HOH 191 373 191 HOH HOH A . 
B 2 HOH 192 374 192 HOH HOH A . 
B 2 HOH 193 375 193 HOH HOH A . 
B 2 HOH 194 376 194 HOH HOH A . 
B 2 HOH 195 377 195 HOH HOH A . 
B 2 HOH 196 378 196 HOH HOH A . 
B 2 HOH 197 379 197 HOH HOH A . 
B 2 HOH 198 380 198 HOH HOH A . 
B 2 HOH 199 381 199 HOH HOH A . 
B 2 HOH 200 382 200 HOH HOH A . 
B 2 HOH 201 383 201 HOH HOH A . 
B 2 HOH 202 384 202 HOH HOH A . 
B 2 HOH 203 385 203 HOH HOH A . 
B 2 HOH 204 386 204 HOH HOH A . 
B 2 HOH 205 387 205 HOH HOH A . 
B 2 HOH 206 388 206 HOH HOH A . 
B 2 HOH 207 389 207 HOH HOH A . 
B 2 HOH 208 390 208 HOH HOH A . 
B 2 HOH 209 391 209 HOH HOH A . 
B 2 HOH 210 392 210 HOH HOH A . 
B 2 HOH 211 393 211 HOH HOH A . 
B 2 HOH 212 394 212 HOH HOH A . 
B 2 HOH 213 395 213 HOH HOH A . 
B 2 HOH 214 396 214 HOH HOH A . 
B 2 HOH 215 397 215 HOH HOH A . 
B 2 HOH 216 398 216 HOH HOH A . 
B 2 HOH 217 399 217 HOH HOH A . 
B 2 HOH 218 400 218 HOH HOH A . 
B 2 HOH 219 401 219 HOH HOH A . 
B 2 HOH 220 402 220 HOH HOH A . 
B 2 HOH 221 403 221 HOH HOH A . 
B 2 HOH 222 404 222 HOH HOH A . 
B 2 HOH 223 405 223 HOH HOH A . 
B 2 HOH 224 406 224 HOH HOH A . 
B 2 HOH 225 407 225 HOH HOH A . 
B 2 HOH 226 408 226 HOH HOH A . 
B 2 HOH 227 409 227 HOH HOH A . 
B 2 HOH 228 410 228 HOH HOH A . 
B 2 HOH 229 411 229 HOH HOH A . 
B 2 HOH 230 412 230 HOH HOH A . 
B 2 HOH 231 413 231 HOH HOH A . 
# 
_pdbx_struct_assembly.id                   1 
_pdbx_struct_assembly.details              author_defined_assembly 
_pdbx_struct_assembly.method_details       ? 
_pdbx_struct_assembly.oligomeric_details   monomeric 
_pdbx_struct_assembly.oligomeric_count     1 
# 
_pdbx_struct_assembly_gen.assembly_id       1 
_pdbx_struct_assembly_gen.oper_expression   1 
_pdbx_struct_assembly_gen.asym_id_list      A,B 
# 
_pdbx_struct_oper_list.id                   1 
_pdbx_struct_oper_list.type                 'identity operation' 
_pdbx_struct_oper_list.name                 1_555 
_pdbx_struct_oper_list.symmetry_operation   x,y,z 
_pdbx_struct_oper_list.matrix[1][1]         1.0000000000 
_pdbx_struct_oper_list.matrix[1][2]         0.0000000000 
_pdbx_struct_oper_list.matrix[1][3]         0.0000000000 
_pdbx_struct_oper_list.vector[1]            0.0000000000 
_pdbx_struct_oper_list.matrix[2][1]         0.0000000000 
_pdbx_struct_oper_list.matrix[2][2]         1.0000000000 
_pdbx_struct_oper_list.matrix[2][3]         0.0000000000 
_pdbx_struct_oper_list.vector[2]            0.0000000000 
_pdbx_struct_oper_list.matrix[3][1]         0.0000000000 
_pdbx_struct_oper_list.matrix[3][2]         0.0000000000 
_pdbx_struct_oper_list.matrix[3][3]         1.0000000000 
_pdbx_struct_oper_list.vector[3]            0.0000000000 
# 
loop_
_pdbx_audit_revision_history.ordinal 
_pdbx_audit_revision_history.data_content_type 
_pdbx_audit_revision_history.major_revision 
_pdbx_audit_revision_history.minor_revision 
_pdbx_audit_revision_history.revision_date 
1 'Structure model' 1 0 2003-07-08 
2 'Structure model' 1 1 2008-04-29 
3 'Structure model' 1 2 2011-07-13 
4 'Structure model' 1 3 2023-08-16 
# 
_pdbx_audit_revision_details.ordinal             1 
_pdbx_audit_revision_details.revision_ordinal    1 
_pdbx_audit_revision_details.data_content_type   'Structure model' 
_pdbx_audit_revision_details.provider            repository 
_pdbx_audit_revision_details.type                'Initial release' 
_pdbx_audit_revision_details.description         ? 
_pdbx_audit_revision_details.details             ? 
# 
loop_
_pdbx_audit_revision_group.ordinal 
_pdbx_audit_revision_group.revision_ordinal 
_pdbx_audit_revision_group.data_content_type 
_pdbx_audit_revision_group.group 
1 2 'Structure model' 'Version format compliance' 
2 3 'Structure model' 'Version format compliance' 
3 4 'Structure model' 'Data collection'           
4 4 'Structure model' 'Database references'       
5 4 'Structure model' 'Refinement description'    
# 
loop_
_pdbx_audit_revision_category.ordinal 
_pdbx_audit_revision_category.revision_ordinal 
_pdbx_audit_revision_category.data_content_type 
_pdbx_audit_revision_category.category 
1 4 'Structure model' chem_comp_atom                
2 4 'Structure model' chem_comp_bond                
3 4 'Structure model' database_2                    
4 4 'Structure model' pdbx_initial_refinement_model 
5 4 'Structure model' struct_ref_seq_dif            
# 
loop_
_pdbx_audit_revision_item.ordinal 
_pdbx_audit_revision_item.revision_ordinal 
_pdbx_audit_revision_item.data_content_type 
_pdbx_audit_revision_item.item 
1 4 'Structure model' '_database_2.pdbx_DOI'                
2 4 'Structure model' '_database_2.pdbx_database_accession' 
3 4 'Structure model' '_struct_ref_seq_dif.details'         
# 
loop_
_software.name 
_software.classification 
_software.version 
_software.citation_id 
_software.pdbx_ordinal 
REFMAC       refinement       5.1.24 ? 1 
CrystalClear 'data reduction' .      ? 2 
HKL-2000     'data scaling'   .      ? 3 
AMoRE        phasing          .      ? 4 
# 
loop_
_pdbx_validate_rmsd_angle.id 
_pdbx_validate_rmsd_angle.PDB_model_num 
_pdbx_validate_rmsd_angle.auth_atom_id_1 
_pdbx_validate_rmsd_angle.auth_asym_id_1 
_pdbx_validate_rmsd_angle.auth_comp_id_1 
_pdbx_validate_rmsd_angle.auth_seq_id_1 
_pdbx_validate_rmsd_angle.PDB_ins_code_1 
_pdbx_validate_rmsd_angle.label_alt_id_1 
_pdbx_validate_rmsd_angle.auth_atom_id_2 
_pdbx_validate_rmsd_angle.auth_asym_id_2 
_pdbx_validate_rmsd_angle.auth_comp_id_2 
_pdbx_validate_rmsd_angle.auth_seq_id_2 
_pdbx_validate_rmsd_angle.PDB_ins_code_2 
_pdbx_validate_rmsd_angle.label_alt_id_2 
_pdbx_validate_rmsd_angle.auth_atom_id_3 
_pdbx_validate_rmsd_angle.auth_asym_id_3 
_pdbx_validate_rmsd_angle.auth_comp_id_3 
_pdbx_validate_rmsd_angle.auth_seq_id_3 
_pdbx_validate_rmsd_angle.PDB_ins_code_3 
_pdbx_validate_rmsd_angle.label_alt_id_3 
_pdbx_validate_rmsd_angle.angle_value 
_pdbx_validate_rmsd_angle.angle_target_value 
_pdbx_validate_rmsd_angle.angle_deviation 
_pdbx_validate_rmsd_angle.angle_standard_deviation 
_pdbx_validate_rmsd_angle.linker_flag 
1 1 CB A PHE 14 ? ? CG A PHE 14 ? ? CD1 A PHE 14 ? ? 125.00 120.80 4.20 0.70 N 
2 1 CB A ASP 64 ? ? CG A ASP 64 ? ? OD2 A ASP 64 ? ? 123.78 118.30 5.48 0.90 N 
# 
loop_
_pdbx_unobs_or_zero_occ_residues.id 
_pdbx_unobs_or_zero_occ_residues.PDB_model_num 
_pdbx_unobs_or_zero_occ_residues.polymer_flag 
_pdbx_unobs_or_zero_occ_residues.occupancy_flag 
_pdbx_unobs_or_zero_occ_residues.auth_asym_id 
_pdbx_unobs_or_zero_occ_residues.auth_comp_id 
_pdbx_unobs_or_zero_occ_residues.auth_seq_id 
_pdbx_unobs_or_zero_occ_residues.PDB_ins_code 
_pdbx_unobs_or_zero_occ_residues.label_asym_id 
_pdbx_unobs_or_zero_occ_residues.label_comp_id 
_pdbx_unobs_or_zero_occ_residues.label_seq_id 
1  1 Y 1 A MET -20 ? A MET 1   
2  1 Y 1 A GLY -19 ? A GLY 2   
3  1 Y 1 A HIS -18 ? A HIS 3   
4  1 Y 1 A HIS -17 ? A HIS 4   
5  1 Y 1 A HIS -16 ? A HIS 5   
6  1 Y 1 A HIS -15 ? A HIS 6   
7  1 Y 1 A HIS -14 ? A HIS 7   
8  1 Y 1 A HIS -13 ? A HIS 8   
9  1 Y 1 A HIS -12 ? A HIS 9   
10 1 Y 1 A HIS -11 ? A HIS 10  
11 1 Y 1 A HIS -10 ? A HIS 11  
12 1 Y 1 A HIS -9  ? A HIS 12  
13 1 Y 1 A SER -8  ? A SER 13  
14 1 Y 1 A SER -7  ? A SER 14  
15 1 Y 1 A GLY -6  ? A GLY 15  
16 1 Y 1 A HIS -5  ? A HIS 16  
17 1 Y 1 A ILE -4  ? A ILE 17  
18 1 Y 1 A GLU -3  ? A GLU 18  
19 1 Y 1 A GLY -2  ? A GLY 19  
20 1 Y 1 A THR 167 ? A THR 188 
21 1 Y 1 A ALA 168 ? A ALA 189 
22 1 Y 1 A GLU 169 ? A GLU 190 
23 1 Y 1 A SER 170 ? A SER 191 
24 1 Y 1 A ALA 171 ? A ALA 192 
25 1 Y 1 A LEU 172 ? A LEU 193 
26 1 Y 1 A ARG 173 ? A ARG 194 
27 1 Y 1 A ALA 174 ? A ALA 195 
28 1 Y 1 A SER 175 ? A SER 196 
29 1 Y 1 A LEU 176 ? A LEU 197 
30 1 Y 1 A SER 177 ? A SER 198 
31 1 Y 1 A PRO 178 ? A PRO 199 
32 1 Y 1 A GLU 179 ? A GLU 200 
33 1 Y 1 A LEU 180 ? A LEU 201 
34 1 Y 1 A GLY 181 ? A GLY 202 
35 1 Y 1 A THR 182 ? A THR 203 
# 
loop_
_chem_comp_atom.comp_id 
_chem_comp_atom.atom_id 
_chem_comp_atom.type_symbol 
_chem_comp_atom.pdbx_aromatic_flag 
_chem_comp_atom.pdbx_stereo_config 
_chem_comp_atom.pdbx_ordinal 
ALA N    N N N 1   
ALA CA   C N S 2   
ALA C    C N N 3   
ALA O    O N N 4   
ALA CB   C N N 5   
ALA OXT  O N N 6   
ALA H    H N N 7   
ALA H2   H N N 8   
ALA HA   H N N 9   
ALA HB1  H N N 10  
ALA HB2  H N N 11  
ALA HB3  H N N 12  
ALA HXT  H N N 13  
ARG N    N N N 14  
ARG CA   C N S 15  
ARG C    C N N 16  
ARG O    O N N 17  
ARG CB   C N N 18  
ARG CG   C N N 19  
ARG CD   C N N 20  
ARG NE   N N N 21  
ARG CZ   C N N 22  
ARG NH1  N N N 23  
ARG NH2  N N N 24  
ARG OXT  O N N 25  
ARG H    H N N 26  
ARG H2   H N N 27  
ARG HA   H N N 28  
ARG HB2  H N N 29  
ARG HB3  H N N 30  
ARG HG2  H N N 31  
ARG HG3  H N N 32  
ARG HD2  H N N 33  
ARG HD3  H N N 34  
ARG HE   H N N 35  
ARG HH11 H N N 36  
ARG HH12 H N N 37  
ARG HH21 H N N 38  
ARG HH22 H N N 39  
ARG HXT  H N N 40  
ASN N    N N N 41  
ASN CA   C N S 42  
ASN C    C N N 43  
ASN O    O N N 44  
ASN CB   C N N 45  
ASN CG   C N N 46  
ASN OD1  O N N 47  
ASN ND2  N N N 48  
ASN OXT  O N N 49  
ASN H    H N N 50  
ASN H2   H N N 51  
ASN HA   H N N 52  
ASN HB2  H N N 53  
ASN HB3  H N N 54  
ASN HD21 H N N 55  
ASN HD22 H N N 56  
ASN HXT  H N N 57  
ASP N    N N N 58  
ASP CA   C N S 59  
ASP C    C N N 60  
ASP O    O N N 61  
ASP CB   C N N 62  
ASP CG   C N N 63  
ASP OD1  O N N 64  
ASP OD2  O N N 65  
ASP OXT  O N N 66  
ASP H    H N N 67  
ASP H2   H N N 68  
ASP HA   H N N 69  
ASP HB2  H N N 70  
ASP HB3  H N N 71  
ASP HD2  H N N 72  
ASP HXT  H N N 73  
CYS N    N N N 74  
CYS CA   C N R 75  
CYS C    C N N 76  
CYS O    O N N 77  
CYS CB   C N N 78  
CYS SG   S N N 79  
CYS OXT  O N N 80  
CYS H    H N N 81  
CYS H2   H N N 82  
CYS HA   H N N 83  
CYS HB2  H N N 84  
CYS HB3  H N N 85  
CYS HG   H N N 86  
CYS HXT  H N N 87  
GLN N    N N N 88  
GLN CA   C N S 89  
GLN C    C N N 90  
GLN O    O N N 91  
GLN CB   C N N 92  
GLN CG   C N N 93  
GLN CD   C N N 94  
GLN OE1  O N N 95  
GLN NE2  N N N 96  
GLN OXT  O N N 97  
GLN H    H N N 98  
GLN H2   H N N 99  
GLN HA   H N N 100 
GLN HB2  H N N 101 
GLN HB3  H N N 102 
GLN HG2  H N N 103 
GLN HG3  H N N 104 
GLN HE21 H N N 105 
GLN HE22 H N N 106 
GLN HXT  H N N 107 
GLU N    N N N 108 
GLU CA   C N S 109 
GLU C    C N N 110 
GLU O    O N N 111 
GLU CB   C N N 112 
GLU CG   C N N 113 
GLU CD   C N N 114 
GLU OE1  O N N 115 
GLU OE2  O N N 116 
GLU OXT  O N N 117 
GLU H    H N N 118 
GLU H2   H N N 119 
GLU HA   H N N 120 
GLU HB2  H N N 121 
GLU HB3  H N N 122 
GLU HG2  H N N 123 
GLU HG3  H N N 124 
GLU HE2  H N N 125 
GLU HXT  H N N 126 
GLY N    N N N 127 
GLY CA   C N N 128 
GLY C    C N N 129 
GLY O    O N N 130 
GLY OXT  O N N 131 
GLY H    H N N 132 
GLY H2   H N N 133 
GLY HA2  H N N 134 
GLY HA3  H N N 135 
GLY HXT  H N N 136 
HIS N    N N N 137 
HIS CA   C N S 138 
HIS C    C N N 139 
HIS O    O N N 140 
HIS CB   C N N 141 
HIS CG   C Y N 142 
HIS ND1  N Y N 143 
HIS CD2  C Y N 144 
HIS CE1  C Y N 145 
HIS NE2  N Y N 146 
HIS OXT  O N N 147 
HIS H    H N N 148 
HIS H2   H N N 149 
HIS HA   H N N 150 
HIS HB2  H N N 151 
HIS HB3  H N N 152 
HIS HD1  H N N 153 
HIS HD2  H N N 154 
HIS HE1  H N N 155 
HIS HE2  H N N 156 
HIS HXT  H N N 157 
HOH O    O N N 158 
HOH H1   H N N 159 
HOH H2   H N N 160 
ILE N    N N N 161 
ILE CA   C N S 162 
ILE C    C N N 163 
ILE O    O N N 164 
ILE CB   C N S 165 
ILE CG1  C N N 166 
ILE CG2  C N N 167 
ILE CD1  C N N 168 
ILE OXT  O N N 169 
ILE H    H N N 170 
ILE H2   H N N 171 
ILE HA   H N N 172 
ILE HB   H N N 173 
ILE HG12 H N N 174 
ILE HG13 H N N 175 
ILE HG21 H N N 176 
ILE HG22 H N N 177 
ILE HG23 H N N 178 
ILE HD11 H N N 179 
ILE HD12 H N N 180 
ILE HD13 H N N 181 
ILE HXT  H N N 182 
LEU N    N N N 183 
LEU CA   C N S 184 
LEU C    C N N 185 
LEU O    O N N 186 
LEU CB   C N N 187 
LEU CG   C N N 188 
LEU CD1  C N N 189 
LEU CD2  C N N 190 
LEU OXT  O N N 191 
LEU H    H N N 192 
LEU H2   H N N 193 
LEU HA   H N N 194 
LEU HB2  H N N 195 
LEU HB3  H N N 196 
LEU HG   H N N 197 
LEU HD11 H N N 198 
LEU HD12 H N N 199 
LEU HD13 H N N 200 
LEU HD21 H N N 201 
LEU HD22 H N N 202 
LEU HD23 H N N 203 
LEU HXT  H N N 204 
LYS N    N N N 205 
LYS CA   C N S 206 
LYS C    C N N 207 
LYS O    O N N 208 
LYS CB   C N N 209 
LYS CG   C N N 210 
LYS CD   C N N 211 
LYS CE   C N N 212 
LYS NZ   N N N 213 
LYS OXT  O N N 214 
LYS H    H N N 215 
LYS H2   H N N 216 
LYS HA   H N N 217 
LYS HB2  H N N 218 
LYS HB3  H N N 219 
LYS HG2  H N N 220 
LYS HG3  H N N 221 
LYS HD2  H N N 222 
LYS HD3  H N N 223 
LYS HE2  H N N 224 
LYS HE3  H N N 225 
LYS HZ1  H N N 226 
LYS HZ2  H N N 227 
LYS HZ3  H N N 228 
LYS HXT  H N N 229 
MET N    N N N 230 
MET CA   C N S 231 
MET C    C N N 232 
MET O    O N N 233 
MET CB   C N N 234 
MET CG   C N N 235 
MET SD   S N N 236 
MET CE   C N N 237 
MET OXT  O N N 238 
MET H    H N N 239 
MET H2   H N N 240 
MET HA   H N N 241 
MET HB2  H N N 242 
MET HB3  H N N 243 
MET HG2  H N N 244 
MET HG3  H N N 245 
MET HE1  H N N 246 
MET HE2  H N N 247 
MET HE3  H N N 248 
MET HXT  H N N 249 
PHE N    N N N 250 
PHE CA   C N S 251 
PHE C    C N N 252 
PHE O    O N N 253 
PHE CB   C N N 254 
PHE CG   C Y N 255 
PHE CD1  C Y N 256 
PHE CD2  C Y N 257 
PHE CE1  C Y N 258 
PHE CE2  C Y N 259 
PHE CZ   C Y N 260 
PHE OXT  O N N 261 
PHE H    H N N 262 
PHE H2   H N N 263 
PHE HA   H N N 264 
PHE HB2  H N N 265 
PHE HB3  H N N 266 
PHE HD1  H N N 267 
PHE HD2  H N N 268 
PHE HE1  H N N 269 
PHE HE2  H N N 270 
PHE HZ   H N N 271 
PHE HXT  H N N 272 
PRO N    N N N 273 
PRO CA   C N S 274 
PRO C    C N N 275 
PRO O    O N N 276 
PRO CB   C N N 277 
PRO CG   C N N 278 
PRO CD   C N N 279 
PRO OXT  O N N 280 
PRO H    H N N 281 
PRO HA   H N N 282 
PRO HB2  H N N 283 
PRO HB3  H N N 284 
PRO HG2  H N N 285 
PRO HG3  H N N 286 
PRO HD2  H N N 287 
PRO HD3  H N N 288 
PRO HXT  H N N 289 
SER N    N N N 290 
SER CA   C N S 291 
SER C    C N N 292 
SER O    O N N 293 
SER CB   C N N 294 
SER OG   O N N 295 
SER OXT  O N N 296 
SER H    H N N 297 
SER H2   H N N 298 
SER HA   H N N 299 
SER HB2  H N N 300 
SER HB3  H N N 301 
SER HG   H N N 302 
SER HXT  H N N 303 
THR N    N N N 304 
THR CA   C N S 305 
THR C    C N N 306 
THR O    O N N 307 
THR CB   C N R 308 
THR OG1  O N N 309 
THR CG2  C N N 310 
THR OXT  O N N 311 
THR H    H N N 312 
THR H2   H N N 313 
THR HA   H N N 314 
THR HB   H N N 315 
THR HG1  H N N 316 
THR HG21 H N N 317 
THR HG22 H N N 318 
THR HG23 H N N 319 
THR HXT  H N N 320 
TRP N    N N N 321 
TRP CA   C N S 322 
TRP C    C N N 323 
TRP O    O N N 324 
TRP CB   C N N 325 
TRP CG   C Y N 326 
TRP CD1  C Y N 327 
TRP CD2  C Y N 328 
TRP NE1  N Y N 329 
TRP CE2  C Y N 330 
TRP CE3  C Y N 331 
TRP CZ2  C Y N 332 
TRP CZ3  C Y N 333 
TRP CH2  C Y N 334 
TRP OXT  O N N 335 
TRP H    H N N 336 
TRP H2   H N N 337 
TRP HA   H N N 338 
TRP HB2  H N N 339 
TRP HB3  H N N 340 
TRP HD1  H N N 341 
TRP HE1  H N N 342 
TRP HE3  H N N 343 
TRP HZ2  H N N 344 
TRP HZ3  H N N 345 
TRP HH2  H N N 346 
TRP HXT  H N N 347 
TYR N    N N N 348 
TYR CA   C N S 349 
TYR C    C N N 350 
TYR O    O N N 351 
TYR CB   C N N 352 
TYR CG   C Y N 353 
TYR CD1  C Y N 354 
TYR CD2  C Y N 355 
TYR CE1  C Y N 356 
TYR CE2  C Y N 357 
TYR CZ   C Y N 358 
TYR OH   O N N 359 
TYR OXT  O N N 360 
TYR H    H N N 361 
TYR H2   H N N 362 
TYR HA   H N N 363 
TYR HB2  H N N 364 
TYR HB3  H N N 365 
TYR HD1  H N N 366 
TYR HD2  H N N 367 
TYR HE1  H N N 368 
TYR HE2  H N N 369 
TYR HH   H N N 370 
TYR HXT  H N N 371 
VAL N    N N N 372 
VAL CA   C N S 373 
VAL C    C N N 374 
VAL O    O N N 375 
VAL CB   C N N 376 
VAL CG1  C N N 377 
VAL CG2  C N N 378 
VAL OXT  O N N 379 
VAL H    H N N 380 
VAL H2   H N N 381 
VAL HA   H N N 382 
VAL HB   H N N 383 
VAL HG11 H N N 384 
VAL HG12 H N N 385 
VAL HG13 H N N 386 
VAL HG21 H N N 387 
VAL HG22 H N N 388 
VAL HG23 H N N 389 
VAL HXT  H N N 390 
# 
loop_
_chem_comp_bond.comp_id 
_chem_comp_bond.atom_id_1 
_chem_comp_bond.atom_id_2 
_chem_comp_bond.value_order 
_chem_comp_bond.pdbx_aromatic_flag 
_chem_comp_bond.pdbx_stereo_config 
_chem_comp_bond.pdbx_ordinal 
ALA N   CA   sing N N 1   
ALA N   H    sing N N 2   
ALA N   H2   sing N N 3   
ALA CA  C    sing N N 4   
ALA CA  CB   sing N N 5   
ALA CA  HA   sing N N 6   
ALA C   O    doub N N 7   
ALA C   OXT  sing N N 8   
ALA CB  HB1  sing N N 9   
ALA CB  HB2  sing N N 10  
ALA CB  HB3  sing N N 11  
ALA OXT HXT  sing N N 12  
ARG N   CA   sing N N 13  
ARG N   H    sing N N 14  
ARG N   H2   sing N N 15  
ARG CA  C    sing N N 16  
ARG CA  CB   sing N N 17  
ARG CA  HA   sing N N 18  
ARG C   O    doub N N 19  
ARG C   OXT  sing N N 20  
ARG CB  CG   sing N N 21  
ARG CB  HB2  sing N N 22  
ARG CB  HB3  sing N N 23  
ARG CG  CD   sing N N 24  
ARG CG  HG2  sing N N 25  
ARG CG  HG3  sing N N 26  
ARG CD  NE   sing N N 27  
ARG CD  HD2  sing N N 28  
ARG CD  HD3  sing N N 29  
ARG NE  CZ   sing N N 30  
ARG NE  HE   sing N N 31  
ARG CZ  NH1  sing N N 32  
ARG CZ  NH2  doub N N 33  
ARG NH1 HH11 sing N N 34  
ARG NH1 HH12 sing N N 35  
ARG NH2 HH21 sing N N 36  
ARG NH2 HH22 sing N N 37  
ARG OXT HXT  sing N N 38  
ASN N   CA   sing N N 39  
ASN N   H    sing N N 40  
ASN N   H2   sing N N 41  
ASN CA  C    sing N N 42  
ASN CA  CB   sing N N 43  
ASN CA  HA   sing N N 44  
ASN C   O    doub N N 45  
ASN C   OXT  sing N N 46  
ASN CB  CG   sing N N 47  
ASN CB  HB2  sing N N 48  
ASN CB  HB3  sing N N 49  
ASN CG  OD1  doub N N 50  
ASN CG  ND2  sing N N 51  
ASN ND2 HD21 sing N N 52  
ASN ND2 HD22 sing N N 53  
ASN OXT HXT  sing N N 54  
ASP N   CA   sing N N 55  
ASP N   H    sing N N 56  
ASP N   H2   sing N N 57  
ASP CA  C    sing N N 58  
ASP CA  CB   sing N N 59  
ASP CA  HA   sing N N 60  
ASP C   O    doub N N 61  
ASP C   OXT  sing N N 62  
ASP CB  CG   sing N N 63  
ASP CB  HB2  sing N N 64  
ASP CB  HB3  sing N N 65  
ASP CG  OD1  doub N N 66  
ASP CG  OD2  sing N N 67  
ASP OD2 HD2  sing N N 68  
ASP OXT HXT  sing N N 69  
CYS N   CA   sing N N 70  
CYS N   H    sing N N 71  
CYS N   H2   sing N N 72  
CYS CA  C    sing N N 73  
CYS CA  CB   sing N N 74  
CYS CA  HA   sing N N 75  
CYS C   O    doub N N 76  
CYS C   OXT  sing N N 77  
CYS CB  SG   sing N N 78  
CYS CB  HB2  sing N N 79  
CYS CB  HB3  sing N N 80  
CYS SG  HG   sing N N 81  
CYS OXT HXT  sing N N 82  
GLN N   CA   sing N N 83  
GLN N   H    sing N N 84  
GLN N   H2   sing N N 85  
GLN CA  C    sing N N 86  
GLN CA  CB   sing N N 87  
GLN CA  HA   sing N N 88  
GLN C   O    doub N N 89  
GLN C   OXT  sing N N 90  
GLN CB  CG   sing N N 91  
GLN CB  HB2  sing N N 92  
GLN CB  HB3  sing N N 93  
GLN CG  CD   sing N N 94  
GLN CG  HG2  sing N N 95  
GLN CG  HG3  sing N N 96  
GLN CD  OE1  doub N N 97  
GLN CD  NE2  sing N N 98  
GLN NE2 HE21 sing N N 99  
GLN NE2 HE22 sing N N 100 
GLN OXT HXT  sing N N 101 
GLU N   CA   sing N N 102 
GLU N   H    sing N N 103 
GLU N   H2   sing N N 104 
GLU CA  C    sing N N 105 
GLU CA  CB   sing N N 106 
GLU CA  HA   sing N N 107 
GLU C   O    doub N N 108 
GLU C   OXT  sing N N 109 
GLU CB  CG   sing N N 110 
GLU CB  HB2  sing N N 111 
GLU CB  HB3  sing N N 112 
GLU CG  CD   sing N N 113 
GLU CG  HG2  sing N N 114 
GLU CG  HG3  sing N N 115 
GLU CD  OE1  doub N N 116 
GLU CD  OE2  sing N N 117 
GLU OE2 HE2  sing N N 118 
GLU OXT HXT  sing N N 119 
GLY N   CA   sing N N 120 
GLY N   H    sing N N 121 
GLY N   H2   sing N N 122 
GLY CA  C    sing N N 123 
GLY CA  HA2  sing N N 124 
GLY CA  HA3  sing N N 125 
GLY C   O    doub N N 126 
GLY C   OXT  sing N N 127 
GLY OXT HXT  sing N N 128 
HIS N   CA   sing N N 129 
HIS N   H    sing N N 130 
HIS N   H2   sing N N 131 
HIS CA  C    sing N N 132 
HIS CA  CB   sing N N 133 
HIS CA  HA   sing N N 134 
HIS C   O    doub N N 135 
HIS C   OXT  sing N N 136 
HIS CB  CG   sing N N 137 
HIS CB  HB2  sing N N 138 
HIS CB  HB3  sing N N 139 
HIS CG  ND1  sing Y N 140 
HIS CG  CD2  doub Y N 141 
HIS ND1 CE1  doub Y N 142 
HIS ND1 HD1  sing N N 143 
HIS CD2 NE2  sing Y N 144 
HIS CD2 HD2  sing N N 145 
HIS CE1 NE2  sing Y N 146 
HIS CE1 HE1  sing N N 147 
HIS NE2 HE2  sing N N 148 
HIS OXT HXT  sing N N 149 
HOH O   H1   sing N N 150 
HOH O   H2   sing N N 151 
ILE N   CA   sing N N 152 
ILE N   H    sing N N 153 
ILE N   H2   sing N N 154 
ILE CA  C    sing N N 155 
ILE CA  CB   sing N N 156 
ILE CA  HA   sing N N 157 
ILE C   O    doub N N 158 
ILE C   OXT  sing N N 159 
ILE CB  CG1  sing N N 160 
ILE CB  CG2  sing N N 161 
ILE CB  HB   sing N N 162 
ILE CG1 CD1  sing N N 163 
ILE CG1 HG12 sing N N 164 
ILE CG1 HG13 sing N N 165 
ILE CG2 HG21 sing N N 166 
ILE CG2 HG22 sing N N 167 
ILE CG2 HG23 sing N N 168 
ILE CD1 HD11 sing N N 169 
ILE CD1 HD12 sing N N 170 
ILE CD1 HD13 sing N N 171 
ILE OXT HXT  sing N N 172 
LEU N   CA   sing N N 173 
LEU N   H    sing N N 174 
LEU N   H2   sing N N 175 
LEU CA  C    sing N N 176 
LEU CA  CB   sing N N 177 
LEU CA  HA   sing N N 178 
LEU C   O    doub N N 179 
LEU C   OXT  sing N N 180 
LEU CB  CG   sing N N 181 
LEU CB  HB2  sing N N 182 
LEU CB  HB3  sing N N 183 
LEU CG  CD1  sing N N 184 
LEU CG  CD2  sing N N 185 
LEU CG  HG   sing N N 186 
LEU CD1 HD11 sing N N 187 
LEU CD1 HD12 sing N N 188 
LEU CD1 HD13 sing N N 189 
LEU CD2 HD21 sing N N 190 
LEU CD2 HD22 sing N N 191 
LEU CD2 HD23 sing N N 192 
LEU OXT HXT  sing N N 193 
LYS N   CA   sing N N 194 
LYS N   H    sing N N 195 
LYS N   H2   sing N N 196 
LYS CA  C    sing N N 197 
LYS CA  CB   sing N N 198 
LYS CA  HA   sing N N 199 
LYS C   O    doub N N 200 
LYS C   OXT  sing N N 201 
LYS CB  CG   sing N N 202 
LYS CB  HB2  sing N N 203 
LYS CB  HB3  sing N N 204 
LYS CG  CD   sing N N 205 
LYS CG  HG2  sing N N 206 
LYS CG  HG3  sing N N 207 
LYS CD  CE   sing N N 208 
LYS CD  HD2  sing N N 209 
LYS CD  HD3  sing N N 210 
LYS CE  NZ   sing N N 211 
LYS CE  HE2  sing N N 212 
LYS CE  HE3  sing N N 213 
LYS NZ  HZ1  sing N N 214 
LYS NZ  HZ2  sing N N 215 
LYS NZ  HZ3  sing N N 216 
LYS OXT HXT  sing N N 217 
MET N   CA   sing N N 218 
MET N   H    sing N N 219 
MET N   H2   sing N N 220 
MET CA  C    sing N N 221 
MET CA  CB   sing N N 222 
MET CA  HA   sing N N 223 
MET C   O    doub N N 224 
MET C   OXT  sing N N 225 
MET CB  CG   sing N N 226 
MET CB  HB2  sing N N 227 
MET CB  HB3  sing N N 228 
MET CG  SD   sing N N 229 
MET CG  HG2  sing N N 230 
MET CG  HG3  sing N N 231 
MET SD  CE   sing N N 232 
MET CE  HE1  sing N N 233 
MET CE  HE2  sing N N 234 
MET CE  HE3  sing N N 235 
MET OXT HXT  sing N N 236 
PHE N   CA   sing N N 237 
PHE N   H    sing N N 238 
PHE N   H2   sing N N 239 
PHE CA  C    sing N N 240 
PHE CA  CB   sing N N 241 
PHE CA  HA   sing N N 242 
PHE C   O    doub N N 243 
PHE C   OXT  sing N N 244 
PHE CB  CG   sing N N 245 
PHE CB  HB2  sing N N 246 
PHE CB  HB3  sing N N 247 
PHE CG  CD1  doub Y N 248 
PHE CG  CD2  sing Y N 249 
PHE CD1 CE1  sing Y N 250 
PHE CD1 HD1  sing N N 251 
PHE CD2 CE2  doub Y N 252 
PHE CD2 HD2  sing N N 253 
PHE CE1 CZ   doub Y N 254 
PHE CE1 HE1  sing N N 255 
PHE CE2 CZ   sing Y N 256 
PHE CE2 HE2  sing N N 257 
PHE CZ  HZ   sing N N 258 
PHE OXT HXT  sing N N 259 
PRO N   CA   sing N N 260 
PRO N   CD   sing N N 261 
PRO N   H    sing N N 262 
PRO CA  C    sing N N 263 
PRO CA  CB   sing N N 264 
PRO CA  HA   sing N N 265 
PRO C   O    doub N N 266 
PRO C   OXT  sing N N 267 
PRO CB  CG   sing N N 268 
PRO CB  HB2  sing N N 269 
PRO CB  HB3  sing N N 270 
PRO CG  CD   sing N N 271 
PRO CG  HG2  sing N N 272 
PRO CG  HG3  sing N N 273 
PRO CD  HD2  sing N N 274 
PRO CD  HD3  sing N N 275 
PRO OXT HXT  sing N N 276 
SER N   CA   sing N N 277 
SER N   H    sing N N 278 
SER N   H2   sing N N 279 
SER CA  C    sing N N 280 
SER CA  CB   sing N N 281 
SER CA  HA   sing N N 282 
SER C   O    doub N N 283 
SER C   OXT  sing N N 284 
SER CB  OG   sing N N 285 
SER CB  HB2  sing N N 286 
SER CB  HB3  sing N N 287 
SER OG  HG   sing N N 288 
SER OXT HXT  sing N N 289 
THR N   CA   sing N N 290 
THR N   H    sing N N 291 
THR N   H2   sing N N 292 
THR CA  C    sing N N 293 
THR CA  CB   sing N N 294 
THR CA  HA   sing N N 295 
THR C   O    doub N N 296 
THR C   OXT  sing N N 297 
THR CB  OG1  sing N N 298 
THR CB  CG2  sing N N 299 
THR CB  HB   sing N N 300 
THR OG1 HG1  sing N N 301 
THR CG2 HG21 sing N N 302 
THR CG2 HG22 sing N N 303 
THR CG2 HG23 sing N N 304 
THR OXT HXT  sing N N 305 
TRP N   CA   sing N N 306 
TRP N   H    sing N N 307 
TRP N   H2   sing N N 308 
TRP CA  C    sing N N 309 
TRP CA  CB   sing N N 310 
TRP CA  HA   sing N N 311 
TRP C   O    doub N N 312 
TRP C   OXT  sing N N 313 
TRP CB  CG   sing N N 314 
TRP CB  HB2  sing N N 315 
TRP CB  HB3  sing N N 316 
TRP CG  CD1  doub Y N 317 
TRP CG  CD2  sing Y N 318 
TRP CD1 NE1  sing Y N 319 
TRP CD1 HD1  sing N N 320 
TRP CD2 CE2  doub Y N 321 
TRP CD2 CE3  sing Y N 322 
TRP NE1 CE2  sing Y N 323 
TRP NE1 HE1  sing N N 324 
TRP CE2 CZ2  sing Y N 325 
TRP CE3 CZ3  doub Y N 326 
TRP CE3 HE3  sing N N 327 
TRP CZ2 CH2  doub Y N 328 
TRP CZ2 HZ2  sing N N 329 
TRP CZ3 CH2  sing Y N 330 
TRP CZ3 HZ3  sing N N 331 
TRP CH2 HH2  sing N N 332 
TRP OXT HXT  sing N N 333 
TYR N   CA   sing N N 334 
TYR N   H    sing N N 335 
TYR N   H2   sing N N 336 
TYR CA  C    sing N N 337 
TYR CA  CB   sing N N 338 
TYR CA  HA   sing N N 339 
TYR C   O    doub N N 340 
TYR C   OXT  sing N N 341 
TYR CB  CG   sing N N 342 
TYR CB  HB2  sing N N 343 
TYR CB  HB3  sing N N 344 
TYR CG  CD1  doub Y N 345 
TYR CG  CD2  sing Y N 346 
TYR CD1 CE1  sing Y N 347 
TYR CD1 HD1  sing N N 348 
TYR CD2 CE2  doub Y N 349 
TYR CD2 HD2  sing N N 350 
TYR CE1 CZ   doub Y N 351 
TYR CE1 HE1  sing N N 352 
TYR CE2 CZ   sing Y N 353 
TYR CE2 HE2  sing N N 354 
TYR CZ  OH   sing N N 355 
TYR OH  HH   sing N N 356 
TYR OXT HXT  sing N N 357 
VAL N   CA   sing N N 358 
VAL N   H    sing N N 359 
VAL N   H2   sing N N 360 
VAL CA  C    sing N N 361 
VAL CA  CB   sing N N 362 
VAL CA  HA   sing N N 363 
VAL C   O    doub N N 364 
VAL C   OXT  sing N N 365 
VAL CB  CG1  sing N N 366 
VAL CB  CG2  sing N N 367 
VAL CB  HB   sing N N 368 
VAL CG1 HG11 sing N N 369 
VAL CG1 HG12 sing N N 370 
VAL CG1 HG13 sing N N 371 
VAL CG2 HG21 sing N N 372 
VAL CG2 HG22 sing N N 373 
VAL CG2 HG23 sing N N 374 
VAL OXT HXT  sing N N 375 
# 
_pdbx_entity_nonpoly.entity_id   2 
_pdbx_entity_nonpoly.name        water 
_pdbx_entity_nonpoly.comp_id     HOH 
# 
_pdbx_initial_refinement_model.id               1 
_pdbx_initial_refinement_model.entity_id_list   ? 
_pdbx_initial_refinement_model.type             'experimental model' 
_pdbx_initial_refinement_model.source_name      PDB 
_pdbx_initial_refinement_model.accession_code   1FF3 
_pdbx_initial_refinement_model.details          'PDB ENTRY 1FF3' 
# 
